data_6F9P
#
_entry.id   6F9P
#
_cell.length_a   90.200
_cell.length_b   98.870
_cell.length_c   165.960
_cell.angle_alpha   90.00
_cell.angle_beta   90.00
_cell.angle_gamma   90.00
#
_symmetry.space_group_name_H-M   'P 21 21 21'
#
loop_
_entity.id
_entity.type
_entity.pdbx_description
1 polymer 'L-lysine 4-hydroxylase'
2 non-polymer 'CHLORIDE ION'
3 non-polymer RHENIUM
4 non-polymer 'SULFATE ION'
5 non-polymer GLYCEROL
6 water water
#
_entity_poly.entity_id   1
_entity_poly.type   'polypeptide(L)'
_entity_poly.pdbx_seq_one_letter_code
;MKSQSIMSVERSAETSLTLEIPTSPLIIKITQQERNILSNVGNLLVKAFGNYENPDYIASLHLHAFQLLPERITRILSQF
GSDFSAEQYGAIVFQGLIEVDQDDLGPTPPNWQGADYGKLNKYGFICSLLHGAVPSKPVQYYAQRKGGGLLHAVIPDEKM
AATQTGSGSKTDLFVHTEDAFLSNQADFLSFLYLRNEERVPSTLYSIRSHGKMNPVMKKLFEPIYQCPKDANYNDEDVAN
SGPTASVLYGNRELPFIRFDAAEQIFNENAGQTSEALGNLMDFWDEAKTLINSDYIPNSGDLIFVNNHLCAHGRSAFIAG
QRIENGEIIKCERRQMLRMMSKTSLIHIRSVTRTDDPYFIMEEHLGKIFDLD
;
_entity_poly.pdbx_strand_id   A,B,C,D
#
loop_
_chem_comp.id
_chem_comp.type
_chem_comp.name
_chem_comp.formula
CL non-polymer 'CHLORIDE ION' 'Cl -1'
GOL non-polymer GLYCEROL 'C3 H8 O3'
RE non-polymer RHENIUM Re
SO4 non-polymer 'SULFATE ION' 'O4 S -2'
#
# COMPACT_ATOMS: atom_id res chain seq x y z
N LEU A 17 -33.79 -7.88 17.62
CA LEU A 17 -33.44 -6.46 17.65
C LEU A 17 -34.53 -5.58 16.99
N THR A 18 -35.00 -4.57 17.72
CA THR A 18 -36.01 -3.63 17.22
C THR A 18 -35.32 -2.61 16.29
N LEU A 19 -36.02 -2.17 15.22
CA LEU A 19 -35.48 -1.22 14.25
C LEU A 19 -35.45 0.21 14.79
N GLU A 20 -34.29 0.89 14.60
CA GLU A 20 -34.13 2.29 14.95
C GLU A 20 -34.37 3.10 13.66
N ILE A 21 -35.61 3.56 13.47
CA ILE A 21 -36.11 4.34 12.32
C ILE A 21 -35.33 5.67 12.22
N PRO A 22 -34.66 5.97 11.07
CA PRO A 22 -33.93 7.24 10.95
C PRO A 22 -34.89 8.43 10.75
N THR A 23 -34.76 9.45 11.62
CA THR A 23 -35.62 10.64 11.56
C THR A 23 -34.85 11.89 11.13
N SER A 24 -33.51 11.79 11.12
CA SER A 24 -32.65 12.92 10.76
C SER A 24 -31.40 12.45 10.01
N PRO A 25 -30.72 13.32 9.23
CA PRO A 25 -29.50 12.89 8.54
C PRO A 25 -28.31 12.72 9.47
N LEU A 26 -27.27 12.01 9.00
CA LEU A 26 -26.02 11.85 9.73
C LEU A 26 -25.30 13.20 9.65
N ILE A 27 -24.82 13.70 10.81
CA ILE A 27 -24.07 14.95 10.88
C ILE A 27 -22.62 14.64 11.08
N ILE A 28 -21.77 15.08 10.13
CA ILE A 28 -20.31 14.90 10.20
C ILE A 28 -19.72 16.27 10.40
N LYS A 29 -18.93 16.45 11.46
CA LYS A 29 -18.25 17.72 11.71
C LYS A 29 -16.85 17.62 11.10
N ILE A 30 -16.64 18.29 9.97
CA ILE A 30 -15.34 18.29 9.27
C ILE A 30 -14.33 19.08 10.11
N THR A 31 -13.12 18.54 10.26
CA THR A 31 -12.05 19.15 11.06
C THR A 31 -11.28 20.18 10.22
N GLN A 32 -10.44 20.98 10.88
CA GLN A 32 -9.60 21.96 10.20
C GLN A 32 -8.58 21.27 9.30
N GLN A 33 -7.97 20.17 9.77
CA GLN A 33 -7.00 19.43 8.98
C GLN A 33 -7.64 18.89 7.71
N GLU A 34 -8.87 18.31 7.80
CA GLU A 34 -9.61 17.82 6.64
C GLU A 34 -9.92 18.95 5.67
N ARG A 35 -10.32 20.10 6.19
CA ARG A 35 -10.63 21.31 5.43
C ARG A 35 -9.38 21.81 4.68
N ASN A 36 -8.20 21.77 5.35
CA ASN A 36 -6.89 22.09 4.76
C ASN A 36 -6.50 21.12 3.64
N ILE A 37 -6.72 19.83 3.85
CA ILE A 37 -6.44 18.80 2.85
C ILE A 37 -7.27 19.09 1.59
N LEU A 38 -8.59 19.24 1.75
CA LEU A 38 -9.54 19.52 0.68
C LEU A 38 -9.16 20.77 -0.14
N SER A 39 -8.76 21.82 0.57
CA SER A 39 -8.32 23.06 -0.07
C SER A 39 -7.07 22.87 -0.95
N ASN A 40 -6.01 22.26 -0.42
N ASN A 40 -6.00 22.25 -0.40
CA ASN A 40 -4.78 22.06 -1.18
CA ASN A 40 -4.77 21.98 -1.16
C ASN A 40 -4.94 21.01 -2.32
C ASN A 40 -5.02 21.06 -2.35
N VAL A 41 -5.78 19.98 -2.13
CA VAL A 41 -6.13 18.99 -3.16
C VAL A 41 -6.90 19.69 -4.30
N GLY A 42 -7.85 20.58 -3.91
CA GLY A 42 -8.62 21.39 -4.83
C GLY A 42 -7.70 22.24 -5.68
N ASN A 43 -6.73 22.91 -5.04
CA ASN A 43 -5.76 23.76 -5.73
C ASN A 43 -4.85 22.96 -6.66
N LEU A 44 -4.39 21.78 -6.22
CA LEU A 44 -3.53 20.89 -7.01
C LEU A 44 -4.23 20.41 -8.28
N LEU A 45 -5.54 20.01 -8.17
CA LEU A 45 -6.36 19.56 -9.30
C LEU A 45 -6.57 20.68 -10.30
N VAL A 46 -6.82 21.89 -9.80
CA VAL A 46 -7.00 23.07 -10.66
C VAL A 46 -5.75 23.25 -11.52
N LYS A 47 -4.55 23.22 -10.90
CA LYS A 47 -3.27 23.34 -11.61
C LYS A 47 -3.03 22.19 -12.57
N ALA A 48 -3.31 20.94 -12.15
CA ALA A 48 -3.14 19.74 -12.96
C ALA A 48 -4.07 19.61 -14.15
N PHE A 49 -5.38 19.91 -13.97
CA PHE A 49 -6.40 19.68 -14.99
C PHE A 49 -7.14 20.89 -15.52
N GLY A 50 -6.88 22.07 -14.97
CA GLY A 50 -7.54 23.27 -15.41
C GLY A 50 -8.93 23.43 -14.83
N ASN A 51 -9.85 22.49 -15.16
CA ASN A 51 -11.23 22.51 -14.66
C ASN A 51 -11.77 21.09 -14.47
N TYR A 52 -12.81 20.95 -13.64
CA TYR A 52 -13.43 19.66 -13.26
C TYR A 52 -14.18 18.98 -14.40
N GLU A 53 -14.30 19.64 -15.57
CA GLU A 53 -14.96 19.04 -16.74
C GLU A 53 -13.96 18.47 -17.73
N ASN A 54 -12.64 18.54 -17.36
CA ASN A 54 -11.55 17.99 -18.17
C ASN A 54 -11.75 16.48 -18.34
N PRO A 55 -11.83 16.00 -19.61
CA PRO A 55 -12.09 14.57 -19.85
C PRO A 55 -11.09 13.62 -19.22
N ASP A 56 -9.80 14.05 -19.09
CA ASP A 56 -8.75 13.25 -18.45
C ASP A 56 -9.02 13.11 -16.96
N TYR A 57 -9.57 14.15 -16.33
CA TYR A 57 -9.91 14.15 -14.92
C TYR A 57 -11.11 13.26 -14.67
N ILE A 58 -12.19 13.45 -15.45
CA ILE A 58 -13.42 12.69 -15.34
C ILE A 58 -13.18 11.18 -15.53
N ALA A 59 -12.33 10.82 -16.50
CA ALA A 59 -11.98 9.43 -16.80
C ALA A 59 -11.26 8.76 -15.65
N SER A 60 -10.44 9.50 -14.88
CA SER A 60 -9.72 8.95 -13.74
C SER A 60 -10.28 9.44 -12.39
N LEU A 61 -11.53 9.92 -12.37
CA LEU A 61 -12.20 10.49 -11.20
C LEU A 61 -12.10 9.69 -9.91
N HIS A 62 -12.47 8.41 -9.94
CA HIS A 62 -12.48 7.55 -8.76
C HIS A 62 -11.11 7.31 -8.20
N LEU A 63 -10.07 7.26 -9.09
CA LEU A 63 -8.68 7.19 -8.67
C LEU A 63 -8.32 8.47 -7.90
N HIS A 64 -8.71 9.66 -8.42
CA HIS A 64 -8.46 10.94 -7.75
C HIS A 64 -9.25 11.06 -6.42
N ALA A 65 -10.52 10.58 -6.40
CA ALA A 65 -11.39 10.61 -5.23
C ALA A 65 -10.77 9.82 -4.04
N PHE A 66 -10.42 8.55 -4.26
CA PHE A 66 -9.84 7.71 -3.19
C PHE A 66 -8.41 8.08 -2.84
N GLN A 67 -7.70 8.71 -3.76
CA GLN A 67 -6.33 9.08 -3.46
C GLN A 67 -6.20 10.44 -2.84
N LEU A 68 -7.13 11.36 -3.12
CA LEU A 68 -7.01 12.73 -2.64
C LEU A 68 -7.98 13.15 -1.55
N LEU A 69 -9.07 12.42 -1.29
CA LEU A 69 -9.96 12.90 -0.22
C LEU A 69 -9.44 12.58 1.17
N PRO A 70 -9.73 13.41 2.22
CA PRO A 70 -9.38 12.98 3.60
C PRO A 70 -10.04 11.62 3.81
N GLU A 71 -9.26 10.69 4.31
CA GLU A 71 -9.65 9.29 4.41
C GLU A 71 -10.99 9.03 5.14
N ARG A 72 -11.31 9.82 6.17
CA ARG A 72 -12.57 9.63 6.88
C ARG A 72 -13.78 9.92 5.94
N ILE A 73 -13.66 10.91 5.00
CA ILE A 73 -14.73 11.24 4.04
C ILE A 73 -14.92 10.07 3.05
N THR A 74 -13.81 9.51 2.58
CA THR A 74 -13.76 8.38 1.69
C THR A 74 -14.52 7.17 2.33
N ARG A 75 -14.26 6.88 3.62
CA ARG A 75 -14.90 5.77 4.33
C ARG A 75 -16.40 6.00 4.46
N ILE A 76 -16.80 7.22 4.86
CA ILE A 76 -18.20 7.63 5.03
C ILE A 76 -18.98 7.48 3.72
N LEU A 77 -18.47 8.05 2.63
CA LEU A 77 -19.12 8.03 1.33
C LEU A 77 -19.21 6.64 0.70
N SER A 78 -18.17 5.79 0.87
CA SER A 78 -18.10 4.39 0.40
C SER A 78 -19.17 3.53 1.09
N GLN A 79 -19.29 3.67 2.43
CA GLN A 79 -20.29 2.99 3.27
C GLN A 79 -21.69 3.41 2.79
N PHE A 80 -21.88 4.74 2.60
CA PHE A 80 -23.15 5.35 2.17
C PHE A 80 -23.64 4.89 0.80
N GLY A 81 -22.74 4.80 -0.16
CA GLY A 81 -23.08 4.45 -1.54
C GLY A 81 -23.84 3.16 -1.73
N SER A 82 -23.53 2.16 -0.90
CA SER A 82 -24.14 0.84 -0.97
C SER A 82 -25.11 0.56 0.20
N ASP A 83 -25.47 1.58 1.00
CA ASP A 83 -26.33 1.41 2.15
C ASP A 83 -27.77 1.82 1.85
N PHE A 84 -28.65 0.83 1.68
CA PHE A 84 -30.07 1.05 1.44
C PHE A 84 -30.89 0.36 2.55
N SER A 85 -30.23 0.11 3.69
CA SER A 85 -30.82 -0.58 4.84
C SER A 85 -31.92 0.25 5.51
N ALA A 86 -32.64 -0.38 6.46
CA ALA A 86 -33.71 0.22 7.22
C ALA A 86 -33.24 1.42 8.06
N GLU A 87 -31.98 1.38 8.52
CA GLU A 87 -31.37 2.42 9.36
C GLU A 87 -30.84 3.62 8.58
N GLN A 88 -30.68 3.51 7.26
CA GLN A 88 -30.11 4.58 6.45
C GLN A 88 -31.11 5.70 6.10
N TYR A 89 -30.82 6.93 6.54
CA TYR A 89 -31.66 8.10 6.25
C TYR A 89 -31.57 8.48 4.74
N GLY A 90 -30.38 8.38 4.15
CA GLY A 90 -30.19 8.74 2.75
C GLY A 90 -29.65 10.13 2.53
N ALA A 91 -29.17 10.78 3.61
CA ALA A 91 -28.56 12.11 3.54
C ALA A 91 -27.50 12.22 4.63
N ILE A 92 -26.43 12.97 4.32
CA ILE A 92 -25.32 13.29 5.23
C ILE A 92 -25.12 14.80 5.16
N VAL A 93 -24.96 15.45 6.32
CA VAL A 93 -24.58 16.84 6.43
C VAL A 93 -23.09 16.86 6.78
N PHE A 94 -22.27 17.41 5.88
CA PHE A 94 -20.85 17.60 6.15
C PHE A 94 -20.73 19.06 6.58
N GLN A 95 -20.70 19.29 7.92
CA GLN A 95 -20.59 20.63 8.54
C GLN A 95 -19.19 21.17 8.34
N GLY A 96 -19.10 22.37 7.79
CA GLY A 96 -17.83 23.05 7.53
C GLY A 96 -16.86 22.26 6.66
N LEU A 97 -17.34 21.76 5.53
CA LEU A 97 -16.54 21.04 4.57
C LEU A 97 -15.48 22.00 3.97
N ILE A 98 -15.87 23.26 3.71
CA ILE A 98 -14.98 24.28 3.16
C ILE A 98 -15.09 25.60 3.93
N GLU A 99 -14.07 26.43 3.84
CA GLU A 99 -14.10 27.77 4.41
C GLU A 99 -14.36 28.70 3.25
N VAL A 100 -15.48 29.42 3.29
CA VAL A 100 -15.81 30.34 2.21
C VAL A 100 -15.37 31.74 2.65
N ASP A 101 -14.48 32.37 1.85
CA ASP A 101 -14.09 33.76 2.07
C ASP A 101 -15.17 34.63 1.38
N GLN A 102 -16.10 35.16 2.19
CA GLN A 102 -17.27 35.93 1.70
C GLN A 102 -16.93 37.16 0.86
N ASP A 103 -15.85 37.87 1.20
CA ASP A 103 -15.43 39.07 0.47
C ASP A 103 -14.82 38.72 -0.91
N ASP A 104 -14.06 37.61 -1.01
CA ASP A 104 -13.48 37.14 -2.26
C ASP A 104 -14.61 36.67 -3.17
N LEU A 105 -15.63 36.00 -2.61
CA LEU A 105 -16.82 35.54 -3.32
C LEU A 105 -17.59 36.74 -3.89
N GLY A 106 -17.55 37.87 -3.16
CA GLY A 106 -18.18 39.13 -3.50
C GLY A 106 -19.69 39.04 -3.51
N PRO A 107 -20.39 40.04 -4.08
CA PRO A 107 -21.88 39.96 -4.08
C PRO A 107 -22.44 38.83 -4.96
N THR A 108 -23.59 38.28 -4.56
CA THR A 108 -24.31 37.23 -5.29
C THR A 108 -24.84 37.83 -6.61
N PRO A 109 -24.55 37.18 -7.78
CA PRO A 109 -25.06 37.72 -9.07
C PRO A 109 -26.60 37.78 -9.12
N PRO A 110 -27.22 38.54 -10.06
CA PRO A 110 -28.69 38.58 -10.12
C PRO A 110 -29.36 37.22 -10.32
N ASN A 111 -28.72 36.32 -11.06
CA ASN A 111 -29.21 34.98 -11.35
C ASN A 111 -28.01 34.01 -11.56
N TRP A 112 -28.30 32.71 -11.79
CA TRP A 112 -27.30 31.66 -11.98
C TRP A 112 -26.38 31.89 -13.18
N GLN A 113 -26.88 32.57 -14.22
CA GLN A 113 -26.11 32.86 -15.43
C GLN A 113 -24.90 33.76 -15.19
N GLY A 114 -24.92 34.51 -14.08
CA GLY A 114 -23.85 35.41 -13.69
C GLY A 114 -22.84 34.88 -12.71
N ALA A 115 -22.93 33.60 -12.39
CA ALA A 115 -22.00 32.90 -11.48
C ALA A 115 -20.62 32.81 -12.09
N ASP A 116 -19.58 33.06 -11.29
CA ASP A 116 -18.20 33.04 -11.75
C ASP A 116 -17.60 31.66 -11.55
N TYR A 117 -17.73 30.78 -12.57
CA TYR A 117 -17.24 29.41 -12.48
C TYR A 117 -15.70 29.34 -12.40
N GLY A 118 -15.00 30.45 -12.64
CA GLY A 118 -13.56 30.54 -12.48
C GLY A 118 -13.24 30.55 -11.00
N LYS A 119 -14.10 31.19 -10.23
CA LYS A 119 -14.02 31.30 -8.78
C LYS A 119 -14.55 30.02 -8.14
N LEU A 120 -15.49 29.30 -8.78
CA LEU A 120 -16.09 28.08 -8.23
C LEU A 120 -15.38 26.79 -8.69
N ASN A 121 -14.38 26.90 -9.57
CA ASN A 121 -13.62 25.80 -10.16
C ASN A 121 -13.12 24.78 -9.13
N LYS A 122 -12.49 25.27 -8.08
CA LYS A 122 -11.96 24.48 -6.98
C LYS A 122 -13.13 23.74 -6.26
N TYR A 123 -14.28 24.42 -6.08
CA TYR A 123 -15.45 23.82 -5.44
C TYR A 123 -16.02 22.68 -6.28
N GLY A 124 -16.00 22.84 -7.60
CA GLY A 124 -16.40 21.80 -8.55
C GLY A 124 -15.54 20.55 -8.45
N PHE A 125 -14.22 20.74 -8.27
CA PHE A 125 -13.29 19.63 -8.04
C PHE A 125 -13.65 18.91 -6.74
N ILE A 126 -13.80 19.65 -5.65
CA ILE A 126 -14.13 19.08 -4.34
C ILE A 126 -15.41 18.27 -4.41
N CYS A 127 -16.48 18.85 -5.00
CA CYS A 127 -17.78 18.18 -5.13
C CYS A 127 -17.71 16.91 -5.98
N SER A 128 -17.00 16.95 -7.13
CA SER A 128 -16.82 15.78 -7.98
C SER A 128 -16.07 14.65 -7.30
N LEU A 129 -15.06 14.98 -6.45
CA LEU A 129 -14.35 13.95 -5.67
C LEU A 129 -15.31 13.28 -4.69
N LEU A 130 -16.20 14.04 -4.03
CA LEU A 130 -17.17 13.45 -3.10
C LEU A 130 -18.06 12.43 -3.82
N HIS A 131 -18.58 12.79 -5.00
CA HIS A 131 -19.39 11.90 -5.84
C HIS A 131 -18.53 10.69 -6.28
N GLY A 132 -17.28 10.96 -6.69
CA GLY A 132 -16.33 9.95 -7.12
C GLY A 132 -16.05 8.88 -6.09
N ALA A 133 -16.14 9.22 -4.78
CA ALA A 133 -15.88 8.29 -3.67
C ALA A 133 -17.09 7.38 -3.31
N VAL A 134 -18.27 7.66 -3.86
CA VAL A 134 -19.50 6.90 -3.57
C VAL A 134 -19.35 5.40 -3.96
N PRO A 135 -18.87 4.98 -5.16
CA PRO A 135 -18.47 5.76 -6.35
C PRO A 135 -19.66 6.10 -7.22
N SER A 136 -19.63 7.27 -7.83
CA SER A 136 -20.70 7.76 -8.68
C SER A 136 -20.09 8.77 -9.64
N LYS A 137 -20.67 8.94 -10.81
CA LYS A 137 -20.13 9.81 -11.85
C LYS A 137 -20.96 11.05 -12.09
N PRO A 138 -20.39 12.27 -11.91
CA PRO A 138 -21.16 13.49 -12.19
C PRO A 138 -21.68 13.49 -13.62
N VAL A 139 -22.92 13.95 -13.80
CA VAL A 139 -23.59 13.99 -15.09
C VAL A 139 -24.29 15.34 -15.20
N GLN A 140 -24.78 15.64 -16.40
CA GLN A 140 -25.61 16.84 -16.62
C GLN A 140 -26.81 16.42 -17.45
N TYR A 141 -27.91 17.15 -17.31
CA TYR A 141 -29.20 16.90 -17.94
C TYR A 141 -29.59 18.02 -18.84
N TYR A 142 -30.05 17.70 -20.07
CA TYR A 142 -30.56 18.70 -20.97
C TYR A 142 -31.82 19.36 -20.36
N ALA A 143 -32.59 18.56 -19.55
CA ALA A 143 -33.81 18.98 -18.84
C ALA A 143 -33.52 20.09 -17.83
N GLN A 144 -32.26 20.25 -17.42
CA GLN A 144 -31.84 21.29 -16.48
C GLN A 144 -30.84 22.24 -17.12
N ARG A 145 -31.31 23.42 -17.55
CA ARG A 145 -30.51 24.50 -18.15
C ARG A 145 -29.77 24.08 -19.42
N LYS A 146 -30.36 23.14 -20.20
CA LYS A 146 -29.78 22.60 -21.44
C LYS A 146 -28.38 22.04 -21.12
N GLY A 147 -28.33 21.36 -19.98
CA GLY A 147 -27.13 20.79 -19.41
C GLY A 147 -26.58 21.69 -18.33
N GLY A 148 -26.07 22.85 -18.76
CA GLY A 148 -25.52 23.86 -17.84
C GLY A 148 -24.27 23.47 -17.06
N GLY A 149 -23.58 22.41 -17.49
CA GLY A 149 -22.36 21.93 -16.84
C GLY A 149 -22.61 21.00 -15.66
N LEU A 150 -21.53 20.41 -15.12
CA LEU A 150 -21.61 19.45 -14.00
C LEU A 150 -21.93 20.11 -12.66
N LEU A 151 -21.66 21.40 -12.54
CA LEU A 151 -21.88 22.18 -11.33
C LEU A 151 -22.80 23.35 -11.60
N HIS A 152 -23.91 23.41 -10.85
CA HIS A 152 -24.89 24.47 -11.00
C HIS A 152 -24.90 25.39 -9.81
N ALA A 153 -24.85 26.70 -10.07
CA ALA A 153 -25.01 27.70 -9.02
C ALA A 153 -26.54 27.89 -8.88
N VAL A 154 -27.06 27.73 -7.67
CA VAL A 154 -28.48 27.90 -7.33
C VAL A 154 -28.60 29.24 -6.60
N ILE A 155 -29.18 30.22 -7.29
CA ILE A 155 -29.27 31.61 -6.81
C ILE A 155 -30.71 32.14 -6.90
N PRO A 156 -31.25 32.85 -5.86
CA PRO A 156 -32.60 33.43 -5.99
C PRO A 156 -32.61 34.58 -7.00
N ASP A 157 -33.35 34.40 -8.09
CA ASP A 157 -33.53 35.40 -9.15
C ASP A 157 -34.81 36.15 -8.80
N GLU A 158 -34.72 37.48 -8.66
CA GLU A 158 -35.89 38.32 -8.34
C GLU A 158 -37.08 38.14 -9.33
N LYS A 159 -36.78 37.92 -10.64
CA LYS A 159 -37.77 37.68 -11.70
C LYS A 159 -38.50 36.33 -11.51
N MET A 160 -37.87 35.38 -10.79
CA MET A 160 -38.39 34.03 -10.53
C MET A 160 -38.69 33.80 -9.05
N ALA A 161 -38.85 34.87 -8.25
CA ALA A 161 -39.10 34.80 -6.80
C ALA A 161 -40.25 33.86 -6.38
N ALA A 162 -41.41 33.94 -7.10
CA ALA A 162 -42.60 33.15 -6.80
C ALA A 162 -42.69 31.78 -7.51
N THR A 163 -41.60 31.33 -8.15
CA THR A 163 -41.55 30.06 -8.87
C THR A 163 -41.09 28.88 -8.01
N GLN A 164 -41.55 27.67 -8.38
CA GLN A 164 -41.23 26.41 -7.73
C GLN A 164 -39.96 25.80 -8.39
N THR A 165 -38.86 26.56 -8.33
CA THR A 165 -37.53 26.24 -8.88
C THR A 165 -36.44 26.67 -7.88
N GLY A 166 -35.18 26.36 -8.19
CA GLY A 166 -34.02 26.75 -7.41
C GLY A 166 -33.76 28.25 -7.47
N SER A 167 -34.25 28.91 -8.55
CA SER A 167 -34.18 30.36 -8.76
C SER A 167 -35.30 31.12 -7.97
N GLY A 168 -36.12 30.36 -7.24
CA GLY A 168 -37.21 30.86 -6.38
C GLY A 168 -36.76 31.22 -4.97
N SER A 169 -37.65 31.90 -4.22
CA SER A 169 -37.40 32.35 -2.85
C SER A 169 -38.66 32.50 -1.98
N LYS A 170 -39.56 33.46 -2.34
CA LYS A 170 -40.79 33.87 -1.64
C LYS A 170 -41.77 32.71 -1.33
N THR A 171 -41.69 31.63 -2.13
CA THR A 171 -42.56 30.46 -1.95
C THR A 171 -41.79 29.24 -1.44
N ASP A 172 -42.49 28.42 -0.62
CA ASP A 172 -41.98 27.16 -0.09
C ASP A 172 -41.65 26.22 -1.26
N LEU A 173 -40.47 25.63 -1.23
CA LEU A 173 -40.06 24.63 -2.22
C LEU A 173 -40.37 23.30 -1.55
N PHE A 174 -41.54 22.72 -1.88
CA PHE A 174 -42.07 21.46 -1.31
C PHE A 174 -41.07 20.34 -1.51
N VAL A 175 -41.04 19.37 -0.58
CA VAL A 175 -40.09 18.26 -0.73
C VAL A 175 -40.33 17.49 -2.05
N HIS A 176 -39.21 17.18 -2.70
CA HIS A 176 -39.16 16.44 -3.93
C HIS A 176 -37.79 15.75 -4.06
N THR A 177 -37.78 14.64 -4.77
CA THR A 177 -36.57 13.97 -5.21
C THR A 177 -36.27 14.71 -6.55
N GLU A 178 -35.00 14.89 -6.89
CA GLU A 178 -34.63 15.60 -8.12
C GLU A 178 -35.08 14.81 -9.37
N ASP A 179 -35.69 15.54 -10.33
CA ASP A 179 -36.17 15.07 -11.63
C ASP A 179 -37.03 13.77 -11.53
N ALA A 180 -38.15 13.84 -10.76
CA ALA A 180 -39.08 12.72 -10.60
C ALA A 180 -39.74 12.30 -11.96
N PHE A 181 -39.74 13.23 -12.94
CA PHE A 181 -40.25 13.03 -14.30
C PHE A 181 -39.28 12.26 -15.22
N LEU A 182 -38.05 12.00 -14.78
CA LEU A 182 -37.05 11.25 -15.58
C LEU A 182 -36.86 9.84 -15.04
N SER A 183 -36.77 8.84 -15.93
CA SER A 183 -36.50 7.44 -15.56
C SER A 183 -35.04 7.32 -15.12
N ASN A 184 -34.16 8.23 -15.62
CA ASN A 184 -32.73 8.26 -15.29
C ASN A 184 -32.35 9.46 -14.46
N GLN A 185 -33.17 9.78 -13.43
CA GLN A 185 -32.94 10.86 -12.48
C GLN A 185 -31.62 10.61 -11.75
N ALA A 186 -31.01 11.66 -11.17
CA ALA A 186 -29.73 11.53 -10.45
C ALA A 186 -29.82 10.45 -9.37
N ASP A 187 -28.72 9.76 -9.13
CA ASP A 187 -28.62 8.76 -8.07
C ASP A 187 -28.24 9.48 -6.79
N PHE A 188 -27.28 10.43 -6.91
CA PHE A 188 -26.72 11.18 -5.80
C PHE A 188 -26.68 12.66 -6.11
N LEU A 189 -26.89 13.46 -5.07
CA LEU A 189 -26.87 14.92 -5.15
C LEU A 189 -26.01 15.47 -4.06
N SER A 190 -25.37 16.59 -4.34
CA SER A 190 -24.62 17.36 -3.36
C SER A 190 -25.09 18.82 -3.46
N PHE A 191 -25.32 19.43 -2.30
CA PHE A 191 -25.71 20.84 -2.18
C PHE A 191 -24.67 21.50 -1.30
N LEU A 192 -23.81 22.32 -1.91
CA LEU A 192 -22.77 23.04 -1.18
C LEU A 192 -23.23 24.46 -0.95
N TYR A 193 -23.38 24.85 0.32
CA TYR A 193 -23.82 26.20 0.68
C TYR A 193 -22.69 27.16 0.77
N LEU A 194 -22.69 28.16 -0.10
CA LEU A 194 -21.67 29.21 -0.10
C LEU A 194 -22.09 30.32 0.85
N ARG A 195 -23.39 30.58 0.92
CA ARG A 195 -24.01 31.55 1.83
C ARG A 195 -25.49 31.30 2.00
N ASN A 196 -25.92 31.44 3.24
CA ASN A 196 -27.27 31.24 3.71
C ASN A 196 -27.48 32.24 4.87
N GLU A 197 -27.29 33.52 4.54
CA GLU A 197 -27.40 34.61 5.49
C GLU A 197 -28.86 34.89 5.88
N GLU A 198 -29.84 34.44 5.05
CA GLU A 198 -31.28 34.54 5.34
C GLU A 198 -31.67 33.47 6.40
N ARG A 199 -30.75 32.54 6.70
CA ARG A 199 -30.90 31.42 7.65
C ARG A 199 -32.08 30.53 7.28
N VAL A 200 -32.19 30.23 5.98
CA VAL A 200 -33.19 29.35 5.38
C VAL A 200 -32.91 27.91 5.84
N PRO A 201 -33.91 27.23 6.44
CA PRO A 201 -33.69 25.83 6.81
C PRO A 201 -33.68 24.91 5.59
N SER A 202 -32.87 23.87 5.68
CA SER A 202 -32.84 22.84 4.65
C SER A 202 -33.91 21.85 5.08
N THR A 203 -34.76 21.43 4.14
CA THR A 203 -35.77 20.47 4.52
C THR A 203 -35.46 19.16 3.81
N LEU A 204 -35.51 18.08 4.57
CA LEU A 204 -35.22 16.74 4.05
C LEU A 204 -36.33 15.79 4.46
N TYR A 205 -36.61 14.81 3.61
CA TYR A 205 -37.62 13.80 3.89
C TYR A 205 -37.13 12.45 3.39
N SER A 206 -37.04 11.47 4.28
CA SER A 206 -36.58 10.14 3.93
C SER A 206 -37.72 9.13 3.92
N ILE A 207 -37.78 8.27 2.87
CA ILE A 207 -38.76 7.19 2.79
C ILE A 207 -38.54 6.17 3.99
N ARG A 208 -37.29 6.14 4.52
CA ARG A 208 -36.93 5.29 5.64
C ARG A 208 -37.51 5.76 6.97
N SER A 209 -37.92 7.05 7.06
CA SER A 209 -38.54 7.63 8.26
C SER A 209 -39.93 7.01 8.54
N HIS A 210 -40.53 6.33 7.55
CA HIS A 210 -41.80 5.65 7.66
C HIS A 210 -41.71 4.34 8.44
N GLY A 211 -40.52 3.74 8.47
CA GLY A 211 -40.27 2.44 9.08
C GLY A 211 -40.78 1.33 8.16
N LYS A 212 -41.36 0.30 8.77
CA LYS A 212 -41.93 -0.87 8.12
C LYS A 212 -42.97 -0.51 7.04
N MET A 213 -42.96 -1.29 5.94
CA MET A 213 -43.90 -1.15 4.83
C MET A 213 -45.34 -1.26 5.35
N ASN A 214 -46.18 -0.27 4.98
CA ASN A 214 -47.56 -0.19 5.44
C ASN A 214 -48.54 -0.09 4.24
N PRO A 215 -49.89 -0.18 4.47
CA PRO A 215 -50.83 -0.16 3.32
C PRO A 215 -50.80 1.11 2.45
N VAL A 216 -50.47 2.25 3.08
CA VAL A 216 -50.44 3.54 2.38
C VAL A 216 -49.30 3.52 1.39
N MET A 217 -48.13 3.05 1.85
CA MET A 217 -46.91 2.92 1.02
C MET A 217 -47.06 1.88 -0.09
N LYS A 218 -47.69 0.72 0.20
CA LYS A 218 -47.86 -0.37 -0.80
C LYS A 218 -48.53 0.07 -2.10
N LYS A 219 -49.54 0.93 -2.03
CA LYS A 219 -50.27 1.47 -3.20
C LYS A 219 -49.36 2.28 -4.13
N LEU A 220 -48.23 2.80 -3.60
CA LEU A 220 -47.29 3.60 -4.37
C LEU A 220 -46.41 2.80 -5.33
N PHE A 221 -46.40 1.46 -5.20
CA PHE A 221 -45.65 0.56 -6.10
C PHE A 221 -46.39 0.40 -7.44
N GLU A 222 -47.69 0.77 -7.50
CA GLU A 222 -48.52 0.67 -8.71
C GLU A 222 -48.06 1.72 -9.73
N PRO A 223 -47.79 1.33 -11.02
CA PRO A 223 -47.30 2.33 -11.98
C PRO A 223 -48.42 3.18 -12.57
N ILE A 224 -49.20 3.84 -11.70
CA ILE A 224 -50.42 4.59 -12.04
C ILE A 224 -50.30 6.11 -11.81
N TYR A 225 -49.10 6.59 -11.45
CA TYR A 225 -48.90 8.00 -11.10
C TYR A 225 -48.29 8.85 -12.20
N GLN A 226 -48.85 10.05 -12.38
CA GLN A 226 -48.31 11.03 -13.30
C GLN A 226 -47.06 11.65 -12.64
N CYS A 227 -45.98 11.80 -13.40
CA CYS A 227 -44.76 12.45 -12.94
C CYS A 227 -44.58 13.61 -13.93
N PRO A 228 -45.32 14.74 -13.78
CA PRO A 228 -45.21 15.80 -14.80
C PRO A 228 -43.84 16.45 -14.95
N LYS A 229 -43.40 16.62 -16.21
CA LYS A 229 -42.17 17.34 -16.54
C LYS A 229 -42.55 18.81 -16.37
N ASP A 230 -41.60 19.71 -16.10
CA ASP A 230 -42.01 21.11 -15.90
C ASP A 230 -42.22 21.93 -17.21
N ALA A 231 -41.16 22.14 -18.04
CA ALA A 231 -41.26 22.88 -19.30
C ALA A 231 -41.83 22.02 -20.43
N SER A 241 -51.78 12.39 -23.84
CA SER A 241 -51.77 11.76 -22.52
C SER A 241 -50.35 11.28 -22.16
N GLY A 242 -49.92 11.59 -20.95
CA GLY A 242 -48.58 11.26 -20.49
C GLY A 242 -48.38 9.90 -19.88
N PRO A 243 -47.13 9.36 -19.93
CA PRO A 243 -46.86 8.05 -19.29
C PRO A 243 -46.86 8.15 -17.76
N THR A 244 -47.25 7.07 -17.10
CA THR A 244 -47.30 6.98 -15.65
C THR A 244 -46.16 6.12 -15.11
N ALA A 245 -45.80 6.31 -13.83
CA ALA A 245 -44.76 5.53 -13.16
C ALA A 245 -45.16 5.22 -11.72
N SER A 246 -44.36 4.40 -11.06
CA SER A 246 -44.51 4.03 -9.64
C SER A 246 -43.83 5.10 -8.78
N VAL A 247 -44.41 5.41 -7.63
CA VAL A 247 -43.77 6.37 -6.72
C VAL A 247 -42.71 5.61 -5.93
N LEU A 248 -43.01 4.37 -5.53
CA LEU A 248 -42.09 3.47 -4.84
C LEU A 248 -41.64 2.37 -5.80
N TYR A 249 -40.37 1.99 -5.72
CA TYR A 249 -39.80 0.94 -6.58
C TYR A 249 -38.60 0.33 -5.86
N GLY A 250 -37.88 -0.57 -6.52
CA GLY A 250 -36.73 -1.24 -5.93
C GLY A 250 -37.22 -2.37 -5.04
N ASN A 251 -36.63 -2.50 -3.86
CA ASN A 251 -37.01 -3.58 -2.96
C ASN A 251 -38.39 -3.32 -2.36
N ARG A 252 -39.23 -4.37 -2.32
CA ARG A 252 -40.60 -4.32 -1.81
C ARG A 252 -40.71 -3.98 -0.33
N GLU A 253 -39.72 -4.36 0.49
CA GLU A 253 -39.69 -4.08 1.93
C GLU A 253 -39.00 -2.77 2.27
N LEU A 254 -37.89 -2.44 1.57
CA LEU A 254 -37.04 -1.24 1.77
C LEU A 254 -36.92 -0.52 0.41
N PRO A 255 -37.98 0.21 0.03
CA PRO A 255 -38.01 0.78 -1.33
C PRO A 255 -37.23 2.05 -1.58
N PHE A 256 -37.17 2.42 -2.86
CA PHE A 256 -36.66 3.68 -3.37
C PHE A 256 -37.89 4.52 -3.75
N ILE A 257 -37.72 5.83 -3.84
CA ILE A 257 -38.79 6.79 -4.10
C ILE A 257 -38.47 7.80 -5.21
N ARG A 258 -39.49 8.13 -6.01
CA ARG A 258 -39.50 9.25 -6.96
C ARG A 258 -40.78 10.03 -6.60
N PHE A 259 -40.62 11.25 -6.10
CA PHE A 259 -41.74 12.01 -5.59
C PHE A 259 -41.53 13.52 -5.68
N ASP A 260 -42.59 14.23 -6.09
CA ASP A 260 -42.60 15.69 -6.16
C ASP A 260 -43.98 16.15 -5.74
N ALA A 261 -44.12 16.55 -4.48
CA ALA A 261 -45.41 17.01 -3.91
C ALA A 261 -46.09 18.14 -4.71
N ALA A 262 -45.32 19.18 -5.06
CA ALA A 262 -45.83 20.32 -5.83
C ALA A 262 -46.28 19.92 -7.25
N GLU A 263 -45.48 19.08 -7.92
CA GLU A 263 -45.75 18.67 -9.30
C GLU A 263 -46.76 17.54 -9.45
N GLN A 264 -46.77 16.58 -8.53
CA GLN A 264 -47.71 15.44 -8.59
C GLN A 264 -49.01 15.63 -7.82
N ILE A 265 -49.01 16.44 -6.76
CA ILE A 265 -50.22 16.61 -5.93
C ILE A 265 -50.83 18.02 -6.05
N PHE A 266 -50.07 19.05 -5.65
CA PHE A 266 -50.54 20.44 -5.62
C PHE A 266 -50.33 21.14 -6.96
N ASN A 267 -50.93 20.58 -8.01
CA ASN A 267 -50.85 21.03 -9.38
C ASN A 267 -52.13 20.58 -10.05
N GLU A 268 -53.00 21.55 -10.40
CA GLU A 268 -54.29 21.31 -11.02
C GLU A 268 -54.15 20.58 -12.36
N ASN A 269 -53.07 20.88 -13.10
CA ASN A 269 -52.76 20.29 -14.40
C ASN A 269 -51.95 19.01 -14.32
N ALA A 270 -51.82 18.37 -13.11
CA ALA A 270 -51.07 17.11 -12.95
C ALA A 270 -51.71 15.95 -13.72
N GLY A 271 -53.03 15.98 -13.86
CA GLY A 271 -53.78 14.98 -14.60
C GLY A 271 -53.85 13.62 -13.93
N GLN A 272 -53.86 13.59 -12.60
CA GLN A 272 -53.90 12.34 -11.84
C GLN A 272 -55.28 11.76 -11.88
N THR A 273 -55.36 10.45 -11.87
CA THR A 273 -56.60 9.71 -11.80
C THR A 273 -57.14 9.96 -10.36
N SER A 274 -58.42 9.73 -10.15
CA SER A 274 -59.03 9.88 -8.84
C SER A 274 -58.35 8.97 -7.80
N GLU A 275 -58.09 7.71 -8.21
CA GLU A 275 -57.44 6.70 -7.40
C GLU A 275 -56.01 7.11 -7.06
N ALA A 276 -55.22 7.56 -8.07
CA ALA A 276 -53.83 7.96 -7.91
C ALA A 276 -53.70 9.15 -6.98
N LEU A 277 -54.55 10.19 -7.18
CA LEU A 277 -54.55 11.38 -6.35
C LEU A 277 -54.86 11.03 -4.88
N GLY A 278 -55.87 10.18 -4.66
CA GLY A 278 -56.23 9.72 -3.33
C GLY A 278 -55.05 9.03 -2.64
N ASN A 279 -54.33 8.14 -3.38
CA ASN A 279 -53.18 7.42 -2.85
C ASN A 279 -52.04 8.35 -2.48
N LEU A 280 -51.78 9.36 -3.33
CA LEU A 280 -50.75 10.37 -3.15
C LEU A 280 -51.09 11.26 -1.96
N MET A 281 -52.39 11.64 -1.81
CA MET A 281 -52.86 12.46 -0.71
C MET A 281 -52.63 11.72 0.61
N ASP A 282 -53.00 10.44 0.66
CA ASP A 282 -52.86 9.59 1.85
C ASP A 282 -51.42 9.45 2.23
N PHE A 283 -50.54 9.32 1.21
CA PHE A 283 -49.09 9.24 1.39
C PHE A 283 -48.53 10.55 1.95
N TRP A 284 -48.90 11.68 1.30
CA TRP A 284 -48.50 13.02 1.72
C TRP A 284 -48.89 13.34 3.17
N ASP A 285 -50.08 12.91 3.60
CA ASP A 285 -50.54 13.11 4.98
C ASP A 285 -49.59 12.44 6.00
N GLU A 286 -49.12 11.24 5.68
CA GLU A 286 -48.20 10.44 6.49
C GLU A 286 -46.79 11.03 6.38
N ALA A 287 -46.33 11.34 5.16
CA ALA A 287 -44.99 11.86 4.86
C ALA A 287 -44.70 13.24 5.45
N LYS A 288 -45.68 14.19 5.40
CA LYS A 288 -45.46 15.56 5.85
C LYS A 288 -45.08 15.67 7.37
N THR A 289 -45.54 14.71 8.20
CA THR A 289 -45.25 14.64 9.63
C THR A 289 -43.80 14.18 9.89
N LEU A 290 -43.14 13.62 8.87
CA LEU A 290 -41.78 13.09 8.94
C LEU A 290 -40.71 14.02 8.33
N ILE A 291 -41.14 15.13 7.69
CA ILE A 291 -40.23 16.12 7.08
C ILE A 291 -39.37 16.74 8.20
N ASN A 292 -38.06 16.81 7.95
CA ASN A 292 -37.09 17.36 8.89
C ASN A 292 -36.53 18.68 8.36
N SER A 293 -36.87 19.78 9.05
CA SER A 293 -36.45 21.15 8.75
C SER A 293 -35.57 21.73 9.88
N ASP A 294 -35.00 20.87 10.74
CA ASP A 294 -34.17 21.27 11.88
C ASP A 294 -32.83 21.89 11.47
N TYR A 295 -32.23 21.40 10.39
CA TYR A 295 -30.93 21.90 9.98
C TYR A 295 -30.97 23.19 9.17
N ILE A 296 -30.24 24.20 9.67
CA ILE A 296 -30.05 25.48 9.00
C ILE A 296 -28.59 25.51 8.51
N PRO A 297 -28.34 25.30 7.20
CA PRO A 297 -26.95 25.28 6.73
C PRO A 297 -26.20 26.60 6.91
N ASN A 298 -24.92 26.47 7.25
CA ASN A 298 -24.01 27.59 7.33
C ASN A 298 -23.13 27.56 6.10
N SER A 299 -22.49 28.67 5.82
CA SER A 299 -21.52 28.84 4.77
C SER A 299 -20.43 27.75 4.91
N GLY A 300 -20.24 26.95 3.87
CA GLY A 300 -19.25 25.90 3.89
C GLY A 300 -19.78 24.50 4.19
N ASP A 301 -21.09 24.39 4.50
CA ASP A 301 -21.70 23.08 4.73
C ASP A 301 -22.09 22.46 3.40
N LEU A 302 -22.04 21.12 3.35
CA LEU A 302 -22.45 20.38 2.18
C LEU A 302 -23.45 19.29 2.60
N ILE A 303 -24.58 19.22 1.92
CA ILE A 303 -25.56 18.14 2.15
C ILE A 303 -25.45 17.18 0.98
N PHE A 304 -25.13 15.90 1.30
CA PHE A 304 -24.95 14.81 0.36
C PHE A 304 -26.17 13.87 0.47
N VAL A 305 -26.85 13.65 -0.64
CA VAL A 305 -28.14 12.95 -0.69
C VAL A 305 -28.17 11.77 -1.65
N ASN A 306 -28.79 10.65 -1.21
CA ASN A 306 -29.13 9.52 -2.04
C ASN A 306 -30.53 9.90 -2.56
N ASN A 307 -30.59 10.33 -3.84
CA ASN A 307 -31.81 10.80 -4.48
C ASN A 307 -32.94 9.71 -4.66
N HIS A 308 -32.64 8.47 -4.28
CA HIS A 308 -33.59 7.36 -4.34
C HIS A 308 -34.16 7.11 -2.94
N LEU A 309 -33.59 7.74 -1.91
CA LEU A 309 -34.06 7.55 -0.52
C LEU A 309 -34.62 8.81 0.12
N CYS A 310 -34.07 9.97 -0.25
CA CYS A 310 -34.32 11.19 0.44
C CYS A 310 -34.70 12.33 -0.49
N ALA A 311 -35.85 12.97 -0.22
CA ALA A 311 -36.35 14.15 -0.91
C ALA A 311 -35.83 15.38 -0.19
N HIS A 312 -35.77 16.48 -0.91
CA HIS A 312 -35.28 17.74 -0.38
C HIS A 312 -36.24 18.87 -0.73
N GLY A 313 -36.17 19.93 0.05
CA GLY A 313 -36.98 21.12 -0.12
C GLY A 313 -36.33 22.30 0.56
N ARG A 314 -36.99 23.44 0.50
CA ARG A 314 -36.45 24.65 1.11
C ARG A 314 -37.65 25.53 1.52
N SER A 315 -37.65 26.06 2.77
CA SER A 315 -38.70 26.94 3.27
C SER A 315 -38.70 28.26 2.49
N ALA A 316 -39.81 29.00 2.55
CA ALA A 316 -39.95 30.31 1.92
C ALA A 316 -39.04 31.30 2.64
N PHE A 317 -38.52 32.27 1.89
CA PHE A 317 -37.65 33.33 2.41
C PHE A 317 -37.64 34.53 1.48
N ILE A 318 -37.29 35.69 2.01
CA ILE A 318 -37.13 36.87 1.18
C ILE A 318 -35.61 36.94 1.01
N ALA A 319 -35.15 36.80 -0.25
CA ALA A 319 -33.73 36.84 -0.60
C ALA A 319 -33.10 38.15 -0.18
N GLY A 320 -31.93 38.08 0.40
CA GLY A 320 -31.20 39.26 0.85
C GLY A 320 -31.61 39.85 2.18
N GLN A 321 -32.35 39.09 3.02
CA GLN A 321 -32.74 39.55 4.36
C GLN A 321 -33.09 38.42 5.35
N ARG A 322 -32.96 38.74 6.66
CA ARG A 322 -33.37 37.90 7.80
C ARG A 322 -34.00 38.81 8.87
N ILE A 323 -34.81 38.25 9.78
CA ILE A 323 -35.45 39.03 10.85
C ILE A 323 -34.93 38.53 12.19
N GLU A 324 -34.41 39.45 13.00
CA GLU A 324 -33.89 39.17 14.34
C GLU A 324 -34.33 40.29 15.26
N ASN A 325 -35.01 39.93 16.36
CA ASN A 325 -35.54 40.86 17.35
C ASN A 325 -36.59 41.79 16.71
N GLY A 326 -37.38 41.25 15.77
CA GLY A 326 -38.42 42.02 15.07
C GLY A 326 -37.88 43.11 14.16
N GLU A 327 -36.62 43.00 13.75
CA GLU A 327 -35.93 43.94 12.89
C GLU A 327 -35.44 43.25 11.62
N ILE A 328 -35.44 43.95 10.48
CA ILE A 328 -34.95 43.39 9.21
C ILE A 328 -33.47 43.67 9.10
N ILE A 329 -32.71 42.61 8.89
CA ILE A 329 -31.26 42.67 8.66
C ILE A 329 -31.06 42.33 7.18
N LYS A 330 -30.60 43.30 6.39
CA LYS A 330 -30.30 43.15 4.98
C LYS A 330 -29.00 42.36 4.89
N CYS A 331 -28.91 41.45 3.94
CA CYS A 331 -27.73 40.56 3.80
C CYS A 331 -27.52 40.16 2.36
N GLU A 332 -26.36 39.54 2.08
CA GLU A 332 -26.09 39.03 0.75
C GLU A 332 -27.02 37.85 0.47
N ARG A 333 -27.50 37.78 -0.77
CA ARG A 333 -28.44 36.74 -1.20
C ARG A 333 -27.86 35.31 -1.21
N ARG A 334 -28.73 34.31 -0.93
CA ARG A 334 -28.43 32.88 -0.85
C ARG A 334 -27.71 32.34 -2.07
N GLN A 335 -26.67 31.53 -1.85
CA GLN A 335 -25.87 30.97 -2.92
C GLN A 335 -25.45 29.54 -2.57
N MET A 336 -25.88 28.58 -3.37
CA MET A 336 -25.63 27.17 -3.19
C MET A 336 -25.19 26.55 -4.51
N LEU A 337 -24.33 25.52 -4.46
CA LEU A 337 -23.83 24.79 -5.64
C LEU A 337 -24.36 23.36 -5.65
N ARG A 338 -25.02 22.97 -6.77
CA ARG A 338 -25.60 21.65 -6.96
C ARG A 338 -24.83 20.79 -8.02
N MET A 339 -24.55 19.54 -7.66
CA MET A 339 -23.92 18.57 -8.51
C MET A 339 -24.71 17.26 -8.39
N MET A 340 -24.96 16.63 -9.53
CA MET A 340 -25.71 15.38 -9.68
C MET A 340 -24.84 14.29 -10.31
N SER A 341 -25.02 13.06 -9.84
CA SER A 341 -24.26 11.93 -10.36
C SER A 341 -25.08 10.65 -10.57
N LYS A 342 -24.53 9.75 -11.41
CA LYS A 342 -25.10 8.45 -11.74
C LYS A 342 -24.03 7.40 -11.51
N THR A 343 -24.40 6.29 -10.85
CA THR A 343 -23.47 5.20 -10.51
C THR A 343 -23.10 4.34 -11.71
N SER A 344 -23.89 4.40 -12.78
CA SER A 344 -23.64 3.62 -13.98
C SER A 344 -23.84 4.41 -15.28
N LEU A 345 -22.78 4.52 -16.08
CA LEU A 345 -22.86 5.13 -17.42
C LEU A 345 -23.49 4.16 -18.42
N ILE A 346 -23.41 2.85 -18.13
CA ILE A 346 -23.92 1.79 -18.98
C ILE A 346 -25.44 1.87 -19.10
N HIS A 347 -26.15 1.82 -17.95
CA HIS A 347 -27.61 1.79 -17.83
C HIS A 347 -28.31 3.02 -18.46
N ILE A 348 -27.64 4.20 -18.49
CA ILE A 348 -28.17 5.45 -19.07
C ILE A 348 -27.69 5.65 -20.53
N ARG A 349 -26.87 4.74 -21.08
CA ARG A 349 -26.27 4.91 -22.40
C ARG A 349 -27.28 5.17 -23.56
N SER A 350 -28.50 4.59 -23.51
CA SER A 350 -29.47 4.85 -24.58
C SER A 350 -30.06 6.30 -24.55
N VAL A 351 -29.87 7.05 -23.44
CA VAL A 351 -30.37 8.43 -23.35
C VAL A 351 -29.23 9.50 -23.35
N THR A 352 -27.94 9.08 -23.39
CA THR A 352 -26.85 10.06 -23.38
C THR A 352 -26.36 10.43 -24.79
N ARG A 353 -25.67 11.57 -24.91
CA ARG A 353 -25.11 12.03 -26.20
C ARG A 353 -24.06 11.03 -26.68
N THR A 354 -24.04 10.77 -27.99
CA THR A 354 -23.07 9.85 -28.60
C THR A 354 -21.63 10.17 -28.18
N ASP A 355 -21.26 11.47 -28.28
CA ASP A 355 -19.92 11.96 -27.97
C ASP A 355 -19.71 12.32 -26.50
N ASP A 356 -20.76 12.21 -25.67
CA ASP A 356 -20.68 12.51 -24.26
C ASP A 356 -21.56 11.59 -23.41
N PRO A 357 -21.02 10.45 -22.92
CA PRO A 357 -21.83 9.51 -22.11
C PRO A 357 -22.23 10.03 -20.73
N TYR A 358 -21.86 11.29 -20.39
CA TYR A 358 -22.18 11.96 -19.12
C TYR A 358 -23.30 12.99 -19.30
N PHE A 359 -23.80 13.15 -20.55
CA PHE A 359 -24.81 14.13 -20.89
C PHE A 359 -26.13 13.46 -21.23
N ILE A 360 -27.08 13.52 -20.29
CA ILE A 360 -28.40 12.91 -20.42
C ILE A 360 -29.38 13.80 -21.17
N MET A 361 -29.91 13.24 -22.27
CA MET A 361 -30.82 13.85 -23.24
C MET A 361 -32.29 13.44 -23.02
N GLU A 362 -32.57 12.67 -21.94
CA GLU A 362 -33.93 12.25 -21.59
C GLU A 362 -34.78 13.48 -21.22
N GLU A 363 -36.02 13.50 -21.72
CA GLU A 363 -37.02 14.54 -21.51
C GLU A 363 -38.09 14.16 -20.49
N HIS A 364 -38.70 12.99 -20.63
CA HIS A 364 -39.79 12.55 -19.76
C HIS A 364 -39.99 11.04 -19.82
N LEU A 365 -39.82 10.37 -18.66
CA LEU A 365 -39.99 8.92 -18.43
C LEU A 365 -39.67 8.04 -19.64
N GLY A 366 -38.46 8.14 -20.15
CA GLY A 366 -38.01 7.36 -21.30
C GLY A 366 -37.90 8.13 -22.59
N LYS A 367 -38.79 9.11 -22.80
CA LYS A 367 -38.77 9.93 -24.02
C LYS A 367 -37.54 10.84 -24.00
N ILE A 368 -36.88 10.95 -25.14
CA ILE A 368 -35.69 11.75 -25.38
C ILE A 368 -36.09 13.07 -26.03
N PHE A 369 -35.39 14.18 -25.70
CA PHE A 369 -35.64 15.47 -26.34
C PHE A 369 -35.41 15.34 -27.84
N ASP A 370 -36.40 15.77 -28.64
CA ASP A 370 -36.27 15.78 -30.10
C ASP A 370 -35.86 17.17 -30.50
N LEU A 371 -34.58 17.35 -30.81
CA LEU A 371 -34.04 18.65 -31.18
C LEU A 371 -33.91 18.76 -32.70
N ASP A 372 -34.94 19.28 -33.36
CA ASP A 372 -35.01 19.51 -34.82
C ASP A 372 -34.81 18.25 -35.70
N GLU B 20 -7.57 2.58 -35.05
CA GLU B 20 -8.97 2.95 -35.26
C GLU B 20 -9.94 1.79 -34.91
N ILE B 21 -10.48 1.00 -35.91
CA ILE B 21 -11.40 -0.14 -35.64
C ILE B 21 -10.63 -1.21 -34.83
N PRO B 22 -11.04 -1.50 -33.57
CA PRO B 22 -10.33 -2.50 -32.76
C PRO B 22 -10.60 -3.92 -33.22
N THR B 23 -9.53 -4.68 -33.50
CA THR B 23 -9.65 -6.04 -33.98
C THR B 23 -9.15 -7.05 -32.95
N SER B 24 -8.46 -6.57 -31.90
CA SER B 24 -7.90 -7.41 -30.85
C SER B 24 -7.95 -6.74 -29.50
N PRO B 25 -7.91 -7.50 -28.37
CA PRO B 25 -7.96 -6.84 -27.04
C PRO B 25 -6.65 -6.15 -26.70
N LEU B 26 -6.68 -5.29 -25.69
CA LEU B 26 -5.47 -4.65 -25.18
C LEU B 26 -4.69 -5.72 -24.39
N ILE B 27 -3.38 -5.86 -24.66
CA ILE B 27 -2.50 -6.80 -23.93
C ILE B 27 -1.67 -6.00 -22.95
N ILE B 28 -1.79 -6.33 -21.65
CA ILE B 28 -1.00 -5.71 -20.58
C ILE B 28 -0.09 -6.78 -20.03
N LYS B 29 1.23 -6.52 -20.05
CA LYS B 29 2.19 -7.45 -19.50
C LYS B 29 2.46 -7.03 -18.04
N ILE B 30 1.90 -7.77 -17.07
CA ILE B 30 2.11 -7.49 -15.64
C ILE B 30 3.59 -7.63 -15.32
N THR B 31 4.17 -6.67 -14.60
CA THR B 31 5.59 -6.73 -14.24
C THR B 31 5.71 -7.62 -12.99
N GLN B 32 6.92 -8.12 -12.74
CA GLN B 32 7.21 -8.94 -11.57
C GLN B 32 6.90 -8.20 -10.28
N GLN B 33 7.18 -6.88 -10.22
CA GLN B 33 6.89 -6.09 -9.03
C GLN B 33 5.40 -6.02 -8.80
N GLU B 34 4.59 -5.81 -9.87
CA GLU B 34 3.14 -5.76 -9.75
C GLU B 34 2.59 -7.08 -9.21
N ARG B 35 3.09 -8.20 -9.75
CA ARG B 35 2.74 -9.57 -9.40
C ARG B 35 3.04 -9.86 -7.90
N ASN B 36 4.24 -9.48 -7.43
CA ASN B 36 4.68 -9.68 -6.04
C ASN B 36 3.88 -8.88 -5.03
N ILE B 37 3.57 -7.62 -5.38
CA ILE B 37 2.77 -6.70 -4.56
C ILE B 37 1.35 -7.24 -4.43
N LEU B 38 0.73 -7.63 -5.57
CA LEU B 38 -0.64 -8.16 -5.58
C LEU B 38 -0.76 -9.45 -4.76
N SER B 39 0.22 -10.36 -4.88
CA SER B 39 0.30 -11.62 -4.12
C SER B 39 0.34 -11.30 -2.60
N ASN B 40 1.18 -10.31 -2.19
CA ASN B 40 1.23 -9.92 -0.80
C ASN B 40 -0.10 -9.35 -0.32
N VAL B 41 -0.66 -8.38 -1.07
CA VAL B 41 -1.95 -7.76 -0.78
C VAL B 41 -3.04 -8.85 -0.60
N GLY B 42 -3.11 -9.81 -1.52
CA GLY B 42 -3.99 -10.98 -1.48
C GLY B 42 -3.83 -11.80 -0.20
N ASN B 43 -2.57 -12.12 0.20
CA ASN B 43 -2.25 -12.82 1.45
C ASN B 43 -2.69 -12.04 2.68
N LEU B 44 -2.48 -10.70 2.63
CA LEU B 44 -2.83 -9.80 3.72
C LEU B 44 -4.32 -9.68 3.88
N LEU B 45 -5.05 -9.61 2.76
CA LEU B 45 -6.51 -9.54 2.72
C LEU B 45 -7.14 -10.84 3.23
N VAL B 46 -6.53 -12.00 2.93
CA VAL B 46 -6.99 -13.30 3.43
C VAL B 46 -6.90 -13.30 4.96
N LYS B 47 -5.74 -12.86 5.52
CA LYS B 47 -5.53 -12.76 6.97
C LYS B 47 -6.48 -11.77 7.63
N ALA B 48 -6.65 -10.60 7.01
CA ALA B 48 -7.51 -9.50 7.50
C ALA B 48 -9.00 -9.80 7.49
N PHE B 49 -9.52 -10.39 6.39
CA PHE B 49 -10.97 -10.59 6.24
C PHE B 49 -11.45 -12.02 6.10
N GLY B 50 -10.55 -12.99 6.07
CA GLY B 50 -10.91 -14.39 5.96
C GLY B 50 -11.23 -14.79 4.53
N ASN B 51 -12.27 -14.20 3.94
CA ASN B 51 -12.67 -14.47 2.57
C ASN B 51 -13.25 -13.23 1.88
N TYR B 52 -13.25 -13.22 0.55
CA TYR B 52 -13.68 -12.10 -0.30
C TYR B 52 -15.17 -11.84 -0.24
N GLU B 53 -15.95 -12.70 0.46
CA GLU B 53 -17.41 -12.50 0.60
C GLU B 53 -17.77 -11.85 1.94
N ASN B 54 -16.73 -11.51 2.74
CA ASN B 54 -16.86 -10.82 4.02
C ASN B 54 -17.53 -9.46 3.80
N PRO B 55 -18.70 -9.22 4.45
CA PRO B 55 -19.43 -7.94 4.25
C PRO B 55 -18.62 -6.68 4.53
N ASP B 56 -17.67 -6.72 5.49
CA ASP B 56 -16.80 -5.59 5.82
C ASP B 56 -15.85 -5.30 4.66
N TYR B 57 -15.37 -6.36 3.98
CA TYR B 57 -14.49 -6.22 2.83
C TYR B 57 -15.24 -5.67 1.63
N ILE B 58 -16.41 -6.29 1.31
CA ILE B 58 -17.25 -5.86 0.19
C ILE B 58 -17.68 -4.39 0.31
N ALA B 59 -18.03 -3.95 1.55
CA ALA B 59 -18.44 -2.59 1.79
C ALA B 59 -17.33 -1.58 1.49
N SER B 60 -16.07 -1.98 1.63
CA SER B 60 -14.97 -1.04 1.42
C SER B 60 -14.10 -1.48 0.21
N LEU B 61 -14.71 -2.21 -0.74
CA LEU B 61 -14.04 -2.75 -1.91
C LEU B 61 -13.31 -1.70 -2.72
N HIS B 62 -13.98 -0.61 -3.08
CA HIS B 62 -13.40 0.45 -3.93
C HIS B 62 -12.23 1.16 -3.25
N LEU B 63 -12.30 1.23 -1.93
CA LEU B 63 -11.27 1.83 -1.11
C LEU B 63 -10.02 0.95 -1.16
N HIS B 64 -10.17 -0.37 -1.01
CA HIS B 64 -9.04 -1.30 -1.09
C HIS B 64 -8.51 -1.38 -2.52
N ALA B 65 -9.39 -1.33 -3.51
CA ALA B 65 -8.97 -1.44 -4.92
C ALA B 65 -8.17 -0.20 -5.36
N PHE B 66 -8.66 1.01 -5.06
CA PHE B 66 -7.96 2.22 -5.48
C PHE B 66 -6.68 2.52 -4.65
N GLN B 67 -6.56 1.97 -3.39
CA GLN B 67 -5.38 2.17 -2.56
C GLN B 67 -4.34 1.05 -2.66
N LEU B 68 -4.77 -0.22 -2.74
CA LEU B 68 -3.86 -1.35 -2.69
C LEU B 68 -3.39 -1.88 -4.01
N LEU B 69 -4.17 -1.72 -5.08
CA LEU B 69 -3.74 -2.23 -6.39
C LEU B 69 -2.58 -1.42 -6.94
N PRO B 70 -1.59 -2.07 -7.61
CA PRO B 70 -0.55 -1.31 -8.32
C PRO B 70 -1.23 -0.30 -9.25
N GLU B 71 -0.87 0.97 -9.08
CA GLU B 71 -1.42 2.15 -9.75
C GLU B 71 -1.68 1.98 -11.25
N ARG B 72 -0.76 1.32 -12.00
CA ARG B 72 -0.93 1.15 -13.44
C ARG B 72 -2.20 0.34 -13.77
N ILE B 73 -2.49 -0.71 -12.96
CA ILE B 73 -3.66 -1.57 -13.13
C ILE B 73 -4.94 -0.78 -12.89
N THR B 74 -4.92 0.07 -11.85
CA THR B 74 -6.02 0.94 -11.47
C THR B 74 -6.35 1.91 -12.60
N ARG B 75 -5.32 2.60 -13.17
CA ARG B 75 -5.47 3.55 -14.28
C ARG B 75 -6.09 2.86 -15.49
N ILE B 76 -5.61 1.65 -15.82
CA ILE B 76 -6.10 0.87 -16.97
C ILE B 76 -7.57 0.54 -16.80
N LEU B 77 -7.95 -0.08 -15.66
CA LEU B 77 -9.30 -0.48 -15.32
C LEU B 77 -10.28 0.69 -15.20
N SER B 78 -9.85 1.83 -14.59
CA SER B 78 -10.64 3.08 -14.43
C SER B 78 -10.98 3.70 -15.77
N GLN B 79 -10.01 3.76 -16.69
CA GLN B 79 -10.16 4.29 -18.05
C GLN B 79 -11.16 3.37 -18.80
N PHE B 80 -10.96 2.04 -18.69
CA PHE B 80 -11.77 1.00 -19.32
C PHE B 80 -13.24 1.03 -18.93
N GLY B 81 -13.52 1.20 -17.64
CA GLY B 81 -14.87 1.18 -17.10
C GLY B 81 -15.86 2.13 -17.73
N SER B 82 -15.39 3.31 -18.15
CA SER B 82 -16.22 4.35 -18.74
C SER B 82 -15.97 4.54 -20.24
N ASP B 83 -15.22 3.63 -20.87
CA ASP B 83 -14.86 3.75 -22.28
C ASP B 83 -15.75 2.89 -23.16
N PHE B 84 -16.67 3.52 -23.87
CA PHE B 84 -17.57 2.85 -24.82
C PHE B 84 -17.37 3.45 -26.22
N SER B 85 -16.20 4.07 -26.43
CA SER B 85 -15.86 4.72 -27.71
C SER B 85 -15.66 3.73 -28.85
N ALA B 86 -15.52 4.26 -30.07
CA ALA B 86 -15.30 3.48 -31.29
C ALA B 86 -14.01 2.66 -31.23
N GLU B 87 -12.98 3.16 -30.54
CA GLU B 87 -11.67 2.53 -30.42
C GLU B 87 -11.58 1.42 -29.36
N GLN B 88 -12.56 1.34 -28.46
CA GLN B 88 -12.55 0.37 -27.38
C GLN B 88 -13.01 -1.04 -27.79
N TYR B 89 -12.13 -2.04 -27.68
CA TYR B 89 -12.44 -3.44 -28.00
C TYR B 89 -13.43 -4.05 -26.96
N GLY B 90 -13.29 -3.70 -25.69
CA GLY B 90 -14.14 -4.22 -24.62
C GLY B 90 -13.55 -5.40 -23.87
N ALA B 91 -12.25 -5.69 -24.09
CA ALA B 91 -11.55 -6.74 -23.37
C ALA B 91 -10.10 -6.33 -23.17
N ILE B 92 -9.51 -6.76 -22.05
CA ILE B 92 -8.10 -6.57 -21.70
C ILE B 92 -7.54 -7.95 -21.29
N VAL B 93 -6.34 -8.27 -21.77
CA VAL B 93 -5.61 -9.46 -21.33
C VAL B 93 -4.53 -8.98 -20.36
N PHE B 94 -4.60 -9.39 -19.11
CA PHE B 94 -3.56 -9.10 -18.12
C PHE B 94 -2.69 -10.35 -18.07
N GLN B 95 -1.57 -10.33 -18.84
CA GLN B 95 -0.62 -11.44 -18.93
C GLN B 95 0.17 -11.57 -17.63
N GLY B 96 0.18 -12.79 -17.06
CA GLY B 96 0.87 -13.11 -15.81
C GLY B 96 0.45 -12.25 -14.63
N LEU B 97 -0.84 -12.16 -14.37
CA LEU B 97 -1.33 -11.39 -13.23
C LEU B 97 -0.93 -12.10 -11.93
N ILE B 98 -0.99 -13.43 -11.93
CA ILE B 98 -0.66 -14.23 -10.74
C ILE B 98 0.27 -15.37 -11.12
N GLU B 99 1.01 -15.86 -10.12
CA GLU B 99 1.88 -17.02 -10.24
C GLU B 99 1.05 -18.17 -9.66
N VAL B 100 0.72 -19.16 -10.49
CA VAL B 100 -0.05 -20.31 -10.00
C VAL B 100 0.96 -21.41 -9.63
N ASP B 101 0.89 -21.86 -8.38
CA ASP B 101 1.76 -22.93 -7.87
C ASP B 101 1.26 -24.29 -8.34
N LYS B 119 -6.43 -21.06 -1.16
CA LYS B 119 -5.72 -20.29 -2.20
C LYS B 119 -6.65 -19.74 -3.25
N LEU B 120 -7.84 -20.37 -3.43
CA LEU B 120 -8.87 -19.84 -4.32
C LEU B 120 -9.37 -18.55 -3.65
N ASN B 121 -9.27 -18.49 -2.29
CA ASN B 121 -9.62 -17.32 -1.47
C ASN B 121 -8.77 -16.13 -1.85
N LYS B 122 -7.46 -16.34 -2.00
CA LYS B 122 -6.52 -15.30 -2.38
C LYS B 122 -6.85 -14.79 -3.80
N TYR B 123 -7.18 -15.71 -4.73
CA TYR B 123 -7.53 -15.38 -6.11
C TYR B 123 -8.82 -14.57 -6.17
N GLY B 124 -9.78 -14.91 -5.30
CA GLY B 124 -11.05 -14.21 -5.17
C GLY B 124 -10.85 -12.78 -4.75
N PHE B 125 -9.90 -12.54 -3.81
CA PHE B 125 -9.53 -11.19 -3.37
C PHE B 125 -8.93 -10.40 -4.52
N ILE B 126 -7.95 -10.98 -5.22
CA ILE B 126 -7.29 -10.31 -6.35
C ILE B 126 -8.30 -9.93 -7.43
N CYS B 127 -9.17 -10.89 -7.83
CA CYS B 127 -10.20 -10.66 -8.84
C CYS B 127 -11.20 -9.56 -8.43
N SER B 128 -11.67 -9.57 -7.15
CA SER B 128 -12.60 -8.56 -6.66
C SER B 128 -11.99 -7.16 -6.66
N LEU B 129 -10.67 -7.05 -6.39
CA LEU B 129 -9.96 -5.75 -6.44
C LEU B 129 -9.95 -5.23 -7.87
N LEU B 130 -9.79 -6.10 -8.86
CA LEU B 130 -9.82 -5.67 -10.27
C LEU B 130 -11.19 -5.10 -10.65
N HIS B 131 -12.27 -5.79 -10.24
CA HIS B 131 -13.65 -5.33 -10.48
C HIS B 131 -13.88 -4.00 -9.71
N GLY B 132 -13.38 -3.93 -8.47
CA GLY B 132 -13.47 -2.76 -7.60
C GLY B 132 -12.88 -1.49 -8.19
N ALA B 133 -11.87 -1.64 -9.07
CA ALA B 133 -11.20 -0.49 -9.68
C ALA B 133 -11.83 -0.03 -10.98
N VAL B 134 -12.87 -0.72 -11.48
CA VAL B 134 -13.58 -0.34 -12.71
C VAL B 134 -14.26 1.06 -12.57
N PRO B 135 -15.01 1.44 -11.49
CA PRO B 135 -15.45 0.64 -10.33
C PRO B 135 -16.67 -0.19 -10.66
N SER B 136 -16.76 -1.40 -10.10
CA SER B 136 -17.86 -2.31 -10.32
C SER B 136 -17.92 -3.22 -9.09
N LYS B 137 -19.10 -3.74 -8.80
CA LYS B 137 -19.33 -4.56 -7.63
C LYS B 137 -19.58 -6.03 -7.95
N PRO B 138 -18.74 -6.96 -7.45
CA PRO B 138 -19.01 -8.39 -7.68
C PRO B 138 -20.38 -8.79 -7.20
N VAL B 139 -21.07 -9.62 -8.01
CA VAL B 139 -22.42 -10.06 -7.72
C VAL B 139 -22.50 -11.56 -7.98
N GLN B 140 -23.60 -12.18 -7.53
CA GLN B 140 -23.87 -13.57 -7.83
C GLN B 140 -25.30 -13.71 -8.34
N TYR B 141 -25.55 -14.70 -9.21
CA TYR B 141 -26.82 -14.93 -9.85
C TYR B 141 -27.40 -16.24 -9.43
N TYR B 142 -28.70 -16.26 -9.08
CA TYR B 142 -29.38 -17.51 -8.77
C TYR B 142 -29.42 -18.38 -10.05
N ALA B 143 -29.50 -17.73 -11.26
CA ALA B 143 -29.52 -18.36 -12.58
C ALA B 143 -28.23 -19.20 -12.85
N GLN B 144 -27.15 -18.90 -12.10
CA GLN B 144 -25.88 -19.59 -12.23
C GLN B 144 -25.54 -20.31 -10.93
N ARG B 145 -25.79 -21.63 -10.90
CA ARG B 145 -25.48 -22.54 -9.77
C ARG B 145 -26.16 -22.13 -8.44
N LYS B 146 -27.36 -21.52 -8.53
CA LYS B 146 -28.14 -21.04 -7.38
C LYS B 146 -27.29 -20.08 -6.54
N GLY B 147 -26.57 -19.21 -7.26
CA GLY B 147 -25.60 -18.29 -6.70
C GLY B 147 -24.22 -18.84 -6.93
N GLY B 148 -23.84 -19.83 -6.13
CA GLY B 148 -22.55 -20.52 -6.19
C GLY B 148 -21.33 -19.72 -5.76
N GLY B 149 -21.57 -18.52 -5.21
CA GLY B 149 -20.52 -17.62 -4.74
C GLY B 149 -20.07 -16.59 -5.75
N LEU B 150 -19.34 -15.55 -5.29
CA LEU B 150 -18.80 -14.47 -6.14
C LEU B 150 -17.76 -14.95 -7.12
N LEU B 151 -17.12 -16.09 -6.82
CA LEU B 151 -16.07 -16.67 -7.64
C LEU B 151 -16.43 -18.12 -8.04
N HIS B 152 -16.48 -18.38 -9.35
CA HIS B 152 -16.85 -19.70 -9.87
C HIS B 152 -15.69 -20.38 -10.50
N ALA B 153 -15.48 -21.66 -10.15
CA ALA B 153 -14.47 -22.50 -10.78
C ALA B 153 -15.14 -23.06 -12.03
N VAL B 154 -14.54 -22.84 -13.20
CA VAL B 154 -15.05 -23.33 -14.49
C VAL B 154 -14.24 -24.57 -14.90
N PHE B 174 -19.97 -21.42 -29.35
CA PHE B 174 -19.28 -20.26 -29.92
C PHE B 174 -19.45 -18.98 -29.08
N VAL B 175 -18.98 -17.81 -29.62
CA VAL B 175 -19.06 -16.49 -28.94
C VAL B 175 -20.46 -16.16 -28.44
N HIS B 176 -20.47 -15.66 -27.21
CA HIS B 176 -21.65 -15.22 -26.51
C HIS B 176 -21.29 -14.22 -25.40
N THR B 177 -22.23 -13.31 -25.08
CA THR B 177 -22.09 -12.42 -23.95
C THR B 177 -22.72 -13.24 -22.80
N GLU B 178 -22.22 -13.09 -21.58
CA GLU B 178 -22.75 -13.83 -20.43
C GLU B 178 -24.19 -13.42 -20.10
N ASP B 179 -25.02 -14.42 -19.85
CA ASP B 179 -26.43 -14.32 -19.49
C ASP B 179 -27.24 -13.36 -20.41
N ALA B 180 -27.23 -13.63 -21.73
CA ALA B 180 -27.97 -12.87 -22.74
C ALA B 180 -29.50 -12.90 -22.48
N PHE B 181 -29.96 -13.92 -21.72
CA PHE B 181 -31.36 -14.14 -21.33
C PHE B 181 -31.79 -13.28 -20.13
N LEU B 182 -30.85 -12.57 -19.47
CA LEU B 182 -31.15 -11.70 -18.31
C LEU B 182 -31.07 -10.22 -18.68
N SER B 183 -32.04 -9.43 -18.18
N SER B 183 -32.03 -9.44 -18.17
CA SER B 183 -32.12 -7.99 -18.36
CA SER B 183 -32.07 -7.98 -18.37
C SER B 183 -30.98 -7.32 -17.55
C SER B 183 -30.94 -7.33 -17.57
N ASN B 184 -30.56 -7.96 -16.44
CA ASN B 184 -29.51 -7.48 -15.52
C ASN B 184 -28.28 -8.38 -15.57
N GLN B 185 -27.84 -8.74 -16.80
CA GLN B 185 -26.63 -9.55 -17.04
C GLN B 185 -25.42 -8.79 -16.50
N ALA B 186 -24.33 -9.48 -16.25
CA ALA B 186 -23.10 -8.88 -15.71
C ALA B 186 -22.65 -7.71 -16.60
N ASP B 187 -22.06 -6.70 -15.98
CA ASP B 187 -21.52 -5.55 -16.70
C ASP B 187 -20.09 -5.91 -17.10
N PHE B 188 -19.36 -6.52 -16.15
CA PHE B 188 -17.97 -6.91 -16.29
C PHE B 188 -17.72 -8.32 -15.87
N LEU B 189 -16.80 -8.98 -16.56
CA LEU B 189 -16.39 -10.36 -16.29
C LEU B 189 -14.90 -10.42 -16.22
N SER B 190 -14.41 -11.35 -15.40
CA SER B 190 -13.01 -11.67 -15.33
C SER B 190 -12.90 -13.18 -15.45
N PHE B 191 -11.94 -13.65 -16.27
CA PHE B 191 -11.62 -15.06 -16.46
C PHE B 191 -10.18 -15.22 -16.08
N LEU B 192 -9.93 -15.85 -14.93
CA LEU B 192 -8.57 -16.12 -14.45
C LEU B 192 -8.20 -17.56 -14.78
N TYR B 193 -7.19 -17.74 -15.62
CA TYR B 193 -6.73 -19.08 -16.03
C TYR B 193 -5.76 -19.64 -15.05
N LEU B 194 -6.13 -20.76 -14.43
CA LEU B 194 -5.29 -21.48 -13.49
C LEU B 194 -4.46 -22.52 -14.26
N ARG B 195 -5.10 -23.20 -15.25
CA ARG B 195 -4.53 -24.21 -16.13
C ARG B 195 -5.08 -24.12 -17.56
N ASN B 196 -4.17 -24.30 -18.55
CA ASN B 196 -4.49 -24.36 -19.98
C ASN B 196 -3.41 -25.15 -20.71
N GLU B 197 -3.19 -26.40 -20.23
CA GLU B 197 -2.16 -27.35 -20.70
C GLU B 197 -2.41 -27.80 -22.14
N GLU B 198 -3.71 -27.88 -22.54
CA GLU B 198 -4.10 -28.28 -23.89
C GLU B 198 -3.96 -27.13 -24.89
N ARG B 199 -3.47 -25.96 -24.41
CA ARG B 199 -3.19 -24.75 -25.21
C ARG B 199 -4.42 -24.31 -26.03
N VAL B 200 -5.59 -24.34 -25.37
CA VAL B 200 -6.89 -23.93 -25.91
C VAL B 200 -6.89 -22.39 -26.09
N PRO B 201 -7.22 -21.90 -27.28
CA PRO B 201 -7.27 -20.46 -27.49
C PRO B 201 -8.50 -19.82 -26.85
N SER B 202 -8.35 -18.59 -26.40
CA SER B 202 -9.45 -17.79 -25.89
C SER B 202 -10.05 -17.09 -27.11
N THR B 203 -11.36 -17.15 -27.26
CA THR B 203 -11.95 -16.53 -28.43
C THR B 203 -12.81 -15.38 -27.96
N LEU B 204 -12.60 -14.22 -28.60
CA LEU B 204 -13.28 -12.98 -28.27
C LEU B 204 -13.89 -12.37 -29.51
N TYR B 205 -15.03 -11.70 -29.34
CA TYR B 205 -15.68 -11.01 -30.41
C TYR B 205 -16.23 -9.68 -29.91
N SER B 206 -15.79 -8.58 -30.50
CA SER B 206 -16.23 -7.25 -30.13
C SER B 206 -17.19 -6.67 -31.18
N ILE B 207 -18.29 -6.04 -30.70
CA ILE B 207 -19.25 -5.34 -31.57
C ILE B 207 -18.54 -4.14 -32.24
N ARG B 208 -17.48 -3.62 -31.61
CA ARG B 208 -16.67 -2.52 -32.13
C ARG B 208 -15.81 -2.89 -33.34
N SER B 209 -15.55 -4.20 -33.54
CA SER B 209 -14.79 -4.72 -34.69
C SER B 209 -15.54 -4.50 -36.02
N HIS B 210 -16.85 -4.23 -35.96
CA HIS B 210 -17.70 -3.95 -37.13
C HIS B 210 -17.45 -2.57 -37.72
N GLY B 211 -16.99 -1.63 -36.89
CA GLY B 211 -16.81 -0.25 -37.29
C GLY B 211 -18.15 0.46 -37.31
N LYS B 212 -18.37 1.31 -38.35
CA LYS B 212 -19.58 2.11 -38.55
C LYS B 212 -20.83 1.23 -38.68
N MET B 213 -21.90 1.72 -38.10
CA MET B 213 -23.22 1.13 -38.12
C MET B 213 -23.70 0.91 -39.56
N ASN B 214 -24.10 -0.32 -39.89
CA ASN B 214 -24.56 -0.67 -41.24
C ASN B 214 -26.01 -1.25 -41.23
N PRO B 215 -26.68 -1.44 -42.41
CA PRO B 215 -28.07 -1.93 -42.40
C PRO B 215 -28.32 -3.29 -41.75
N VAL B 216 -27.39 -4.23 -41.89
CA VAL B 216 -27.48 -5.56 -41.26
C VAL B 216 -27.54 -5.37 -39.72
N MET B 217 -26.64 -4.51 -39.19
N MET B 217 -26.68 -4.50 -39.19
CA MET B 217 -26.49 -4.17 -37.79
CA MET B 217 -26.55 -4.20 -37.77
C MET B 217 -27.75 -3.51 -37.21
C MET B 217 -27.76 -3.49 -37.20
N LYS B 218 -28.30 -2.51 -37.93
CA LYS B 218 -29.47 -1.70 -37.52
C LYS B 218 -30.73 -2.51 -37.18
N LYS B 219 -30.96 -3.62 -37.90
CA LYS B 219 -32.11 -4.51 -37.68
C LYS B 219 -32.07 -5.15 -36.29
N LEU B 220 -30.86 -5.22 -35.66
CA LEU B 220 -30.69 -5.84 -34.34
C LEU B 220 -31.17 -4.99 -33.18
N PHE B 221 -31.49 -3.70 -33.43
CA PHE B 221 -32.06 -2.79 -32.42
C PHE B 221 -33.54 -3.08 -32.20
N GLU B 222 -34.20 -3.82 -33.13
CA GLU B 222 -35.62 -4.18 -33.04
C GLU B 222 -35.82 -5.19 -31.91
N PRO B 223 -36.78 -4.97 -30.97
CA PRO B 223 -36.95 -5.93 -29.85
C PRO B 223 -37.77 -7.15 -30.25
N ILE B 224 -37.31 -7.86 -31.31
CA ILE B 224 -38.00 -9.01 -31.93
C ILE B 224 -37.29 -10.35 -31.76
N TYR B 225 -36.21 -10.38 -31.00
CA TYR B 225 -35.37 -11.57 -30.84
C TYR B 225 -35.60 -12.36 -29.57
N GLN B 226 -35.61 -13.68 -29.70
CA GLN B 226 -35.70 -14.58 -28.56
C GLN B 226 -34.31 -14.65 -27.91
N CYS B 227 -34.25 -14.58 -26.57
CA CYS B 227 -33.01 -14.73 -25.80
C CYS B 227 -33.28 -15.93 -24.88
N PRO B 228 -33.20 -17.19 -25.40
CA PRO B 228 -33.55 -18.35 -24.56
C PRO B 228 -32.70 -18.54 -23.31
N LYS B 229 -33.36 -18.90 -22.19
CA LYS B 229 -32.73 -19.14 -20.90
C LYS B 229 -32.00 -20.49 -20.87
N PRO B 243 -40.69 -13.76 -23.72
CA PRO B 243 -40.44 -12.36 -24.11
C PRO B 243 -39.25 -12.21 -25.05
N THR B 244 -39.34 -11.19 -25.93
CA THR B 244 -38.32 -10.87 -26.92
C THR B 244 -37.54 -9.64 -26.51
N ALA B 245 -36.31 -9.51 -27.00
CA ALA B 245 -35.46 -8.36 -26.71
C ALA B 245 -34.66 -7.96 -27.95
N SER B 246 -33.95 -6.85 -27.87
CA SER B 246 -33.06 -6.31 -28.88
C SER B 246 -31.69 -6.97 -28.72
N VAL B 247 -31.01 -7.23 -29.82
CA VAL B 247 -29.66 -7.78 -29.74
C VAL B 247 -28.72 -6.58 -29.50
N LEU B 248 -28.98 -5.45 -30.17
CA LEU B 248 -28.20 -4.23 -30.01
C LEU B 248 -29.04 -3.23 -29.23
N TYR B 249 -28.38 -2.45 -28.35
CA TYR B 249 -29.07 -1.46 -27.53
C TYR B 249 -28.03 -0.40 -27.11
N GLY B 250 -28.43 0.54 -26.26
CA GLY B 250 -27.59 1.64 -25.84
C GLY B 250 -27.54 2.71 -26.91
N ASN B 251 -26.35 3.22 -27.20
CA ASN B 251 -26.18 4.25 -28.20
C ASN B 251 -26.38 3.68 -29.61
N ARG B 252 -27.13 4.40 -30.45
CA ARG B 252 -27.45 4.02 -31.82
C ARG B 252 -26.25 3.90 -32.76
N GLU B 253 -25.20 4.71 -32.54
CA GLU B 253 -24.00 4.69 -33.37
C GLU B 253 -22.94 3.73 -32.84
N LEU B 254 -22.76 3.67 -31.50
CA LEU B 254 -21.78 2.85 -30.78
C LEU B 254 -22.53 1.98 -29.78
N PRO B 255 -23.18 0.90 -30.26
CA PRO B 255 -24.06 0.13 -29.38
C PRO B 255 -23.43 -0.85 -28.42
N PHE B 256 -24.28 -1.40 -27.55
CA PHE B 256 -23.98 -2.50 -26.66
C PHE B 256 -24.67 -3.73 -27.26
N ILE B 257 -24.22 -4.91 -26.85
CA ILE B 257 -24.73 -6.17 -27.40
C ILE B 257 -25.07 -7.22 -26.32
N ARG B 258 -26.13 -7.99 -26.59
CA ARG B 258 -26.54 -9.19 -25.85
C ARG B 258 -26.72 -10.22 -26.95
N PHE B 259 -25.84 -11.23 -26.97
CA PHE B 259 -25.84 -12.20 -28.07
C PHE B 259 -25.30 -13.55 -27.65
N ASP B 260 -25.95 -14.61 -28.14
CA ASP B 260 -25.55 -15.98 -27.91
C ASP B 260 -25.83 -16.76 -29.20
N ALA B 261 -24.79 -16.96 -30.03
CA ALA B 261 -24.90 -17.65 -31.32
C ALA B 261 -25.53 -19.05 -31.20
N ALA B 262 -25.04 -19.89 -30.28
CA ALA B 262 -25.55 -21.24 -30.06
C ALA B 262 -27.00 -21.26 -29.62
N GLU B 263 -27.37 -20.36 -28.68
CA GLU B 263 -28.71 -20.27 -28.11
C GLU B 263 -29.75 -19.58 -28.99
N GLN B 264 -29.36 -18.47 -29.64
CA GLN B 264 -30.28 -17.68 -30.47
C GLN B 264 -30.33 -18.10 -31.95
N ILE B 265 -29.24 -18.67 -32.50
CA ILE B 265 -29.20 -19.06 -33.91
C ILE B 265 -29.19 -20.58 -34.13
N PHE B 266 -28.14 -21.26 -33.66
CA PHE B 266 -27.95 -22.69 -33.86
C PHE B 266 -28.65 -23.54 -32.80
N ASN B 267 -29.96 -23.33 -32.68
CA ASN B 267 -30.82 -23.98 -31.70
C ASN B 267 -32.20 -24.09 -32.32
N GLU B 268 -32.64 -25.32 -32.58
CA GLU B 268 -33.94 -25.64 -33.18
C GLU B 268 -35.07 -25.12 -32.31
N ASN B 269 -34.92 -25.18 -30.98
CA ASN B 269 -35.90 -24.76 -29.99
C ASN B 269 -35.81 -23.27 -29.63
N ALA B 270 -35.06 -22.44 -30.40
CA ALA B 270 -34.93 -21.00 -30.11
C ALA B 270 -36.26 -20.25 -30.28
N GLY B 271 -37.08 -20.72 -31.22
CA GLY B 271 -38.40 -20.17 -31.52
C GLY B 271 -38.39 -18.79 -32.13
N GLN B 272 -37.39 -18.51 -32.97
CA GLN B 272 -37.26 -17.22 -33.63
C GLN B 272 -38.24 -17.13 -34.78
N THR B 273 -38.73 -15.91 -35.06
CA THR B 273 -39.58 -15.65 -36.22
C THR B 273 -38.66 -15.76 -37.45
N SER B 274 -39.24 -15.97 -38.64
CA SER B 274 -38.48 -16.08 -39.89
C SER B 274 -37.64 -14.81 -40.13
N GLU B 275 -38.23 -13.63 -39.85
CA GLU B 275 -37.58 -12.33 -39.99
C GLU B 275 -36.42 -12.21 -39.01
N ALA B 276 -36.63 -12.54 -37.72
CA ALA B 276 -35.60 -12.46 -36.67
C ALA B 276 -34.43 -13.38 -36.96
N LEU B 277 -34.71 -14.63 -37.35
CA LEU B 277 -33.68 -15.61 -37.70
C LEU B 277 -32.83 -15.14 -38.89
N GLY B 278 -33.49 -14.61 -39.93
CA GLY B 278 -32.83 -14.06 -41.10
C GLY B 278 -31.86 -12.94 -40.72
N ASN B 279 -32.31 -12.01 -39.85
CA ASN B 279 -31.52 -10.87 -39.37
C ASN B 279 -30.30 -11.33 -38.59
N LEU B 280 -30.49 -12.37 -37.74
CA LEU B 280 -29.44 -12.97 -36.92
C LEU B 280 -28.43 -13.68 -37.79
N MET B 281 -28.90 -14.40 -38.83
CA MET B 281 -28.06 -15.13 -39.78
C MET B 281 -27.16 -14.16 -40.51
N ASP B 282 -27.74 -13.04 -41.01
CA ASP B 282 -27.04 -12.00 -41.74
C ASP B 282 -25.97 -11.35 -40.88
N PHE B 283 -26.31 -11.12 -39.60
CA PHE B 283 -25.41 -10.56 -38.61
C PHE B 283 -24.25 -11.52 -38.34
N TRP B 284 -24.58 -12.79 -38.05
CA TRP B 284 -23.58 -13.82 -37.79
C TRP B 284 -22.56 -13.98 -38.93
N ASP B 285 -22.98 -13.87 -40.20
CA ASP B 285 -22.07 -14.00 -41.34
C ASP B 285 -21.03 -12.88 -41.41
N GLU B 286 -21.42 -11.71 -40.93
CA GLU B 286 -20.56 -10.53 -40.83
C GLU B 286 -19.68 -10.65 -39.60
N ALA B 287 -20.27 -11.04 -38.45
CA ALA B 287 -19.62 -11.16 -37.14
C ALA B 287 -18.58 -12.26 -37.01
N LYS B 288 -18.80 -13.44 -37.65
CA LYS B 288 -17.90 -14.58 -37.54
C LYS B 288 -16.50 -14.31 -38.12
N THR B 289 -16.38 -13.42 -39.13
CA THR B 289 -15.13 -13.04 -39.78
C THR B 289 -14.29 -12.12 -38.86
N LEU B 290 -14.92 -11.58 -37.80
CA LEU B 290 -14.31 -10.67 -36.85
C LEU B 290 -13.89 -11.33 -35.51
N ILE B 291 -14.24 -12.61 -35.31
CA ILE B 291 -13.87 -13.38 -34.12
C ILE B 291 -12.34 -13.49 -34.02
N ASN B 292 -11.79 -13.18 -32.83
CA ASN B 292 -10.35 -13.24 -32.58
C ASN B 292 -10.01 -14.39 -31.62
N SER B 293 -9.26 -15.37 -32.13
CA SER B 293 -8.81 -16.57 -31.42
C SER B 293 -7.27 -16.61 -31.32
N ASP B 294 -6.60 -15.46 -31.51
CA ASP B 294 -5.13 -15.38 -31.49
C ASP B 294 -4.51 -15.61 -30.13
N TYR B 295 -5.18 -15.21 -29.07
CA TYR B 295 -4.61 -15.36 -27.74
C TYR B 295 -4.84 -16.74 -27.11
N ILE B 296 -3.74 -17.38 -26.72
CA ILE B 296 -3.72 -18.66 -25.99
C ILE B 296 -3.30 -18.37 -24.55
N PRO B 297 -4.26 -18.35 -23.59
CA PRO B 297 -3.90 -18.01 -22.20
C PRO B 297 -2.96 -19.00 -21.54
N ASN B 298 -2.07 -18.45 -20.72
CA ASN B 298 -1.15 -19.21 -19.89
C ASN B 298 -1.67 -19.14 -18.47
N SER B 299 -1.22 -20.07 -17.65
CA SER B 299 -1.50 -20.16 -16.23
C SER B 299 -1.14 -18.78 -15.59
N GLY B 300 -2.12 -18.16 -14.94
CA GLY B 300 -1.93 -16.86 -14.30
C GLY B 300 -2.39 -15.65 -15.09
N ASP B 301 -2.83 -15.86 -16.34
CA ASP B 301 -3.38 -14.77 -17.15
C ASP B 301 -4.81 -14.55 -16.72
N LEU B 302 -5.25 -13.28 -16.84
CA LEU B 302 -6.63 -12.91 -16.57
C LEU B 302 -7.17 -12.09 -17.73
N ILE B 303 -8.34 -12.49 -18.26
CA ILE B 303 -9.01 -11.74 -19.30
C ILE B 303 -10.17 -11.00 -18.64
N PHE B 304 -10.14 -9.64 -18.76
CA PHE B 304 -11.13 -8.73 -18.20
C PHE B 304 -12.01 -8.21 -19.34
N VAL B 305 -13.33 -8.39 -19.22
CA VAL B 305 -14.29 -8.12 -20.29
C VAL B 305 -15.41 -7.22 -19.89
N ASN B 306 -15.76 -6.28 -20.80
CA ASN B 306 -16.96 -5.44 -20.71
C ASN B 306 -17.99 -6.32 -21.43
N ASN B 307 -18.89 -6.93 -20.65
CA ASN B 307 -19.91 -7.87 -21.14
C ASN B 307 -20.98 -7.20 -22.05
N HIS B 308 -20.94 -5.87 -22.20
CA HIS B 308 -21.86 -5.14 -23.09
C HIS B 308 -21.19 -4.86 -24.43
N LEU B 309 -19.89 -5.10 -24.54
CA LEU B 309 -19.13 -4.85 -25.78
C LEU B 309 -18.54 -6.07 -26.43
N CYS B 310 -18.13 -7.03 -25.61
CA CYS B 310 -17.36 -8.15 -26.07
C CYS B 310 -17.95 -9.49 -25.62
N ALA B 311 -18.13 -10.39 -26.61
CA ALA B 311 -18.58 -11.76 -26.46
C ALA B 311 -17.34 -12.67 -26.33
N HIS B 312 -17.50 -13.78 -25.65
CA HIS B 312 -16.40 -14.74 -25.44
C HIS B 312 -16.90 -16.14 -25.84
N GLY B 313 -15.96 -17.08 -25.98
CA GLY B 313 -16.30 -18.45 -26.30
C GLY B 313 -16.65 -19.32 -25.09
N ARG B 314 -17.63 -20.24 -25.27
CA ARG B 314 -18.00 -21.31 -24.32
C ARG B 314 -17.52 -22.61 -24.96
N SER B 315 -17.88 -22.80 -26.25
CA SER B 315 -17.39 -23.87 -27.12
C SER B 315 -15.92 -23.50 -27.43
N ALA B 316 -15.64 -22.15 -27.46
CA ALA B 316 -14.37 -21.42 -27.66
C ALA B 316 -13.39 -22.10 -28.63
N PHE B 317 -13.79 -22.18 -29.90
CA PHE B 317 -13.11 -22.82 -31.02
C PHE B 317 -11.86 -22.11 -31.56
N ILE B 318 -10.74 -22.85 -31.68
CA ILE B 318 -9.47 -22.37 -32.26
C ILE B 318 -9.75 -21.68 -33.61
N ARG B 334 -8.07 -28.37 -17.77
CA ARG B 334 -8.31 -26.93 -17.89
C ARG B 334 -9.17 -26.36 -16.74
N GLN B 335 -8.67 -25.27 -16.13
CA GLN B 335 -9.36 -24.65 -15.03
C GLN B 335 -9.25 -23.14 -15.07
N MET B 336 -10.41 -22.48 -15.07
CA MET B 336 -10.50 -21.02 -15.03
C MET B 336 -11.50 -20.56 -14.00
N LEU B 337 -11.21 -19.43 -13.34
CA LEU B 337 -12.06 -18.81 -12.33
C LEU B 337 -12.79 -17.62 -12.92
N ARG B 338 -14.11 -17.59 -12.74
CA ARG B 338 -14.97 -16.52 -13.25
C ARG B 338 -15.59 -15.68 -12.12
N MET B 339 -15.56 -14.38 -12.32
CA MET B 339 -16.15 -13.41 -11.41
C MET B 339 -16.91 -12.38 -12.25
N MET B 340 -18.12 -12.03 -11.79
CA MET B 340 -19.03 -11.11 -12.49
C MET B 340 -19.38 -9.94 -11.60
N SER B 341 -19.51 -8.77 -12.20
CA SER B 341 -19.83 -7.57 -11.44
C SER B 341 -20.86 -6.67 -12.13
N LYS B 342 -21.49 -5.80 -11.33
CA LYS B 342 -22.45 -4.79 -11.74
C LYS B 342 -22.01 -3.46 -11.20
N THR B 343 -22.05 -2.41 -12.04
CA THR B 343 -21.63 -1.04 -11.69
C THR B 343 -22.62 -0.33 -10.78
N SER B 344 -23.89 -0.79 -10.72
CA SER B 344 -24.89 -0.18 -9.89
C SER B 344 -25.75 -1.19 -9.14
N LEU B 345 -25.73 -1.11 -7.81
CA LEU B 345 -26.61 -1.91 -6.95
C LEU B 345 -28.04 -1.33 -6.93
N ILE B 346 -28.16 -0.02 -7.26
CA ILE B 346 -29.44 0.69 -7.27
C ILE B 346 -30.37 0.14 -8.36
N HIS B 347 -29.90 0.12 -9.61
CA HIS B 347 -30.69 -0.24 -10.77
C HIS B 347 -31.15 -1.72 -10.77
N ILE B 348 -30.42 -2.62 -10.09
CA ILE B 348 -30.76 -4.04 -9.96
C ILE B 348 -31.56 -4.31 -8.64
N ARG B 349 -31.81 -3.30 -7.80
CA ARG B 349 -32.41 -3.50 -6.47
C ARG B 349 -33.78 -4.23 -6.48
N SER B 350 -34.61 -4.07 -7.52
CA SER B 350 -35.88 -4.82 -7.57
C SER B 350 -35.69 -6.35 -7.85
N VAL B 351 -34.49 -6.78 -8.24
CA VAL B 351 -34.23 -8.21 -8.52
C VAL B 351 -33.27 -8.85 -7.54
N THR B 352 -32.72 -8.09 -6.57
CA THR B 352 -31.80 -8.67 -5.61
C THR B 352 -32.52 -9.08 -4.30
N ARG B 353 -31.87 -9.97 -3.52
CA ARG B 353 -32.41 -10.43 -2.24
C ARG B 353 -32.51 -9.24 -1.28
N THR B 354 -33.60 -9.19 -0.48
CA THR B 354 -33.81 -8.12 0.51
C THR B 354 -32.59 -7.94 1.41
N ASP B 355 -32.07 -9.08 1.93
CA ASP B 355 -30.93 -9.20 2.84
C ASP B 355 -29.56 -9.14 2.15
N ASP B 356 -29.54 -9.21 0.81
CA ASP B 356 -28.30 -9.21 0.05
C ASP B 356 -28.44 -8.49 -1.30
N PRO B 357 -28.09 -7.18 -1.33
CA PRO B 357 -28.21 -6.43 -2.61
C PRO B 357 -27.21 -6.82 -3.70
N TYR B 358 -26.37 -7.84 -3.44
CA TYR B 358 -25.36 -8.36 -4.39
C TYR B 358 -25.81 -9.69 -4.98
N PHE B 359 -26.97 -10.20 -4.57
CA PHE B 359 -27.48 -11.47 -5.00
C PHE B 359 -28.70 -11.31 -5.92
N ILE B 360 -28.49 -11.47 -7.22
CA ILE B 360 -29.50 -11.32 -8.27
C ILE B 360 -30.38 -12.58 -8.42
N MET B 361 -31.68 -12.38 -8.23
CA MET B 361 -32.75 -13.39 -8.28
C MET B 361 -33.52 -13.43 -9.62
N GLU B 362 -33.05 -12.69 -10.65
CA GLU B 362 -33.66 -12.69 -11.99
C GLU B 362 -33.51 -14.03 -12.69
N GLU B 363 -34.57 -14.46 -13.36
CA GLU B 363 -34.65 -15.71 -14.09
C GLU B 363 -34.58 -15.52 -15.62
N HIS B 364 -35.40 -14.62 -16.18
CA HIS B 364 -35.47 -14.42 -17.63
C HIS B 364 -36.07 -13.08 -17.99
N LEU B 365 -35.31 -12.22 -18.69
CA LEU B 365 -35.68 -10.88 -19.19
C LEU B 365 -36.72 -10.14 -18.31
N GLY B 366 -36.36 -9.94 -17.04
CA GLY B 366 -37.18 -9.23 -16.08
C GLY B 366 -37.90 -10.11 -15.07
N LYS B 367 -38.28 -11.32 -15.48
CA LYS B 367 -38.95 -12.27 -14.59
C LYS B 367 -37.96 -12.76 -13.53
N ILE B 368 -38.43 -12.81 -12.29
CA ILE B 368 -37.70 -13.23 -11.11
C ILE B 368 -38.06 -14.69 -10.80
N PHE B 369 -37.09 -15.46 -10.26
CA PHE B 369 -37.33 -16.85 -9.86
C PHE B 369 -38.38 -16.90 -8.78
N ASP B 370 -39.32 -17.85 -8.94
CA ASP B 370 -40.34 -18.11 -7.93
C ASP B 370 -39.85 -19.34 -7.19
N LEU B 371 -39.35 -19.15 -5.96
CA LEU B 371 -38.72 -20.23 -5.20
C LEU B 371 -39.65 -21.06 -4.32
N ASP B 372 -40.38 -20.41 -3.36
CA ASP B 372 -41.29 -21.02 -2.36
C ASP B 372 -40.60 -22.03 -1.44
N ILE C 21 27.79 22.19 3.59
CA ILE C 21 27.63 21.83 5.00
C ILE C 21 26.13 21.85 5.36
N PRO C 22 25.56 20.70 5.81
CA PRO C 22 24.12 20.68 6.16
C PRO C 22 23.85 21.40 7.48
N THR C 23 22.92 22.35 7.47
CA THR C 23 22.58 23.15 8.65
C THR C 23 21.16 22.86 9.14
N SER C 24 20.37 22.15 8.32
CA SER C 24 18.99 21.80 8.62
C SER C 24 18.62 20.42 8.05
N PRO C 25 17.57 19.75 8.59
CA PRO C 25 17.19 18.44 8.05
C PRO C 25 16.50 18.54 6.68
N LEU C 26 16.39 17.40 5.99
CA LEU C 26 15.68 17.32 4.71
C LEU C 26 14.17 17.37 5.05
N ILE C 27 13.40 18.24 4.37
CA ILE C 27 11.96 18.34 4.58
C ILE C 27 11.26 17.67 3.41
N ILE C 28 10.43 16.66 3.70
CA ILE C 28 9.64 15.94 2.71
C ILE C 28 8.19 16.28 2.98
N LYS C 29 7.48 16.82 1.97
CA LYS C 29 6.08 17.12 2.12
C LYS C 29 5.29 15.91 1.59
N ILE C 30 4.73 15.10 2.52
CA ILE C 30 3.94 13.91 2.19
C ILE C 30 2.66 14.35 1.50
N THR C 31 2.30 13.71 0.39
CA THR C 31 1.10 14.01 -0.38
C THR C 31 -0.12 13.29 0.24
N GLN C 32 -1.33 13.70 -0.17
CA GLN C 32 -2.56 13.06 0.29
C GLN C 32 -2.66 11.63 -0.19
N GLN C 33 -2.21 11.36 -1.43
CA GLN C 33 -2.20 10.00 -2.01
C GLN C 33 -1.33 9.08 -1.13
N GLU C 34 -0.10 9.55 -0.74
CA GLU C 34 0.82 8.81 0.13
C GLU C 34 0.19 8.58 1.50
N ARG C 35 -0.44 9.60 2.06
CA ARG C 35 -1.14 9.50 3.35
C ARG C 35 -2.28 8.45 3.27
N ASN C 36 -3.01 8.43 2.16
CA ASN C 36 -4.09 7.48 1.97
C ASN C 36 -3.59 6.07 1.83
N ILE C 37 -2.47 5.88 1.10
CA ILE C 37 -1.86 4.57 0.96
C ILE C 37 -1.39 4.04 2.30
N LEU C 38 -0.64 4.85 3.08
CA LEU C 38 -0.16 4.51 4.42
C LEU C 38 -1.30 4.16 5.38
N SER C 39 -2.36 4.94 5.36
CA SER C 39 -3.53 4.74 6.21
C SER C 39 -4.21 3.40 5.92
N ASN C 40 -4.48 3.09 4.63
CA ASN C 40 -5.09 1.82 4.25
C ASN C 40 -4.19 0.64 4.63
N VAL C 41 -2.90 0.71 4.27
CA VAL C 41 -1.87 -0.30 4.58
C VAL C 41 -1.80 -0.54 6.12
N GLY C 42 -1.73 0.53 6.92
CA GLY C 42 -1.77 0.45 8.37
C GLY C 42 -3.04 -0.26 8.87
N ASN C 43 -4.24 0.11 8.33
CA ASN C 43 -5.49 -0.55 8.72
C ASN C 43 -5.50 -2.03 8.36
N LEU C 44 -4.96 -2.37 7.16
CA LEU C 44 -4.88 -3.73 6.66
C LEU C 44 -3.98 -4.60 7.56
N LEU C 45 -2.83 -4.03 7.99
CA LEU C 45 -1.86 -4.71 8.87
C LEU C 45 -2.45 -4.95 10.25
N VAL C 46 -3.26 -4.03 10.76
CA VAL C 46 -3.97 -4.18 12.05
C VAL C 46 -4.90 -5.40 11.96
N LYS C 47 -5.72 -5.47 10.90
CA LYS C 47 -6.66 -6.57 10.66
C LYS C 47 -5.91 -7.90 10.46
N ALA C 48 -4.82 -7.91 9.64
CA ALA C 48 -4.01 -9.08 9.34
C ALA C 48 -3.22 -9.65 10.50
N PHE C 49 -2.57 -8.79 11.32
CA PHE C 49 -1.66 -9.24 12.36
C PHE C 49 -2.02 -8.88 13.79
N GLY C 50 -3.08 -8.12 13.96
CA GLY C 50 -3.52 -7.71 15.29
C GLY C 50 -2.73 -6.54 15.82
N ASN C 51 -1.41 -6.70 16.00
CA ASN C 51 -0.53 -5.64 16.50
C ASN C 51 0.88 -5.74 15.88
N TYR C 52 1.64 -4.63 15.91
CA TYR C 52 2.97 -4.47 15.30
C TYR C 52 4.06 -5.28 16.02
N GLU C 53 3.72 -5.92 17.15
CA GLU C 53 4.68 -6.74 17.90
C GLU C 53 4.50 -8.23 17.61
N ASN C 54 3.56 -8.56 16.69
CA ASN C 54 3.28 -9.93 16.24
C ASN C 54 4.56 -10.49 15.59
N PRO C 55 5.07 -11.62 16.13
CA PRO C 55 6.32 -12.21 15.57
C PRO C 55 6.30 -12.51 14.08
N ASP C 56 5.13 -12.88 13.51
CA ASP C 56 4.96 -13.14 12.07
C ASP C 56 5.14 -11.85 11.28
N TYR C 57 4.67 -10.71 11.83
CA TYR C 57 4.80 -9.42 11.20
C TYR C 57 6.24 -8.94 11.26
N ILE C 58 6.88 -9.00 12.44
CA ILE C 58 8.27 -8.61 12.64
C ILE C 58 9.24 -9.37 11.72
N ALA C 59 9.00 -10.69 11.54
CA ALA C 59 9.81 -11.53 10.67
C ALA C 59 9.67 -11.12 9.18
N SER C 60 8.49 -10.57 8.78
CA SER C 60 8.24 -10.17 7.41
C SER C 60 8.21 -8.63 7.23
N LEU C 61 8.75 -7.87 8.22
CA LEU C 61 8.76 -6.42 8.24
C LEU C 61 9.28 -5.79 6.95
N HIS C 62 10.48 -6.19 6.51
CA HIS C 62 11.14 -5.64 5.32
C HIS C 62 10.36 -5.96 4.06
N LEU C 63 9.67 -7.12 4.03
CA LEU C 63 8.85 -7.51 2.90
C LEU C 63 7.71 -6.50 2.72
N HIS C 64 6.98 -6.23 3.82
CA HIS C 64 5.88 -5.29 3.84
C HIS C 64 6.32 -3.87 3.63
N ALA C 65 7.47 -3.46 4.17
CA ALA C 65 7.96 -2.09 3.98
C ALA C 65 8.29 -1.79 2.50
N PHE C 66 9.11 -2.65 1.85
CA PHE C 66 9.53 -2.45 0.46
C PHE C 66 8.41 -2.67 -0.55
N GLN C 67 7.47 -3.54 -0.25
CA GLN C 67 6.37 -3.75 -1.17
C GLN C 67 5.20 -2.80 -0.95
N LEU C 68 4.86 -2.46 0.31
CA LEU C 68 3.64 -1.70 0.59
C LEU C 68 3.82 -0.21 0.83
N LEU C 69 4.98 0.27 1.28
CA LEU C 69 5.11 1.72 1.47
C LEU C 69 5.08 2.51 0.17
N PRO C 70 4.54 3.78 0.16
CA PRO C 70 4.64 4.62 -1.05
C PRO C 70 6.09 4.65 -1.52
N GLU C 71 6.31 4.31 -2.79
CA GLU C 71 7.66 4.15 -3.35
C GLU C 71 8.63 5.31 -3.08
N ARG C 72 8.17 6.56 -3.09
CA ARG C 72 9.03 7.72 -2.83
C ARG C 72 9.62 7.67 -1.42
N ILE C 73 8.80 7.27 -0.43
CA ILE C 73 9.21 7.14 0.98
C ILE C 73 10.27 6.07 1.14
N THR C 74 10.07 4.92 0.48
CA THR C 74 10.98 3.79 0.45
C THR C 74 12.36 4.20 -0.12
N ARG C 75 12.36 4.96 -1.24
CA ARG C 75 13.60 5.42 -1.89
C ARG C 75 14.36 6.37 -1.00
N ILE C 76 13.66 7.31 -0.34
CA ILE C 76 14.23 8.32 0.58
C ILE C 76 14.91 7.62 1.75
N LEU C 77 14.19 6.70 2.43
CA LEU C 77 14.70 5.95 3.58
C LEU C 77 15.86 5.00 3.25
N SER C 78 15.84 4.34 2.09
CA SER C 78 16.90 3.43 1.60
C SER C 78 18.20 4.21 1.33
N GLN C 79 18.08 5.36 0.65
CA GLN C 79 19.19 6.26 0.34
C GLN C 79 19.80 6.75 1.68
N PHE C 80 18.93 7.16 2.63
CA PHE C 80 19.30 7.66 3.96
C PHE C 80 20.06 6.66 4.81
N GLY C 81 19.59 5.40 4.84
CA GLY C 81 20.17 4.34 5.65
C GLY C 81 21.66 4.10 5.46
N SER C 82 22.15 4.31 4.25
CA SER C 82 23.55 4.07 3.90
C SER C 82 24.32 5.37 3.57
N ASP C 83 23.74 6.52 3.88
CA ASP C 83 24.35 7.84 3.62
C ASP C 83 24.98 8.45 4.86
N PHE C 84 26.31 8.40 4.91
CA PHE C 84 27.07 8.99 6.02
C PHE C 84 28.01 10.06 5.47
N SER C 85 27.70 10.58 4.27
CA SER C 85 28.51 11.58 3.58
C SER C 85 28.52 12.93 4.28
N ALA C 86 29.40 13.84 3.80
CA ALA C 86 29.56 15.20 4.33
C ALA C 86 28.28 16.02 4.21
N GLU C 87 27.45 15.75 3.19
CA GLU C 87 26.22 16.49 2.90
C GLU C 87 25.01 16.02 3.72
N GLN C 88 25.10 14.83 4.34
CA GLN C 88 24.00 14.24 5.08
C GLN C 88 23.81 14.83 6.49
N TYR C 89 22.67 15.48 6.74
CA TYR C 89 22.34 16.05 8.05
C TYR C 89 22.10 14.93 9.11
N GLY C 90 21.45 13.84 8.70
CA GLY C 90 21.13 12.75 9.61
C GLY C 90 19.73 12.78 10.18
N ALA C 91 18.87 13.63 9.63
CA ALA C 91 17.47 13.74 10.03
C ALA C 91 16.63 14.12 8.82
N ILE C 92 15.40 13.60 8.77
CA ILE C 92 14.40 13.90 7.75
C ILE C 92 13.11 14.24 8.49
N VAL C 93 12.44 15.30 8.03
CA VAL C 93 11.12 15.67 8.52
C VAL C 93 10.14 15.21 7.44
N PHE C 94 9.27 14.26 7.79
CA PHE C 94 8.17 13.84 6.90
C PHE C 94 6.94 14.64 7.36
N GLN C 95 6.67 15.78 6.69
CA GLN C 95 5.55 16.68 6.98
C GLN C 95 4.25 16.01 6.56
N GLY C 96 3.30 15.92 7.49
CA GLY C 96 1.99 15.34 7.28
C GLY C 96 2.03 13.91 6.79
N LEU C 97 2.78 13.05 7.48
CA LEU C 97 2.89 11.64 7.16
C LEU C 97 1.56 10.94 7.43
N ILE C 98 0.84 11.36 8.48
CA ILE C 98 -0.47 10.80 8.84
C ILE C 98 -1.49 11.90 9.16
N GLU C 99 -2.76 11.54 9.03
CA GLU C 99 -3.91 12.35 9.44
C GLU C 99 -4.22 11.89 10.87
N VAL C 100 -4.11 12.79 11.86
CA VAL C 100 -4.45 12.40 13.22
C VAL C 100 -5.91 12.78 13.51
N ASP C 101 -6.74 11.77 13.82
CA ASP C 101 -8.14 11.95 14.23
C ASP C 101 -8.07 12.20 15.74
N GLN C 102 -8.10 13.48 16.12
CA GLN C 102 -7.96 13.92 17.51
C GLN C 102 -9.02 13.35 18.46
N ASP C 103 -10.27 13.16 17.98
CA ASP C 103 -11.37 12.63 18.79
C ASP C 103 -11.20 11.14 19.10
N ASP C 104 -10.74 10.35 18.11
CA ASP C 104 -10.49 8.93 18.26
C ASP C 104 -9.32 8.71 19.22
N LEU C 105 -8.30 9.58 19.14
CA LEU C 105 -7.11 9.58 20.02
C LEU C 105 -7.56 9.86 21.47
N GLY C 106 -8.58 10.71 21.63
CA GLY C 106 -9.14 11.10 22.92
C GLY C 106 -8.18 11.97 23.73
N PRO C 107 -8.50 12.35 24.99
CA PRO C 107 -7.54 13.19 25.74
C PRO C 107 -6.22 12.49 26.04
N THR C 108 -5.13 13.28 26.20
CA THR C 108 -3.80 12.78 26.53
C THR C 108 -3.82 12.24 27.97
N PRO C 109 -3.41 10.96 28.19
CA PRO C 109 -3.40 10.39 29.56
C PRO C 109 -2.49 11.14 30.52
N PRO C 110 -2.62 10.98 31.87
CA PRO C 110 -1.72 11.72 32.79
C PRO C 110 -0.22 11.46 32.58
N ASN C 111 0.12 10.23 32.16
CA ASN C 111 1.50 9.80 31.90
C ASN C 111 1.51 8.71 30.80
N TRP C 112 2.72 8.26 30.37
CA TRP C 112 2.87 7.25 29.33
C TRP C 112 2.25 5.90 29.67
N GLN C 113 2.15 5.58 30.97
CA GLN C 113 1.59 4.33 31.49
C GLN C 113 0.11 4.17 31.18
N GLY C 114 -0.57 5.28 30.93
CA GLY C 114 -2.00 5.36 30.65
C GLY C 114 -2.37 5.45 29.18
N ALA C 115 -1.37 5.28 28.29
CA ALA C 115 -1.55 5.34 26.84
C ALA C 115 -2.39 4.16 26.38
N ASP C 116 -3.34 4.45 25.47
CA ASP C 116 -4.23 3.47 24.88
C ASP C 116 -3.59 2.98 23.58
N TYR C 117 -2.80 1.89 23.68
CA TYR C 117 -2.09 1.35 22.53
C TYR C 117 -3.07 0.78 21.49
N GLY C 118 -4.34 0.57 21.86
CA GLY C 118 -5.39 0.17 20.92
C GLY C 118 -5.61 1.26 19.89
N LYS C 119 -5.54 2.53 20.36
CA LYS C 119 -5.64 3.74 19.51
C LYS C 119 -4.31 4.07 18.78
N LEU C 120 -3.18 3.47 19.20
CA LEU C 120 -1.86 3.76 18.64
C LEU C 120 -1.34 2.67 17.72
N ASN C 121 -2.03 1.53 17.73
CA ASN C 121 -1.71 0.31 17.00
C ASN C 121 -1.37 0.52 15.53
N LYS C 122 -2.23 1.24 14.82
CA LYS C 122 -2.05 1.59 13.42
C LYS C 122 -0.77 2.44 13.23
N TYR C 123 -0.51 3.39 14.14
CA TYR C 123 0.68 4.24 14.11
C TYR C 123 1.95 3.43 14.27
N GLY C 124 1.90 2.40 15.14
CA GLY C 124 3.00 1.48 15.37
C GLY C 124 3.37 0.74 14.12
N PHE C 125 2.35 0.33 13.34
CA PHE C 125 2.55 -0.35 12.05
C PHE C 125 3.23 0.60 11.06
N ILE C 126 2.72 1.82 10.94
CA ILE C 126 3.28 2.83 10.03
C ILE C 126 4.73 3.14 10.36
N CYS C 127 5.03 3.38 11.65
CA CYS C 127 6.39 3.67 12.09
C CYS C 127 7.36 2.51 11.84
N SER C 128 6.92 1.24 12.14
CA SER C 128 7.77 0.07 11.93
C SER C 128 8.09 -0.12 10.45
N LEU C 129 7.13 0.22 9.55
CA LEU C 129 7.35 0.14 8.09
C LEU C 129 8.44 1.12 7.67
N LEU C 130 8.47 2.31 8.24
CA LEU C 130 9.51 3.30 7.93
C LEU C 130 10.91 2.80 8.34
N HIS C 131 11.02 2.21 9.55
CA HIS C 131 12.27 1.62 10.03
C HIS C 131 12.66 0.45 9.12
N GLY C 132 11.67 -0.38 8.76
CA GLY C 132 11.83 -1.52 7.88
C GLY C 132 12.41 -1.20 6.50
N ALA C 133 12.19 0.02 6.01
CA ALA C 133 12.67 0.50 4.71
C ALA C 133 14.08 1.07 4.73
N VAL C 134 14.68 1.23 5.89
CA VAL C 134 16.05 1.78 6.04
C VAL C 134 17.13 0.87 5.37
N PRO C 135 17.15 -0.49 5.50
CA PRO C 135 16.34 -1.35 6.39
C PRO C 135 16.90 -1.36 7.82
N SER C 136 16.04 -1.44 8.80
CA SER C 136 16.42 -1.43 10.20
C SER C 136 15.31 -2.14 10.97
N LYS C 137 15.65 -2.75 12.09
CA LYS C 137 14.71 -3.55 12.87
C LYS C 137 14.33 -2.92 14.18
N PRO C 138 13.02 -2.61 14.40
CA PRO C 138 12.60 -2.07 15.70
C PRO C 138 13.02 -2.95 16.86
N VAL C 139 13.53 -2.34 17.92
CA VAL C 139 14.02 -3.02 19.11
C VAL C 139 13.46 -2.35 20.33
N GLN C 140 13.62 -2.99 21.49
CA GLN C 140 13.28 -2.35 22.77
C GLN C 140 14.45 -2.53 23.73
N TYR C 141 14.57 -1.63 24.69
CA TYR C 141 15.66 -1.58 25.67
C TYR C 141 15.13 -1.74 27.05
N TYR C 142 15.77 -2.60 27.85
CA TYR C 142 15.40 -2.75 29.26
C TYR C 142 15.68 -1.40 29.99
N ALA C 143 16.73 -0.66 29.53
CA ALA C 143 17.15 0.66 30.05
C ALA C 143 16.05 1.72 29.91
N GLN C 144 15.08 1.47 29.02
CA GLN C 144 13.96 2.39 28.79
C GLN C 144 12.63 1.70 29.10
N ARG C 145 12.09 1.99 30.30
CA ARG C 145 10.80 1.52 30.82
C ARG C 145 10.73 -0.03 30.90
N LYS C 146 11.88 -0.70 31.17
CA LYS C 146 12.01 -2.17 31.26
C LYS C 146 11.49 -2.82 29.97
N GLY C 147 11.87 -2.22 28.84
CA GLY C 147 11.40 -2.57 27.51
C GLY C 147 10.33 -1.58 27.09
N GLY C 148 9.12 -1.78 27.62
CA GLY C 148 7.97 -0.92 27.36
C GLY C 148 7.35 -1.03 25.97
N GLY C 149 7.82 -2.02 25.19
CA GLY C 149 7.35 -2.26 23.83
C GLY C 149 8.13 -1.51 22.76
N LEU C 150 7.85 -1.81 21.49
CA LEU C 150 8.52 -1.21 20.33
C LEU C 150 8.14 0.25 20.09
N LEU C 151 6.97 0.66 20.59
CA LEU C 151 6.44 2.00 20.43
C LEU C 151 6.17 2.64 21.79
N HIS C 152 6.79 3.80 22.03
CA HIS C 152 6.66 4.50 23.28
C HIS C 152 5.87 5.78 23.12
N ALA C 153 4.87 5.98 23.99
CA ALA C 153 4.14 7.23 24.01
C ALA C 153 4.97 8.17 24.91
N VAL C 154 5.35 9.32 24.39
CA VAL C 154 6.14 10.34 25.11
C VAL C 154 5.13 11.44 25.49
N ILE C 155 4.77 11.45 26.78
CA ILE C 155 3.74 12.33 27.34
C ILE C 155 4.25 13.14 28.54
N PRO C 156 3.96 14.45 28.63
CA PRO C 156 4.40 15.22 29.81
C PRO C 156 3.62 14.82 31.06
N ASP C 157 4.34 14.29 32.05
CA ASP C 157 3.81 13.86 33.36
C ASP C 157 4.08 15.02 34.31
N GLU C 158 3.04 15.41 35.08
CA GLU C 158 3.08 16.50 36.06
C GLU C 158 4.04 16.22 37.22
N LYS C 159 4.16 14.93 37.63
CA LYS C 159 5.07 14.48 38.71
C LYS C 159 6.53 14.52 38.26
N MET C 160 6.77 14.49 36.94
CA MET C 160 8.09 14.51 36.30
C MET C 160 8.33 15.81 35.50
N ALA C 161 7.54 16.88 35.79
CA ALA C 161 7.58 18.19 35.14
C ALA C 161 9.00 18.82 35.04
N ALA C 162 9.79 18.73 36.14
CA ALA C 162 11.12 19.32 36.22
C ALA C 162 12.29 18.35 35.90
N THR C 163 11.99 17.15 35.38
CA THR C 163 13.01 16.13 35.07
C THR C 163 13.51 16.21 33.61
N GLN C 164 14.77 15.78 33.41
CA GLN C 164 15.45 15.76 32.10
C GLN C 164 15.14 14.40 31.42
N THR C 165 13.83 14.16 31.17
CA THR C 165 13.28 12.96 30.52
C THR C 165 12.17 13.36 29.54
N GLY C 166 11.64 12.38 28.81
CA GLY C 166 10.53 12.53 27.87
C GLY C 166 9.23 12.89 28.56
N SER C 167 9.12 12.50 29.85
CA SER C 167 7.99 12.80 30.74
C SER C 167 8.11 14.22 31.32
N GLY C 168 9.27 14.85 31.05
CA GLY C 168 9.60 16.22 31.45
C GLY C 168 8.80 17.26 30.68
N SER C 169 8.75 18.50 31.21
CA SER C 169 7.99 19.58 30.60
C SER C 169 8.57 20.97 30.86
N LYS C 170 8.51 21.49 32.08
CA LYS C 170 8.96 22.81 32.53
C LYS C 170 10.44 23.13 32.23
N THR C 171 11.28 22.09 32.06
CA THR C 171 12.71 22.29 31.77
C THR C 171 13.09 21.89 30.34
N ASP C 172 14.06 22.63 29.76
CA ASP C 172 14.62 22.41 28.43
C ASP C 172 15.24 21.02 28.37
N LEU C 173 14.95 20.27 27.30
CA LEU C 173 15.57 18.96 27.09
C LEU C 173 16.73 19.21 26.13
N PHE C 174 17.97 19.36 26.69
CA PHE C 174 19.20 19.65 25.94
C PHE C 174 19.46 18.59 24.87
N VAL C 175 20.11 19.00 23.76
CA VAL C 175 20.44 18.09 22.64
C VAL C 175 21.31 16.91 23.10
N HIS C 176 20.88 15.71 22.72
CA HIS C 176 21.51 14.44 23.01
C HIS C 176 21.14 13.42 21.93
N THR C 177 22.03 12.44 21.74
CA THR C 177 21.78 11.28 20.92
C THR C 177 21.11 10.33 21.94
N GLU C 178 20.17 9.50 21.51
CA GLU C 178 19.48 8.56 22.38
C GLU C 178 20.43 7.50 22.93
N ASP C 179 20.34 7.27 24.25
CA ASP C 179 21.12 6.29 25.02
C ASP C 179 22.64 6.35 24.74
N ALA C 180 23.26 7.53 24.95
CA ALA C 180 24.71 7.76 24.82
C ALA C 180 25.52 6.86 25.76
N PHE C 181 24.88 6.37 26.85
CA PHE C 181 25.47 5.49 27.87
C PHE C 181 25.50 4.02 27.44
N LEU C 182 24.88 3.65 26.29
CA LEU C 182 24.87 2.27 25.77
C LEU C 182 25.79 2.12 24.57
N SER C 183 26.54 1.03 24.48
CA SER C 183 27.40 0.72 23.33
C SER C 183 26.54 0.32 22.14
N ASN C 184 25.32 -0.20 22.42
CA ASN C 184 24.35 -0.64 21.41
C ASN C 184 23.12 0.25 21.36
N GLN C 185 23.33 1.58 21.39
CA GLN C 185 22.27 2.58 21.32
C GLN C 185 21.56 2.44 19.97
N ALA C 186 20.35 2.97 19.85
CA ALA C 186 19.57 2.88 18.61
C ALA C 186 20.36 3.42 17.42
N ASP C 187 20.16 2.81 16.24
CA ASP C 187 20.79 3.27 15.01
C ASP C 187 19.91 4.37 14.42
N PHE C 188 18.57 4.12 14.46
CA PHE C 188 17.55 5.01 13.92
C PHE C 188 16.42 5.23 14.89
N LEU C 189 15.89 6.45 14.87
CA LEU C 189 14.78 6.86 15.72
C LEU C 189 13.73 7.52 14.87
N SER C 190 12.47 7.35 15.29
CA SER C 190 11.37 8.05 14.68
C SER C 190 10.58 8.71 15.80
N PHE C 191 10.16 9.96 15.59
CA PHE C 191 9.34 10.73 16.52
C PHE C 191 8.10 11.14 15.75
N LEU C 192 6.96 10.52 16.06
CA LEU C 192 5.70 10.84 15.41
C LEU C 192 4.89 11.76 16.34
N TYR C 193 4.60 12.98 15.87
CA TYR C 193 3.84 13.97 16.66
C TYR C 193 2.36 13.81 16.45
N LEU C 194 1.66 13.47 17.53
CA LEU C 194 0.21 13.30 17.49
C LEU C 194 -0.47 14.62 17.80
N ARG C 195 0.11 15.37 18.75
CA ARG C 195 -0.31 16.67 19.26
C ARG C 195 0.89 17.50 19.64
N ASN C 196 0.90 18.76 19.22
CA ASN C 196 1.90 19.75 19.59
C ASN C 196 1.20 21.12 19.59
N GLU C 197 0.11 21.19 20.37
CA GLU C 197 -0.73 22.38 20.50
C GLU C 197 -0.03 23.50 21.28
N GLU C 198 0.99 23.16 22.08
CA GLU C 198 1.81 24.10 22.85
C GLU C 198 2.83 24.81 21.90
N ARG C 199 2.96 24.29 20.64
CA ARG C 199 3.84 24.76 19.56
C ARG C 199 5.32 24.71 19.96
N VAL C 200 5.70 23.60 20.61
CA VAL C 200 7.06 23.29 21.07
C VAL C 200 7.95 23.01 19.85
N PRO C 201 9.09 23.73 19.71
CA PRO C 201 9.99 23.47 18.59
C PRO C 201 10.79 22.17 18.80
N SER C 202 11.05 21.49 17.70
CA SER C 202 11.90 20.31 17.72
C SER C 202 13.33 20.84 17.54
N THR C 203 14.24 20.38 18.39
CA THR C 203 15.59 20.86 18.27
C THR C 203 16.48 19.70 17.81
N LEU C 204 17.29 19.97 16.79
CA LEU C 204 18.19 19.00 16.20
C LEU C 204 19.59 19.55 16.11
N TYR C 205 20.59 18.67 16.25
CA TYR C 205 21.98 19.05 16.13
C TYR C 205 22.72 17.93 15.39
N SER C 206 23.34 18.27 14.26
CA SER C 206 24.10 17.32 13.45
C SER C 206 25.60 17.54 13.58
N ILE C 207 26.36 16.45 13.74
CA ILE C 207 27.83 16.48 13.75
C ILE C 207 28.35 17.00 12.38
N ARG C 208 27.57 16.80 11.31
CA ARG C 208 27.91 17.23 9.96
C ARG C 208 27.83 18.75 9.77
N SER C 209 27.11 19.46 10.67
CA SER C 209 27.00 20.92 10.67
C SER C 209 28.35 21.61 10.95
N HIS C 210 29.32 20.85 11.51
CA HIS C 210 30.67 21.34 11.82
C HIS C 210 31.57 21.46 10.59
N GLY C 211 31.26 20.69 9.55
CA GLY C 211 32.12 20.63 8.39
C GLY C 211 33.34 19.74 8.65
N LYS C 212 34.52 20.11 8.12
CA LYS C 212 35.75 19.34 8.28
C LYS C 212 36.22 19.24 9.73
N MET C 213 36.90 18.12 10.07
CA MET C 213 37.46 17.82 11.38
C MET C 213 38.56 18.76 11.74
N ASN C 214 38.35 19.44 12.85
CA ASN C 214 39.25 20.42 13.42
C ASN C 214 39.87 19.88 14.75
N PRO C 215 40.86 20.59 15.36
CA PRO C 215 41.47 20.08 16.60
C PRO C 215 40.54 19.88 17.80
N VAL C 216 39.46 20.69 17.90
CA VAL C 216 38.48 20.59 18.98
C VAL C 216 37.77 19.23 18.86
N MET C 217 37.31 18.89 17.64
CA MET C 217 36.63 17.63 17.36
C MET C 217 37.55 16.42 17.50
N LYS C 218 38.82 16.50 17.04
CA LYS C 218 39.78 15.39 17.10
C LYS C 218 39.99 14.78 18.51
N LYS C 219 40.00 15.63 19.54
CA LYS C 219 40.11 15.22 20.93
C LYS C 219 38.95 14.33 21.38
N LEU C 220 37.79 14.40 20.69
CA LEU C 220 36.59 13.63 21.04
C LEU C 220 36.67 12.16 20.65
N PHE C 221 37.68 11.78 19.81
CA PHE C 221 37.92 10.40 19.40
C PHE C 221 38.59 9.61 20.55
N GLU C 222 39.16 10.30 21.55
CA GLU C 222 39.84 9.69 22.70
C GLU C 222 38.80 9.01 23.61
N PRO C 223 39.00 7.72 24.00
CA PRO C 223 37.98 7.06 24.84
C PRO C 223 38.13 7.40 26.32
N ILE C 224 38.07 8.72 26.63
CA ILE C 224 38.30 9.30 27.96
C ILE C 224 37.07 9.96 28.59
N TYR C 225 35.90 9.85 27.96
CA TYR C 225 34.69 10.52 28.41
C TYR C 225 33.71 9.65 29.17
N GLN C 226 33.13 10.20 30.23
CA GLN C 226 32.08 9.53 30.98
C GLN C 226 30.77 9.70 30.21
N CYS C 227 30.01 8.61 30.08
CA CYS C 227 28.70 8.62 29.44
C CYS C 227 27.74 8.14 30.53
N PRO C 228 27.33 9.01 31.51
CA PRO C 228 26.50 8.54 32.62
C PRO C 228 25.14 7.95 32.22
N LYS C 229 24.78 6.79 32.83
CA LYS C 229 23.52 6.09 32.56
C LYS C 229 22.28 6.86 33.08
N ASP C 230 22.42 7.51 34.26
CA ASP C 230 21.41 8.30 34.96
C ASP C 230 22.00 9.63 35.44
N ASN C 240 34.77 1.52 42.96
CA ASN C 240 34.24 1.32 41.61
C ASN C 240 34.15 2.60 40.79
N SER C 241 34.79 2.58 39.60
CA SER C 241 34.79 3.69 38.64
C SER C 241 34.06 3.24 37.39
N GLY C 242 33.36 4.19 36.78
CA GLY C 242 32.59 3.90 35.58
C GLY C 242 33.44 3.80 34.33
N PRO C 243 33.04 3.00 33.32
CA PRO C 243 33.80 2.94 32.05
C PRO C 243 33.64 4.22 31.20
N THR C 244 34.67 4.53 30.43
CA THR C 244 34.70 5.70 29.58
C THR C 244 34.55 5.31 28.12
N ALA C 245 34.11 6.26 27.27
CA ALA C 245 33.98 6.04 25.84
C ALA C 245 34.39 7.28 25.05
N SER C 246 34.46 7.16 23.72
CA SER C 246 34.76 8.22 22.76
C SER C 246 33.45 8.95 22.44
N VAL C 247 33.51 10.26 22.26
CA VAL C 247 32.32 11.01 21.87
C VAL C 247 32.18 10.86 20.34
N LEU C 248 33.29 10.90 19.61
CA LEU C 248 33.31 10.70 18.16
C LEU C 248 33.92 9.34 17.86
N TYR C 249 33.41 8.66 16.83
CA TYR C 249 33.88 7.32 16.44
C TYR C 249 33.51 7.11 14.97
N GLY C 250 33.78 5.92 14.44
CA GLY C 250 33.51 5.61 13.05
C GLY C 250 34.62 6.15 12.16
N ASN C 251 34.25 6.75 11.04
CA ASN C 251 35.23 7.31 10.12
C ASN C 251 35.90 8.54 10.70
N ARG C 252 37.21 8.63 10.57
CA ARG C 252 38.01 9.74 11.12
C ARG C 252 37.71 11.10 10.50
N GLU C 253 37.33 11.13 9.22
CA GLU C 253 37.02 12.37 8.51
C GLU C 253 35.56 12.76 8.66
N LEU C 254 34.64 11.78 8.59
CA LEU C 254 33.18 11.97 8.66
C LEU C 254 32.67 11.06 9.79
N PRO C 255 32.82 11.50 11.06
CA PRO C 255 32.50 10.63 12.18
C PRO C 255 31.04 10.47 12.57
N PHE C 256 30.82 9.54 13.51
CA PHE C 256 29.57 9.31 14.20
C PHE C 256 29.74 9.91 15.60
N ILE C 257 28.63 10.19 16.30
CA ILE C 257 28.63 10.82 17.60
C ILE C 257 27.71 10.13 18.61
N ARG C 258 28.16 10.10 19.88
CA ARG C 258 27.40 9.73 21.06
C ARG C 258 27.60 10.90 22.02
N PHE C 259 26.54 11.66 22.28
CA PHE C 259 26.66 12.89 23.08
C PHE C 259 25.38 13.23 23.81
N ASP C 260 25.54 13.68 25.07
CA ASP C 260 24.44 14.13 25.92
C ASP C 260 24.94 15.32 26.72
N ALA C 261 24.62 16.54 26.26
CA ALA C 261 25.06 17.79 26.89
C ALA C 261 24.69 17.87 28.38
N ALA C 262 23.41 17.59 28.71
CA ALA C 262 22.92 17.61 30.09
C ALA C 262 23.62 16.62 31.00
N GLU C 263 23.79 15.36 30.54
CA GLU C 263 24.41 14.32 31.35
C GLU C 263 25.93 14.38 31.40
N GLN C 264 26.60 14.68 30.27
CA GLN C 264 28.07 14.69 30.21
C GLN C 264 28.72 16.01 30.59
N ILE C 265 28.03 17.15 30.39
CA ILE C 265 28.61 18.46 30.67
C ILE C 265 27.93 19.17 31.87
N PHE C 266 26.64 19.47 31.75
CA PHE C 266 25.86 20.20 32.75
C PHE C 266 25.30 19.28 33.84
N ASN C 267 26.20 18.53 34.49
CA ASN C 267 25.90 17.55 35.54
C ASN C 267 27.13 17.46 36.42
N GLU C 268 27.00 17.94 37.68
CA GLU C 268 28.08 17.93 38.66
C GLU C 268 28.56 16.52 38.97
N ASN C 269 27.63 15.55 38.95
CA ASN C 269 27.91 14.14 39.22
C ASN C 269 28.34 13.33 37.99
N ALA C 270 28.71 14.01 36.86
CA ALA C 270 29.17 13.32 35.63
C ALA C 270 30.51 12.58 35.85
N GLY C 271 31.34 13.12 36.75
CA GLY C 271 32.63 12.55 37.11
C GLY C 271 33.67 12.59 36.01
N GLN C 272 33.65 13.66 35.19
CA GLN C 272 34.61 13.82 34.11
C GLN C 272 35.96 14.25 34.65
N THR C 273 37.05 13.83 33.97
CA THR C 273 38.41 14.26 34.30
C THR C 273 38.48 15.74 33.86
N SER C 274 39.43 16.49 34.41
CA SER C 274 39.66 17.89 34.07
C SER C 274 39.86 18.06 32.54
N GLU C 275 40.69 17.17 31.95
CA GLU C 275 41.01 17.14 30.53
C GLU C 275 39.75 16.87 29.70
N ALA C 276 38.96 15.82 30.07
CA ALA C 276 37.74 15.43 29.36
C ALA C 276 36.69 16.54 29.40
N LEU C 277 36.45 17.15 30.58
CA LEU C 277 35.51 18.24 30.73
C LEU C 277 35.91 19.44 29.88
N GLY C 278 37.18 19.79 29.87
CA GLY C 278 37.71 20.88 29.05
C GLY C 278 37.43 20.65 27.57
N ASN C 279 37.69 19.43 27.08
CA ASN C 279 37.48 19.02 25.69
C ASN C 279 36.00 19.11 25.31
N LEU C 280 35.11 18.67 26.22
CA LEU C 280 33.66 18.69 26.06
C LEU C 280 33.14 20.11 26.04
N MET C 281 33.68 20.98 26.93
CA MET C 281 33.32 22.39 27.01
C MET C 281 33.65 23.09 25.70
N ASP C 282 34.85 22.85 25.16
CA ASP C 282 35.36 23.43 23.93
C ASP C 282 34.51 23.00 22.76
N PHE C 283 34.10 21.72 22.76
CA PHE C 283 33.24 21.13 21.75
C PHE C 283 31.86 21.76 21.81
N TRP C 284 31.28 21.83 23.03
CA TRP C 284 29.97 22.43 23.25
C TRP C 284 29.87 23.87 22.78
N ASP C 285 30.95 24.65 22.92
CA ASP C 285 31.00 26.05 22.48
C ASP C 285 30.79 26.17 20.99
N GLU C 286 31.40 25.26 20.26
CA GLU C 286 31.34 25.17 18.82
C GLU C 286 29.98 24.59 18.38
N ALA C 287 29.53 23.51 19.04
CA ALA C 287 28.29 22.79 18.75
C ALA C 287 26.99 23.57 19.01
N LYS C 288 26.92 24.35 20.09
CA LYS C 288 25.70 25.08 20.47
C LYS C 288 25.25 26.10 19.43
N THR C 289 26.21 26.68 18.66
CA THR C 289 25.94 27.67 17.61
C THR C 289 25.30 27.02 16.37
N LEU C 290 25.37 25.67 16.30
CA LEU C 290 24.87 24.87 15.18
C LEU C 290 23.52 24.20 15.44
N ILE C 291 22.99 24.31 16.70
CA ILE C 291 21.68 23.72 17.05
C ILE C 291 20.58 24.36 16.22
N ASN C 292 19.70 23.53 15.62
CA ASN C 292 18.59 24.00 14.80
C ASN C 292 17.24 23.73 15.50
N SER C 293 16.54 24.82 15.85
CA SER C 293 15.24 24.81 16.53
C SER C 293 14.14 25.46 15.65
N ASP C 294 14.39 25.57 14.33
CA ASP C 294 13.49 26.19 13.37
C ASP C 294 12.19 25.42 13.15
N TYR C 295 12.25 24.10 13.19
CA TYR C 295 11.05 23.33 12.93
C TYR C 295 10.12 23.13 14.13
N ILE C 296 8.85 23.54 13.95
CA ILE C 296 7.79 23.34 14.94
C ILE C 296 6.86 22.26 14.36
N PRO C 297 6.92 21.02 14.89
CA PRO C 297 6.08 19.96 14.34
C PRO C 297 4.59 20.17 14.49
N ASN C 298 3.84 19.77 13.48
CA ASN C 298 2.39 19.78 13.50
C ASN C 298 1.92 18.35 13.68
N SER C 299 0.68 18.20 14.08
CA SER C 299 0.02 16.92 14.25
C SER C 299 0.17 16.11 12.91
N GLY C 300 0.73 14.91 13.01
CA GLY C 300 0.92 14.07 11.84
C GLY C 300 2.29 14.12 11.20
N ASP C 301 3.19 14.98 11.72
CA ASP C 301 4.58 15.04 11.25
C ASP C 301 5.39 13.96 11.95
N LEU C 302 6.38 13.41 11.21
CA LEU C 302 7.30 12.43 11.74
C LEU C 302 8.73 12.87 11.47
N ILE C 303 9.57 12.90 12.51
CA ILE C 303 10.99 13.19 12.37
C ILE C 303 11.74 11.86 12.46
N PHE C 304 12.49 11.53 11.38
CA PHE C 304 13.28 10.30 11.25
C PHE C 304 14.76 10.67 11.39
N VAL C 305 15.44 10.03 12.35
CA VAL C 305 16.80 10.40 12.73
C VAL C 305 17.78 9.24 12.68
N ASN C 306 19.00 9.51 12.15
CA ASN C 306 20.14 8.62 12.21
C ASN C 306 20.78 9.05 13.55
N ASN C 307 20.61 8.19 14.56
CA ASN C 307 21.06 8.43 15.92
C ASN C 307 22.62 8.47 16.07
N HIS C 308 23.34 8.20 14.98
CA HIS C 308 24.82 8.26 14.97
C HIS C 308 25.30 9.57 14.35
N LEU C 309 24.38 10.33 13.77
CA LEU C 309 24.73 11.61 13.14
C LEU C 309 24.09 12.83 13.77
N CYS C 310 22.89 12.66 14.30
CA CYS C 310 22.05 13.76 14.73
C CYS C 310 21.50 13.58 16.12
N ALA C 311 21.72 14.57 16.98
CA ALA C 311 21.22 14.66 18.34
C ALA C 311 19.87 15.41 18.31
N HIS C 312 19.03 15.16 19.30
CA HIS C 312 17.73 15.81 19.41
C HIS C 312 17.49 16.35 20.79
N GLY C 313 16.48 17.18 20.91
CA GLY C 313 16.01 17.78 22.14
C GLY C 313 14.70 18.51 21.88
N ARG C 314 14.25 19.27 22.87
CA ARG C 314 13.05 20.10 22.79
C ARG C 314 13.14 21.21 23.82
N SER C 315 12.48 22.33 23.49
CA SER C 315 12.48 23.57 24.27
C SER C 315 11.63 23.61 25.51
N ALA C 316 10.84 22.58 25.80
CA ALA C 316 10.01 22.59 27.00
C ALA C 316 8.88 23.64 26.96
N PHE C 317 8.35 24.04 28.16
CA PHE C 317 7.25 25.01 28.33
C PHE C 317 5.93 24.47 27.72
N ILE C 318 5.55 23.24 28.12
CA ILE C 318 4.42 22.51 27.55
C ILE C 318 3.11 22.67 28.40
N ALA C 319 2.77 21.59 29.14
CA ALA C 319 1.65 21.35 30.04
C ALA C 319 0.23 21.73 29.54
N GLY C 320 -0.18 21.45 28.29
CA GLY C 320 -1.55 21.78 27.91
C GLY C 320 -1.91 23.25 27.81
N GLN C 321 -0.93 24.05 27.40
CA GLN C 321 -1.05 25.49 27.21
C GLN C 321 -0.01 26.05 26.28
N ARG C 322 -0.35 27.16 25.61
CA ARG C 322 0.51 27.80 24.64
C ARG C 322 0.70 29.29 24.89
N CYS C 331 -4.98 23.90 26.10
CA CYS C 331 -5.04 22.93 24.98
C CYS C 331 -4.78 21.50 25.44
N GLU C 332 -4.99 20.51 24.53
CA GLU C 332 -4.66 19.13 24.85
C GLU C 332 -3.13 19.00 24.97
N ARG C 333 -2.68 18.20 25.94
CA ARG C 333 -1.26 18.03 26.23
C ARG C 333 -0.51 17.30 25.12
N ARG C 334 0.80 17.67 24.96
CA ARG C 334 1.73 17.13 23.95
C ARG C 334 1.81 15.61 23.97
N GLN C 335 1.74 15.02 22.78
CA GLN C 335 1.78 13.58 22.63
C GLN C 335 2.57 13.23 21.39
N MET C 336 3.66 12.51 21.61
CA MET C 336 4.57 12.08 20.56
C MET C 336 4.87 10.57 20.75
N LEU C 337 5.05 9.84 19.64
CA LEU C 337 5.35 8.41 19.66
C LEU C 337 6.79 8.17 19.19
N ARG C 338 7.57 7.45 20.00
CA ARG C 338 8.96 7.12 19.73
C ARG C 338 9.17 5.62 19.44
N MET C 339 9.90 5.35 18.36
CA MET C 339 10.28 4.00 17.95
C MET C 339 11.78 4.03 17.64
N MET C 340 12.50 2.97 18.10
CA MET C 340 13.94 2.82 17.93
C MET C 340 14.25 1.53 17.19
N SER C 341 15.29 1.56 16.35
CA SER C 341 15.68 0.38 15.59
C SER C 341 17.20 0.19 15.48
N LYS C 342 17.60 -1.04 15.16
CA LYS C 342 18.98 -1.47 14.94
C LYS C 342 19.06 -2.16 13.60
N THR C 343 20.09 -1.84 12.80
CA THR C 343 20.30 -2.40 11.46
C THR C 343 20.83 -3.84 11.49
N SER C 344 21.38 -4.28 12.62
CA SER C 344 21.90 -5.61 12.76
C SER C 344 21.53 -6.29 14.06
N LEU C 345 20.83 -7.42 13.98
CA LEU C 345 20.54 -8.25 15.14
C LEU C 345 21.82 -9.06 15.56
N ILE C 346 22.74 -9.28 14.60
CA ILE C 346 23.99 -10.03 14.81
C ILE C 346 24.90 -9.33 15.83
N HIS C 347 25.28 -8.08 15.55
CA HIS C 347 26.20 -7.25 16.33
C HIS C 347 25.74 -7.01 17.77
N ILE C 348 24.42 -6.98 18.04
CA ILE C 348 23.83 -6.78 19.36
C ILE C 348 23.51 -8.11 20.07
N ARG C 349 23.75 -9.28 19.42
CA ARG C 349 23.36 -10.58 19.96
C ARG C 349 23.90 -10.91 21.38
N SER C 350 25.09 -10.43 21.74
CA SER C 350 25.60 -10.67 23.10
C SER C 350 24.85 -9.87 24.20
N VAL C 351 24.03 -8.87 23.82
CA VAL C 351 23.30 -8.09 24.81
C VAL C 351 21.76 -8.28 24.75
N THR C 352 21.26 -9.11 23.81
CA THR C 352 19.81 -9.34 23.70
C THR C 352 19.37 -10.58 24.46
N ARG C 353 18.07 -10.66 24.81
CA ARG C 353 17.48 -11.82 25.49
C ARG C 353 17.66 -13.07 24.61
N THR C 354 17.96 -14.21 25.23
CA THR C 354 18.13 -15.47 24.51
C THR C 354 16.91 -15.80 23.62
N ASP C 355 15.67 -15.67 24.19
N ASP C 355 15.68 -15.68 24.16
CA ASP C 355 14.39 -15.94 23.54
CA ASP C 355 14.49 -16.01 23.35
C ASP C 355 13.83 -14.74 22.73
C ASP C 355 13.93 -14.78 22.59
N ASP C 356 14.53 -13.58 22.76
CA ASP C 356 14.11 -12.37 22.03
C ASP C 356 15.30 -11.55 21.52
N PRO C 357 15.77 -11.80 20.27
CA PRO C 357 16.91 -11.03 19.75
C PRO C 357 16.64 -9.55 19.44
N TYR C 358 15.42 -9.07 19.73
CA TYR C 358 15.01 -7.67 19.53
C TYR C 358 14.96 -6.91 20.85
N PHE C 359 15.24 -7.61 21.97
CA PHE C 359 15.18 -7.04 23.30
C PHE C 359 16.56 -6.88 23.91
N ILE C 360 17.05 -5.64 23.92
CA ILE C 360 18.38 -5.28 24.44
C ILE C 360 18.38 -5.13 25.98
N MET C 361 19.24 -5.91 26.63
CA MET C 361 19.45 -6.02 28.07
C MET C 361 20.67 -5.26 28.56
N GLU C 362 21.33 -4.50 27.67
CA GLU C 362 22.49 -3.69 28.03
C GLU C 362 22.10 -2.59 29.03
N GLU C 363 22.89 -2.45 30.10
CA GLU C 363 22.73 -1.47 31.16
C GLU C 363 23.63 -0.21 30.95
N HIS C 364 24.94 -0.40 30.71
CA HIS C 364 25.90 0.71 30.57
C HIS C 364 27.19 0.26 29.89
N LEU C 365 27.52 0.87 28.74
CA LEU C 365 28.72 0.66 27.92
C LEU C 365 29.28 -0.78 27.96
N GLY C 366 28.44 -1.74 27.59
CA GLY C 366 28.84 -3.15 27.57
C GLY C 366 28.26 -3.99 28.68
N LYS C 367 28.17 -3.41 29.90
CA LYS C 367 27.59 -4.08 31.06
C LYS C 367 26.11 -4.36 30.80
N ILE C 368 25.67 -5.57 31.15
CA ILE C 368 24.31 -6.06 31.03
C ILE C 368 23.66 -6.05 32.43
N PHE C 369 22.32 -5.78 32.51
CA PHE C 369 21.54 -5.77 33.75
C PHE C 369 21.73 -7.08 34.53
N ASP C 370 21.89 -6.97 35.85
CA ASP C 370 22.13 -8.11 36.75
C ASP C 370 20.86 -8.91 37.05
N LEU C 371 19.76 -8.22 37.40
CA LEU C 371 18.42 -8.72 37.72
C LEU C 371 18.41 -9.70 38.93
N ASP C 372 18.15 -11.01 38.74
CA ASP C 372 18.06 -11.95 39.87
C ASP C 372 19.25 -12.91 39.96
N THR D 18 15.86 -30.51 25.03
CA THR D 18 15.54 -31.68 24.21
C THR D 18 14.81 -31.27 22.87
N LEU D 19 15.50 -30.40 22.07
CA LEU D 19 15.05 -29.85 20.77
C LEU D 19 15.67 -30.67 19.61
N GLU D 20 15.44 -30.29 18.32
CA GLU D 20 15.99 -31.01 17.15
C GLU D 20 17.32 -30.36 16.66
N ILE D 21 18.45 -31.02 16.95
CA ILE D 21 19.81 -30.56 16.60
C ILE D 21 20.01 -30.61 15.07
N PRO D 22 20.32 -29.48 14.41
CA PRO D 22 20.52 -29.52 12.94
C PRO D 22 21.85 -30.15 12.57
N THR D 23 21.80 -31.17 11.70
CA THR D 23 23.01 -31.90 11.28
C THR D 23 23.34 -31.66 9.81
N SER D 24 22.40 -31.05 9.07
CA SER D 24 22.56 -30.79 7.64
C SER D 24 21.86 -29.48 7.26
N PRO D 25 22.25 -28.83 6.13
CA PRO D 25 21.56 -27.59 5.73
C PRO D 25 20.15 -27.81 5.22
N LEU D 26 19.35 -26.74 5.15
CA LEU D 26 18.00 -26.81 4.56
C LEU D 26 18.18 -26.92 3.05
N ILE D 27 17.49 -27.88 2.41
CA ILE D 27 17.55 -28.05 0.94
C ILE D 27 16.26 -27.52 0.34
N ILE D 28 16.39 -26.52 -0.56
CA ILE D 28 15.26 -25.92 -1.27
C ILE D 28 15.40 -26.32 -2.72
N LYS D 29 14.39 -26.97 -3.28
CA LYS D 29 14.39 -27.34 -4.70
C LYS D 29 13.69 -26.24 -5.48
N ILE D 30 14.48 -25.38 -6.16
CA ILE D 30 13.96 -24.27 -6.95
C ILE D 30 13.17 -24.83 -8.14
N THR D 31 11.97 -24.26 -8.39
CA THR D 31 11.11 -24.70 -9.49
C THR D 31 11.51 -24.00 -10.78
N GLN D 32 10.99 -24.48 -11.90
CA GLN D 32 11.24 -23.88 -13.20
C GLN D 32 10.67 -22.46 -13.26
N GLN D 33 9.46 -22.26 -12.71
CA GLN D 33 8.80 -20.95 -12.73
C GLN D 33 9.67 -19.93 -11.99
N GLU D 34 10.18 -20.30 -10.80
CA GLU D 34 11.08 -19.46 -10.00
C GLU D 34 12.37 -19.13 -10.78
N ARG D 35 12.94 -20.13 -11.46
CA ARG D 35 14.15 -20.04 -12.29
C ARG D 35 13.90 -19.04 -13.45
N ASN D 36 12.69 -19.07 -14.04
CA ASN D 36 12.27 -18.17 -15.12
C ASN D 36 12.13 -16.75 -14.63
N ILE D 37 11.62 -16.56 -13.40
CA ILE D 37 11.49 -15.24 -12.79
C ILE D 37 12.86 -14.63 -12.67
N LEU D 38 13.77 -15.35 -11.99
CA LEU D 38 15.15 -14.93 -11.74
C LEU D 38 15.88 -14.54 -13.03
N SER D 39 15.70 -15.33 -14.08
CA SER D 39 16.31 -15.04 -15.37
C SER D 39 15.81 -13.74 -15.97
N ASN D 40 14.47 -13.53 -16.01
CA ASN D 40 13.86 -12.32 -16.56
C ASN D 40 14.27 -11.09 -15.76
N VAL D 41 14.17 -11.19 -14.43
CA VAL D 41 14.57 -10.15 -13.47
C VAL D 41 16.08 -9.80 -13.65
N GLY D 42 16.90 -10.83 -13.83
CA GLY D 42 18.33 -10.68 -14.07
C GLY D 42 18.58 -9.87 -15.32
N ASN D 43 17.86 -10.20 -16.40
CA ASN D 43 17.95 -9.50 -17.68
C ASN D 43 17.45 -8.06 -17.58
N LEU D 44 16.36 -7.82 -16.81
CA LEU D 44 15.80 -6.49 -16.60
C LEU D 44 16.76 -5.55 -15.89
N LEU D 45 17.40 -6.06 -14.81
CA LEU D 45 18.37 -5.27 -14.05
C LEU D 45 19.64 -4.96 -14.89
N VAL D 46 20.08 -5.90 -15.74
CA VAL D 46 21.22 -5.69 -16.62
C VAL D 46 20.89 -4.50 -17.54
N LYS D 47 19.69 -4.51 -18.18
CA LYS D 47 19.22 -3.44 -19.07
C LYS D 47 19.07 -2.11 -18.33
N ALA D 48 18.46 -2.13 -17.14
CA ALA D 48 18.23 -0.93 -16.34
C ALA D 48 19.49 -0.29 -15.75
N PHE D 49 20.44 -1.10 -15.23
CA PHE D 49 21.60 -0.59 -14.50
C PHE D 49 22.97 -0.89 -15.07
N GLY D 50 23.03 -1.67 -16.14
CA GLY D 50 24.30 -2.02 -16.76
C GLY D 50 25.03 -3.13 -16.02
N ASN D 51 25.41 -2.89 -14.73
CA ASN D 51 26.11 -3.87 -13.89
C ASN D 51 25.71 -3.76 -12.42
N TYR D 52 25.93 -4.84 -11.65
CA TYR D 52 25.53 -4.96 -10.24
C TYR D 52 26.32 -4.06 -9.29
N GLU D 53 27.34 -3.37 -9.78
CA GLU D 53 28.13 -2.45 -8.95
C GLU D 53 27.71 -0.99 -9.17
N ASN D 54 26.64 -0.78 -9.96
CA ASN D 54 26.08 0.53 -10.23
C ASN D 54 25.59 1.13 -8.90
N PRO D 55 26.11 2.32 -8.52
CA PRO D 55 25.70 2.94 -7.24
C PRO D 55 24.21 3.15 -7.06
N ASP D 56 23.46 3.42 -8.16
CA ASP D 56 22.00 3.60 -8.12
C ASP D 56 21.31 2.29 -7.79
N TYR D 57 21.88 1.16 -8.26
CA TYR D 57 21.35 -0.17 -7.98
C TYR D 57 21.61 -0.56 -6.54
N ILE D 58 22.85 -0.40 -6.08
CA ILE D 58 23.27 -0.70 -4.71
C ILE D 58 22.46 0.12 -3.67
N ALA D 59 22.22 1.40 -3.96
CA ALA D 59 21.46 2.30 -3.10
C ALA D 59 19.98 1.90 -2.99
N SER D 60 19.49 1.10 -3.94
CA SER D 60 18.10 0.64 -3.91
C SER D 60 17.98 -0.89 -3.99
N LEU D 61 19.04 -1.61 -3.61
CA LEU D 61 19.11 -3.07 -3.63
C LEU D 61 17.94 -3.77 -2.92
N HIS D 62 17.58 -3.34 -1.71
CA HIS D 62 16.52 -4.00 -0.94
C HIS D 62 15.15 -3.85 -1.59
N LEU D 63 14.95 -2.72 -2.29
CA LEU D 63 13.72 -2.45 -3.01
C LEU D 63 13.59 -3.48 -4.14
N HIS D 64 14.68 -3.69 -4.90
CA HIS D 64 14.68 -4.64 -6.00
C HIS D 64 14.57 -6.08 -5.51
N ALA D 65 15.24 -6.45 -4.41
CA ALA D 65 15.19 -7.82 -3.86
C ALA D 65 13.77 -8.23 -3.43
N PHE D 66 13.10 -7.42 -2.63
CA PHE D 66 11.74 -7.66 -2.13
C PHE D 66 10.69 -7.51 -3.22
N GLN D 67 10.94 -6.72 -4.25
CA GLN D 67 9.93 -6.60 -5.30
C GLN D 67 10.09 -7.57 -6.45
N LEU D 68 11.33 -7.92 -6.79
CA LEU D 68 11.62 -8.76 -7.94
C LEU D 68 11.87 -10.26 -7.69
N LEU D 69 12.35 -10.64 -6.51
CA LEU D 69 12.64 -12.06 -6.29
C LEU D 69 11.41 -12.95 -6.24
N PRO D 70 11.48 -14.25 -6.64
CA PRO D 70 10.34 -15.16 -6.40
C PRO D 70 10.00 -15.14 -4.91
N GLU D 71 8.73 -14.88 -4.58
CA GLU D 71 8.22 -14.72 -3.22
C GLU D 71 8.65 -15.82 -2.23
N ARG D 72 8.75 -17.10 -2.66
CA ARG D 72 9.18 -18.18 -1.78
C ARG D 72 10.65 -17.99 -1.35
N ILE D 73 11.51 -17.52 -2.28
CA ILE D 73 12.91 -17.22 -2.00
C ILE D 73 13.03 -16.08 -0.97
N THR D 74 12.24 -15.01 -1.16
CA THR D 74 12.20 -13.87 -0.26
C THR D 74 11.82 -14.30 1.17
N ARG D 75 10.76 -15.14 1.29
CA ARG D 75 10.29 -15.61 2.59
C ARG D 75 11.37 -16.40 3.29
N ILE D 76 12.05 -17.30 2.54
CA ILE D 76 13.12 -18.17 3.05
C ILE D 76 14.28 -17.34 3.57
N LEU D 77 14.79 -16.42 2.76
CA LEU D 77 15.93 -15.55 3.11
C LEU D 77 15.64 -14.57 4.24
N SER D 78 14.41 -14.00 4.31
CA SER D 78 13.94 -13.09 5.37
C SER D 78 13.90 -13.80 6.72
N GLN D 79 13.33 -15.03 6.76
CA GLN D 79 13.21 -15.90 7.93
C GLN D 79 14.62 -16.23 8.41
N PHE D 80 15.51 -16.59 7.45
CA PHE D 80 16.90 -16.97 7.70
C PHE D 80 17.75 -15.86 8.31
N GLY D 81 17.60 -14.64 7.81
CA GLY D 81 18.37 -13.48 8.24
C GLY D 81 18.35 -13.18 9.72
N SER D 82 17.21 -13.44 10.37
CA SER D 82 17.00 -13.19 11.79
C SER D 82 16.89 -14.47 12.64
N ASP D 83 17.22 -15.65 12.05
CA ASP D 83 17.13 -16.93 12.73
C ASP D 83 18.48 -17.40 13.26
N PHE D 84 18.65 -17.27 14.58
CA PHE D 84 19.87 -17.72 15.25
C PHE D 84 19.48 -18.75 16.31
N SER D 85 18.28 -19.38 16.16
CA SER D 85 17.74 -20.36 17.09
C SER D 85 18.55 -21.67 17.12
N ALA D 86 18.22 -22.53 18.09
CA ALA D 86 18.86 -23.84 18.29
C ALA D 86 18.68 -24.76 17.06
N GLU D 87 17.55 -24.62 16.35
CA GLU D 87 17.21 -25.46 15.19
C GLU D 87 17.85 -25.00 13.88
N GLN D 88 18.40 -23.77 13.83
CA GLN D 88 18.97 -23.22 12.60
C GLN D 88 20.39 -23.72 12.30
N TYR D 89 20.58 -24.41 11.18
CA TYR D 89 21.90 -24.90 10.76
C TYR D 89 22.85 -23.73 10.35
N GLY D 90 22.32 -22.72 9.69
CA GLY D 90 23.11 -21.57 9.25
C GLY D 90 23.51 -21.64 7.79
N ALA D 91 22.94 -22.57 7.04
CA ALA D 91 23.20 -22.73 5.60
C ALA D 91 21.94 -23.24 4.92
N ILE D 92 21.73 -22.80 3.67
CA ILE D 92 20.62 -23.23 2.80
C ILE D 92 21.22 -23.60 1.46
N VAL D 93 20.78 -24.73 0.90
CA VAL D 93 21.15 -25.15 -0.45
C VAL D 93 19.95 -24.83 -1.33
N PHE D 94 20.12 -23.92 -2.30
CA PHE D 94 19.08 -23.63 -3.28
C PHE D 94 19.47 -24.46 -4.52
N GLN D 95 18.86 -25.66 -4.66
CA GLN D 95 19.09 -26.58 -5.78
C GLN D 95 18.49 -26.02 -7.06
N GLY D 96 19.30 -25.92 -8.10
CA GLY D 96 18.89 -25.42 -9.40
C GLY D 96 18.30 -24.03 -9.38
N LEU D 97 18.98 -23.07 -8.73
CA LEU D 97 18.59 -21.68 -8.66
C LEU D 97 18.64 -21.05 -10.05
N ILE D 98 19.67 -21.42 -10.84
CA ILE D 98 19.86 -20.92 -12.22
C ILE D 98 20.16 -22.05 -13.19
N GLU D 99 19.85 -21.81 -14.47
CA GLU D 99 20.22 -22.71 -15.55
C GLU D 99 21.49 -22.13 -16.14
N VAL D 100 22.60 -22.88 -16.06
CA VAL D 100 23.86 -22.41 -16.62
C VAL D 100 23.99 -22.90 -18.05
N ASP D 101 24.13 -21.95 -18.98
CA ASP D 101 24.35 -22.25 -20.40
C ASP D 101 25.86 -22.44 -20.51
N GLN D 102 26.31 -23.70 -20.49
CA GLN D 102 27.73 -24.06 -20.49
C GLN D 102 28.51 -23.55 -21.69
N ASP D 103 27.88 -23.50 -22.89
CA ASP D 103 28.53 -23.02 -24.12
C ASP D 103 28.76 -21.51 -24.09
N ASP D 104 27.78 -20.74 -23.60
CA ASP D 104 27.87 -19.28 -23.48
C ASP D 104 28.94 -18.92 -22.45
N LEU D 105 29.03 -19.71 -21.36
CA LEU D 105 30.02 -19.54 -20.30
C LEU D 105 31.42 -19.82 -20.87
N GLY D 106 31.51 -20.74 -21.84
CA GLY D 106 32.75 -21.16 -22.50
C GLY D 106 33.70 -21.87 -21.55
N PRO D 107 34.95 -22.19 -21.94
CA PRO D 107 35.87 -22.86 -20.98
C PRO D 107 36.21 -21.99 -19.77
N THR D 108 36.51 -22.66 -18.63
CA THR D 108 36.90 -22.02 -17.38
C THR D 108 38.28 -21.35 -17.57
N PRO D 109 38.43 -20.03 -17.25
CA PRO D 109 39.75 -19.38 -17.41
C PRO D 109 40.83 -20.01 -16.56
N PRO D 110 42.15 -19.81 -16.84
CA PRO D 110 43.20 -20.45 -16.01
C PRO D 110 43.13 -20.10 -14.52
N ASN D 111 42.72 -18.86 -14.23
CA ASN D 111 42.63 -18.34 -12.88
C ASN D 111 41.50 -17.29 -12.82
N TRP D 112 41.22 -16.72 -11.63
CA TRP D 112 40.17 -15.72 -11.45
C TRP D 112 40.44 -14.42 -12.21
N GLN D 113 41.73 -14.07 -12.37
CA GLN D 113 42.18 -12.86 -13.07
C GLN D 113 41.72 -12.82 -14.53
N GLY D 114 41.47 -14.00 -15.11
CA GLY D 114 41.02 -14.16 -16.49
C GLY D 114 39.52 -14.32 -16.71
N ALA D 115 38.72 -14.16 -15.64
CA ALA D 115 37.26 -14.24 -15.68
C ALA D 115 36.72 -13.03 -16.46
N ASP D 116 35.75 -13.25 -17.36
CA ASP D 116 35.11 -12.15 -18.10
C ASP D 116 33.82 -11.87 -17.35
N TYR D 117 33.85 -10.88 -16.44
CA TYR D 117 32.70 -10.50 -15.60
C TYR D 117 31.48 -9.96 -16.41
N GLY D 118 31.68 -9.75 -17.70
CA GLY D 118 30.61 -9.39 -18.63
C GLY D 118 29.70 -10.60 -18.83
N LYS D 119 30.30 -11.80 -18.81
CA LYS D 119 29.59 -13.09 -18.94
C LYS D 119 28.96 -13.57 -17.59
N LEU D 120 29.22 -12.86 -16.46
CA LEU D 120 28.75 -13.20 -15.12
C LEU D 120 27.91 -12.07 -14.49
N ASN D 121 27.65 -11.00 -15.25
CA ASN D 121 26.91 -9.80 -14.88
C ASN D 121 25.51 -10.10 -14.35
N LYS D 122 24.72 -10.87 -15.09
CA LYS D 122 23.38 -11.30 -14.72
C LYS D 122 23.43 -12.14 -13.41
N TYR D 123 24.44 -13.01 -13.25
CA TYR D 123 24.63 -13.81 -12.03
C TYR D 123 24.93 -12.95 -10.81
N GLY D 124 25.71 -11.88 -11.00
CA GLY D 124 26.02 -10.88 -9.97
C GLY D 124 24.78 -10.20 -9.47
N PHE D 125 23.85 -9.88 -10.40
CA PHE D 125 22.57 -9.27 -10.05
C PHE D 125 21.75 -10.25 -9.22
N ILE D 126 21.64 -11.51 -9.67
CA ILE D 126 20.85 -12.55 -8.96
C ILE D 126 21.39 -12.74 -7.55
N CYS D 127 22.72 -12.88 -7.40
CA CYS D 127 23.33 -13.07 -6.09
C CYS D 127 23.13 -11.89 -5.15
N SER D 128 23.32 -10.65 -5.66
CA SER D 128 23.09 -9.43 -4.85
C SER D 128 21.66 -9.30 -4.36
N LEU D 129 20.68 -9.75 -5.20
CA LEU D 129 19.26 -9.74 -4.81
C LEU D 129 19.05 -10.69 -3.65
N LEU D 130 19.67 -11.88 -3.65
CA LEU D 130 19.53 -12.84 -2.55
C LEU D 130 20.06 -12.25 -1.23
N HIS D 131 21.21 -11.56 -1.27
CA HIS D 131 21.77 -10.89 -0.09
C HIS D 131 20.83 -9.75 0.33
N GLY D 132 20.32 -9.01 -0.64
CA GLY D 132 19.40 -7.91 -0.44
C GLY D 132 18.12 -8.28 0.30
N ALA D 133 17.67 -9.54 0.18
CA ALA D 133 16.45 -10.03 0.81
C ALA D 133 16.63 -10.50 2.25
N VAL D 134 17.87 -10.63 2.70
CA VAL D 134 18.19 -11.09 4.07
C VAL D 134 17.54 -10.17 5.16
N PRO D 135 17.61 -8.80 5.12
CA PRO D 135 18.38 -7.92 4.20
C PRO D 135 19.84 -7.78 4.63
N SER D 136 20.75 -7.69 3.66
CA SER D 136 22.18 -7.60 3.88
C SER D 136 22.77 -6.91 2.66
N LYS D 137 23.90 -6.21 2.85
CA LYS D 137 24.54 -5.42 1.80
C LYS D 137 25.84 -6.00 1.29
N PRO D 138 25.94 -6.35 -0.01
CA PRO D 138 27.21 -6.86 -0.54
C PRO D 138 28.36 -5.88 -0.30
N VAL D 139 29.51 -6.43 0.11
CA VAL D 139 30.69 -5.65 0.44
C VAL D 139 31.89 -6.30 -0.22
N GLN D 140 33.03 -5.60 -0.19
CA GLN D 140 34.30 -6.15 -0.66
C GLN D 140 35.37 -5.84 0.38
N TYR D 141 36.40 -6.69 0.45
CA TYR D 141 37.49 -6.64 1.41
C TYR D 141 38.80 -6.42 0.73
N TYR D 142 39.63 -5.51 1.25
CA TYR D 142 40.97 -5.31 0.71
C TYR D 142 41.81 -6.58 0.96
N ALA D 143 41.52 -7.29 2.08
CA ALA D 143 42.18 -8.55 2.48
C ALA D 143 41.96 -9.66 1.45
N GLN D 144 40.94 -9.52 0.58
CA GLN D 144 40.63 -10.49 -0.46
C GLN D 144 40.75 -9.86 -1.84
N ARG D 145 41.88 -10.14 -2.51
CA ARG D 145 42.20 -9.66 -3.87
C ARG D 145 42.23 -8.13 -3.98
N LYS D 146 42.55 -7.42 -2.87
CA LYS D 146 42.54 -5.94 -2.80
C LYS D 146 41.13 -5.41 -3.17
N GLY D 147 40.09 -6.13 -2.72
CA GLY D 147 38.70 -5.83 -3.02
C GLY D 147 38.15 -6.84 -4.02
N GLY D 148 38.55 -6.68 -5.27
CA GLY D 148 38.20 -7.58 -6.36
C GLY D 148 36.75 -7.53 -6.82
N GLY D 149 36.02 -6.53 -6.34
CA GLY D 149 34.62 -6.39 -6.71
C GLY D 149 33.73 -7.18 -5.79
N LEU D 150 32.42 -6.97 -5.90
CA LEU D 150 31.40 -7.60 -5.09
C LEU D 150 31.19 -9.10 -5.37
N LEU D 151 31.56 -9.54 -6.59
CA LEU D 151 31.43 -10.92 -7.03
C LEU D 151 32.79 -11.48 -7.41
N HIS D 152 33.16 -12.60 -6.75
CA HIS D 152 34.46 -13.23 -7.01
C HIS D 152 34.26 -14.56 -7.73
N ALA D 153 35.00 -14.77 -8.83
CA ALA D 153 35.04 -16.05 -9.52
C ALA D 153 36.08 -16.88 -8.75
N VAL D 154 35.69 -18.06 -8.26
CA VAL D 154 36.54 -18.97 -7.51
C VAL D 154 36.89 -20.10 -8.47
N ILE D 155 38.14 -20.11 -8.94
CA ILE D 155 38.59 -21.04 -9.97
C ILE D 155 39.91 -21.72 -9.55
N PRO D 156 40.07 -23.05 -9.73
CA PRO D 156 41.38 -23.67 -9.40
C PRO D 156 42.46 -23.22 -10.38
N ASP D 157 43.49 -22.54 -9.85
CA ASP D 157 44.66 -22.06 -10.58
C ASP D 157 45.75 -23.11 -10.44
N GLU D 158 46.36 -23.47 -11.57
CA GLU D 158 47.40 -24.51 -11.71
C GLU D 158 48.69 -24.20 -10.93
N LYS D 159 49.06 -22.90 -10.85
CA LYS D 159 50.23 -22.40 -10.11
C LYS D 159 49.96 -22.31 -8.60
N MET D 160 48.67 -22.43 -8.20
CA MET D 160 48.21 -22.36 -6.80
C MET D 160 47.54 -23.66 -6.36
N ALA D 161 47.70 -24.75 -7.13
CA ALA D 161 47.13 -26.08 -6.92
C ALA D 161 47.30 -26.70 -5.52
N ALA D 162 48.44 -26.45 -4.83
CA ALA D 162 48.77 -26.97 -3.49
C ALA D 162 48.55 -25.97 -2.32
N THR D 163 47.91 -24.81 -2.57
CA THR D 163 47.68 -23.78 -1.55
C THR D 163 46.33 -23.91 -0.81
N GLN D 164 46.28 -23.45 0.46
CA GLN D 164 45.09 -23.44 1.32
C GLN D 164 44.28 -22.13 1.01
N THR D 165 43.85 -21.99 -0.26
CA THR D 165 43.07 -20.87 -0.79
C THR D 165 41.97 -21.41 -1.74
N GLY D 166 41.11 -20.50 -2.25
CA GLY D 166 40.06 -20.80 -3.20
C GLY D 166 40.60 -21.14 -4.59
N SER D 167 41.82 -20.67 -4.90
CA SER D 167 42.55 -20.94 -6.14
C SER D 167 43.27 -22.30 -6.07
N GLY D 168 43.21 -22.95 -4.90
CA GLY D 168 43.77 -24.28 -4.67
C GLY D 168 42.86 -25.38 -5.15
N SER D 169 43.35 -26.65 -5.12
CA SER D 169 42.59 -27.82 -5.56
C SER D 169 43.05 -29.14 -4.95
N LYS D 170 44.34 -29.52 -5.19
CA LYS D 170 45.00 -30.77 -4.77
C LYS D 170 44.98 -31.02 -3.24
N THR D 171 44.87 -29.96 -2.42
CA THR D 171 44.85 -30.08 -0.96
C THR D 171 43.48 -29.71 -0.37
N ASP D 172 43.07 -30.47 0.66
CA ASP D 172 41.81 -30.28 1.40
C ASP D 172 41.75 -28.86 1.95
N LEU D 173 40.62 -28.18 1.75
CA LEU D 173 40.39 -26.86 2.29
C LEU D 173 39.57 -27.10 3.56
N PHE D 174 40.25 -27.11 4.73
CA PHE D 174 39.66 -27.37 6.06
C PHE D 174 38.54 -26.42 6.37
N VAL D 175 37.57 -26.85 7.20
CA VAL D 175 36.43 -26.01 7.58
C VAL D 175 36.90 -24.72 8.27
N HIS D 176 36.31 -23.63 7.80
CA HIS D 176 36.57 -22.31 8.33
C HIS D 176 35.38 -21.41 8.04
N THR D 177 35.20 -20.40 8.89
CA THR D 177 34.26 -19.30 8.66
C THR D 177 35.14 -18.33 7.84
N GLU D 178 34.55 -17.60 6.91
CA GLU D 178 35.30 -16.65 6.08
C GLU D 178 35.90 -15.51 6.93
N ASP D 179 37.18 -15.22 6.69
CA ASP D 179 37.99 -14.18 7.31
C ASP D 179 37.89 -14.16 8.86
N ALA D 180 38.25 -15.28 9.50
CA ALA D 180 38.28 -15.42 10.98
C ALA D 180 39.25 -14.43 11.66
N PHE D 181 40.24 -13.94 10.88
CA PHE D 181 41.25 -12.97 11.31
C PHE D 181 40.71 -11.50 11.31
N LEU D 182 39.50 -11.26 10.77
CA LEU D 182 38.88 -9.91 10.75
C LEU D 182 37.75 -9.79 11.77
N SER D 183 37.69 -8.66 12.49
CA SER D 183 36.62 -8.38 13.46
C SER D 183 35.30 -8.11 12.69
N ASN D 184 35.40 -7.65 11.43
CA ASN D 184 34.25 -7.32 10.57
C ASN D 184 34.13 -8.27 9.37
N GLN D 185 34.28 -9.57 9.63
CA GLN D 185 34.16 -10.64 8.64
C GLN D 185 32.73 -10.60 8.06
N ALA D 186 32.52 -11.19 6.88
CA ALA D 186 31.18 -11.23 6.25
C ALA D 186 30.13 -11.80 7.20
N ASP D 187 28.90 -11.30 7.11
CA ASP D 187 27.77 -11.80 7.89
C ASP D 187 27.17 -12.96 7.11
N PHE D 188 27.04 -12.79 5.77
CA PHE D 188 26.44 -13.76 4.87
C PHE D 188 27.30 -13.98 3.66
N LEU D 189 27.30 -15.23 3.19
CA LEU D 189 28.03 -15.66 2.01
C LEU D 189 27.12 -16.40 1.09
N SER D 190 27.37 -16.27 -0.21
CA SER D 190 26.69 -17.06 -1.22
C SER D 190 27.77 -17.70 -2.10
N PHE D 191 27.60 -18.98 -2.43
CA PHE D 191 28.47 -19.72 -3.30
C PHE D 191 27.61 -20.27 -4.43
N LEU D 192 27.73 -19.68 -5.63
CA LEU D 192 26.98 -20.11 -6.81
C LEU D 192 27.86 -21.00 -7.66
N TYR D 193 27.48 -22.28 -7.83
CA TYR D 193 28.24 -23.24 -8.63
C TYR D 193 27.86 -23.18 -10.09
N LEU D 194 28.81 -22.80 -10.92
CA LEU D 194 28.59 -22.72 -12.36
C LEU D 194 28.94 -24.06 -13.00
N ARG D 195 29.96 -24.73 -12.44
CA ARG D 195 30.52 -26.00 -12.88
C ARG D 195 31.11 -26.76 -11.69
N ASN D 196 30.81 -28.07 -11.58
CA ASN D 196 31.38 -28.97 -10.57
C ASN D 196 31.43 -30.38 -11.16
N GLU D 197 32.06 -30.50 -12.34
CA GLU D 197 32.16 -31.77 -13.07
C GLU D 197 33.13 -32.77 -12.38
N GLU D 198 34.03 -32.27 -11.51
CA GLU D 198 34.96 -33.09 -10.72
C GLU D 198 34.18 -33.76 -9.56
N ARG D 199 32.90 -33.34 -9.34
CA ARG D 199 31.98 -33.82 -8.30
C ARG D 199 32.55 -33.63 -6.89
N VAL D 200 33.14 -32.45 -6.66
CA VAL D 200 33.73 -32.02 -5.39
C VAL D 200 32.60 -31.79 -4.38
N PRO D 201 32.66 -32.45 -3.19
CA PRO D 201 31.62 -32.22 -2.20
C PRO D 201 31.80 -30.88 -1.50
N SER D 202 30.67 -30.28 -1.14
CA SER D 202 30.67 -29.04 -0.36
C SER D 202 30.70 -29.50 1.08
N THR D 203 31.60 -28.91 1.88
CA THR D 203 31.68 -29.34 3.27
C THR D 203 31.24 -28.18 4.14
N LEU D 204 30.33 -28.47 5.06
CA LEU D 204 29.75 -27.49 5.96
C LEU D 204 29.85 -27.96 7.39
N TYR D 205 30.05 -27.02 8.30
CA TYR D 205 30.10 -27.33 9.73
C TYR D 205 29.35 -26.23 10.49
N SER D 206 28.32 -26.60 11.23
CA SER D 206 27.52 -25.66 12.02
C SER D 206 27.81 -25.79 13.51
N ILE D 207 27.96 -24.64 14.19
CA ILE D 207 28.12 -24.57 15.65
C ILE D 207 26.84 -25.14 16.34
N ARG D 208 25.69 -25.07 15.64
CA ARG D 208 24.41 -25.57 16.13
C ARG D 208 24.33 -27.11 16.14
N SER D 209 25.23 -27.80 15.37
CA SER D 209 25.29 -29.27 15.33
C SER D 209 25.77 -29.85 16.69
N HIS D 210 26.34 -29.01 17.57
CA HIS D 210 26.81 -29.38 18.91
C HIS D 210 25.66 -29.52 19.90
N GLY D 211 24.54 -28.87 19.62
CA GLY D 211 23.39 -28.88 20.52
C GLY D 211 23.62 -27.90 21.66
N LYS D 212 23.19 -28.28 22.86
CA LYS D 212 23.28 -27.46 24.07
C LYS D 212 24.70 -27.04 24.36
N MET D 213 24.87 -25.78 24.80
CA MET D 213 26.16 -25.25 25.22
C MET D 213 26.75 -26.22 26.24
N ASN D 214 28.05 -26.54 26.11
CA ASN D 214 28.74 -27.51 26.98
C ASN D 214 30.10 -26.93 27.47
N PRO D 215 30.82 -27.60 28.42
CA PRO D 215 32.09 -27.05 28.94
C PRO D 215 33.20 -26.87 27.93
N VAL D 216 33.25 -27.70 26.88
CA VAL D 216 34.27 -27.61 25.83
C VAL D 216 34.04 -26.32 25.05
N MET D 217 32.79 -26.05 24.66
CA MET D 217 32.41 -24.82 23.95
C MET D 217 32.56 -23.56 24.81
N LYS D 218 32.22 -23.60 26.13
CA LYS D 218 32.33 -22.44 27.04
C LYS D 218 33.72 -21.80 27.07
N LYS D 219 34.78 -22.61 27.03
CA LYS D 219 36.18 -22.14 27.04
C LYS D 219 36.51 -21.29 25.80
N LEU D 220 35.74 -21.47 24.70
CA LEU D 220 35.95 -20.74 23.45
C LEU D 220 35.49 -19.28 23.49
N PHE D 221 34.73 -18.89 24.55
CA PHE D 221 34.28 -17.50 24.76
C PHE D 221 35.42 -16.63 25.28
N GLU D 222 36.50 -17.25 25.80
CA GLU D 222 37.67 -16.54 26.33
C GLU D 222 38.45 -15.88 25.19
N PRO D 223 38.77 -14.57 25.26
CA PRO D 223 39.49 -13.92 24.13
C PRO D 223 41.01 -14.21 24.18
N ILE D 224 41.37 -15.51 24.18
CA ILE D 224 42.75 -15.99 24.33
C ILE D 224 43.33 -16.69 23.08
N TYR D 225 42.57 -16.69 21.98
CA TYR D 225 42.95 -17.42 20.77
C TYR D 225 43.56 -16.56 19.68
N GLN D 226 44.58 -17.10 19.03
CA GLN D 226 45.20 -16.46 17.88
C GLN D 226 44.32 -16.71 16.67
N CYS D 227 44.06 -15.68 15.86
CA CYS D 227 43.30 -15.77 14.61
C CYS D 227 44.28 -15.30 13.53
N PRO D 228 45.26 -16.15 13.10
CA PRO D 228 46.28 -15.65 12.16
C PRO D 228 45.73 -15.17 10.81
N LYS D 229 46.19 -13.96 10.40
CA LYS D 229 45.82 -13.30 9.13
C LYS D 229 46.38 -14.03 7.91
N ASP D 230 47.57 -14.66 8.09
CA ASP D 230 48.37 -15.39 7.08
C ASP D 230 48.78 -16.78 7.60
N ALA D 231 49.71 -17.46 6.89
CA ALA D 231 50.24 -18.78 7.26
C ALA D 231 51.73 -18.69 7.57
N ASN D 240 56.29 -7.91 18.93
CA ASN D 240 55.97 -9.20 19.54
C ASN D 240 54.66 -9.83 18.95
N SER D 241 54.00 -10.74 19.71
CA SER D 241 52.79 -11.49 19.31
C SER D 241 51.54 -10.63 19.00
N GLY D 242 50.74 -11.13 18.05
CA GLY D 242 49.49 -10.55 17.56
C GLY D 242 48.32 -10.54 18.52
N PRO D 243 47.25 -9.79 18.18
CA PRO D 243 46.07 -9.75 19.07
C PRO D 243 45.28 -11.06 19.04
N THR D 244 44.63 -11.36 20.18
CA THR D 244 43.84 -12.57 20.37
C THR D 244 42.36 -12.25 20.36
N ALA D 245 41.53 -13.25 20.03
CA ALA D 245 40.08 -13.10 20.03
C ALA D 245 39.40 -14.37 20.56
N SER D 246 38.08 -14.30 20.73
CA SER D 246 37.22 -15.39 21.17
C SER D 246 36.84 -16.21 19.96
N VAL D 247 36.74 -17.53 20.11
CA VAL D 247 36.28 -18.37 19.00
C VAL D 247 34.74 -18.29 18.99
N LEU D 248 34.12 -18.30 20.17
CA LEU D 248 32.67 -18.16 20.31
C LEU D 248 32.33 -16.79 20.87
N TYR D 249 31.22 -16.21 20.43
CA TYR D 249 30.78 -14.89 20.88
C TYR D 249 29.24 -14.79 20.66
N GLY D 250 28.67 -13.62 20.91
CA GLY D 250 27.23 -13.44 20.76
C GLY D 250 26.51 -13.99 21.97
N ASN D 251 25.38 -14.70 21.76
CA ASN D 251 24.63 -15.23 22.89
C ASN D 251 25.38 -16.39 23.56
N ARG D 252 25.37 -16.40 24.89
CA ARG D 252 26.06 -17.39 25.73
C ARG D 252 25.53 -18.82 25.57
N GLU D 253 24.24 -18.98 25.29
CA GLU D 253 23.59 -20.28 25.09
C GLU D 253 23.61 -20.74 23.64
N LEU D 254 23.38 -19.83 22.68
CA LEU D 254 23.30 -20.08 21.23
C LEU D 254 24.32 -19.15 20.56
N PRO D 255 25.60 -19.51 20.60
CA PRO D 255 26.64 -18.57 20.13
C PRO D 255 26.88 -18.47 18.64
N PHE D 256 27.72 -17.50 18.28
CA PHE D 256 28.27 -17.30 16.95
C PHE D 256 29.71 -17.78 17.00
N ILE D 257 30.31 -18.07 15.84
CA ILE D 257 31.65 -18.63 15.73
C ILE D 257 32.52 -17.93 14.69
N ARG D 258 33.83 -17.83 15.00
CA ARG D 258 34.91 -17.41 14.11
C ARG D 258 35.96 -18.52 14.30
N PHE D 259 36.17 -19.32 13.25
CA PHE D 259 37.03 -20.48 13.36
C PHE D 259 37.67 -20.86 12.05
N ASP D 260 38.95 -21.22 12.12
CA ASP D 260 39.73 -21.69 10.98
C ASP D 260 40.63 -22.80 11.48
N ALA D 261 40.20 -24.06 11.31
CA ALA D 261 40.96 -25.25 11.75
C ALA D 261 42.41 -25.27 11.25
N ALA D 262 42.62 -25.05 9.92
CA ALA D 262 43.97 -25.04 9.30
C ALA D 262 44.85 -23.96 9.88
N GLU D 263 44.33 -22.74 10.03
CA GLU D 263 45.06 -21.58 10.51
C GLU D 263 45.27 -21.53 12.02
N GLN D 264 44.25 -21.88 12.82
CA GLN D 264 44.33 -21.81 14.28
C GLN D 264 44.83 -23.07 14.97
N ILE D 265 44.62 -24.26 14.36
CA ILE D 265 45.02 -25.53 14.98
C ILE D 265 46.20 -26.20 14.25
N PHE D 266 45.98 -26.62 12.98
CA PHE D 266 46.94 -27.33 12.15
C PHE D 266 47.94 -26.40 11.45
N ASN D 267 48.63 -25.57 12.25
CA ASN D 267 49.59 -24.57 11.80
C ASN D 267 50.60 -24.40 12.92
N GLU D 268 51.84 -24.83 12.67
CA GLU D 268 52.93 -24.75 13.65
C GLU D 268 53.20 -23.31 14.05
N ASN D 269 53.05 -22.36 13.10
CA ASN D 269 53.28 -20.93 13.32
C ASN D 269 52.06 -20.17 13.83
N ALA D 270 51.00 -20.88 14.32
CA ALA D 270 49.78 -20.23 14.85
C ALA D 270 50.08 -19.43 16.12
N GLY D 271 51.06 -19.87 16.91
CA GLY D 271 51.51 -19.22 18.13
C GLY D 271 50.50 -19.26 19.27
N GLN D 272 49.76 -20.36 19.37
CA GLN D 272 48.76 -20.52 20.43
C GLN D 272 49.43 -20.85 21.74
N THR D 273 48.83 -20.39 22.86
CA THR D 273 49.31 -20.74 24.20
C THR D 273 48.94 -22.21 24.41
N SER D 274 49.61 -22.90 25.35
CA SER D 274 49.35 -24.30 25.68
C SER D 274 47.85 -24.49 26.05
N GLU D 275 47.29 -23.58 26.86
CA GLU D 275 45.90 -23.58 27.29
C GLU D 275 44.97 -23.41 26.09
N ALA D 276 45.22 -22.41 25.22
CA ALA D 276 44.38 -22.12 24.04
C ALA D 276 44.39 -23.29 23.06
N LEU D 277 45.57 -23.87 22.77
CA LEU D 277 45.68 -25.01 21.87
C LEU D 277 44.93 -26.22 22.40
N GLY D 278 45.07 -26.50 23.72
CA GLY D 278 44.35 -27.58 24.39
C GLY D 278 42.84 -27.44 24.23
N ASN D 279 42.31 -26.20 24.43
CA ASN D 279 40.89 -25.88 24.31
C ASN D 279 40.40 -26.09 22.88
N LEU D 280 41.22 -25.66 21.88
CA LEU D 280 40.92 -25.79 20.45
C LEU D 280 40.94 -27.24 20.04
N MET D 281 41.87 -28.02 20.59
CA MET D 281 41.98 -29.45 20.30
C MET D 281 40.76 -30.21 20.83
N ASP D 282 40.32 -29.89 22.07
CA ASP D 282 39.15 -30.51 22.70
C ASP D 282 37.90 -30.17 21.89
N PHE D 283 37.83 -28.93 21.38
CA PHE D 283 36.74 -28.43 20.54
C PHE D 283 36.73 -29.21 19.20
N TRP D 284 37.91 -29.31 18.54
CA TRP D 284 38.06 -30.03 17.29
C TRP D 284 37.68 -31.51 17.42
N ASP D 285 37.94 -32.12 18.60
CA ASP D 285 37.54 -33.50 18.90
C ASP D 285 36.04 -33.68 18.76
N GLU D 286 35.25 -32.65 19.13
CA GLU D 286 33.78 -32.62 19.03
C GLU D 286 33.37 -32.22 17.62
N ALA D 287 33.90 -31.09 17.11
CA ALA D 287 33.58 -30.50 15.81
C ALA D 287 33.80 -31.43 14.60
N LYS D 288 34.97 -32.12 14.53
CA LYS D 288 35.36 -33.00 13.43
C LYS D 288 34.34 -34.11 13.09
N THR D 289 33.55 -34.55 14.08
CA THR D 289 32.55 -35.62 13.92
C THR D 289 31.22 -35.05 13.38
N LEU D 290 31.10 -33.73 13.38
CA LEU D 290 29.89 -33.01 12.98
C LEU D 290 29.95 -32.38 11.57
N ILE D 291 31.14 -32.44 10.91
CA ILE D 291 31.33 -31.90 9.56
C ILE D 291 30.43 -32.69 8.57
N ASN D 292 29.70 -31.97 7.73
CA ASN D 292 28.81 -32.56 6.73
C ASN D 292 29.34 -32.30 5.32
N SER D 293 29.69 -33.39 4.63
CA SER D 293 30.23 -33.40 3.26
C SER D 293 29.31 -34.21 2.32
N ASP D 294 28.04 -34.39 2.72
CA ASP D 294 27.04 -35.15 1.95
C ASP D 294 26.62 -34.47 0.66
N TYR D 295 26.52 -33.15 0.65
CA TYR D 295 26.07 -32.47 -0.55
C TYR D 295 27.16 -32.24 -1.60
N ILE D 296 26.90 -32.73 -2.82
CA ILE D 296 27.76 -32.51 -4.00
C ILE D 296 27.01 -31.55 -4.92
N PRO D 297 27.41 -30.26 -4.96
CA PRO D 297 26.70 -29.29 -5.81
C PRO D 297 26.71 -29.58 -7.29
N ASN D 298 25.59 -29.27 -7.95
CA ASN D 298 25.46 -29.36 -9.40
C ASN D 298 25.46 -27.95 -9.96
N SER D 299 25.69 -27.85 -11.26
CA SER D 299 25.68 -26.59 -12.00
C SER D 299 24.33 -25.89 -11.76
N GLY D 300 24.37 -24.65 -11.27
CA GLY D 300 23.18 -23.87 -10.99
C GLY D 300 22.71 -23.88 -9.55
N ASP D 301 23.39 -24.66 -8.66
CA ASP D 301 23.08 -24.67 -7.24
C ASP D 301 23.76 -23.49 -6.57
N LEU D 302 23.12 -22.97 -5.53
CA LEU D 302 23.68 -21.89 -4.73
C LEU D 302 23.59 -22.27 -3.26
N ILE D 303 24.71 -22.16 -2.55
CA ILE D 303 24.74 -22.38 -1.10
C ILE D 303 24.80 -21.00 -0.43
N PHE D 304 23.80 -20.71 0.42
CA PHE D 304 23.67 -19.45 1.16
C PHE D 304 23.99 -19.73 2.63
N VAL D 305 24.96 -18.98 3.18
CA VAL D 305 25.53 -19.25 4.51
C VAL D 305 25.51 -18.03 5.43
N ASN D 306 25.14 -18.27 6.70
CA ASN D 306 25.27 -17.32 7.79
C ASN D 306 26.69 -17.62 8.29
N ASN D 307 27.63 -16.72 7.96
CA ASN D 307 29.04 -16.84 8.31
C ASN D 307 29.35 -16.77 9.83
N HIS D 308 28.33 -16.51 10.65
CA HIS D 308 28.48 -16.47 12.12
C HIS D 308 27.99 -17.80 12.71
N LEU D 309 27.36 -18.66 11.90
CA LEU D 309 26.86 -19.96 12.38
C LEU D 309 27.53 -21.17 11.75
N CYS D 310 27.90 -21.04 10.48
CA CYS D 310 28.32 -22.15 9.68
C CYS D 310 29.64 -21.90 8.97
N ALA D 311 30.59 -22.84 9.13
CA ALA D 311 31.90 -22.85 8.50
C ALA D 311 31.78 -23.66 7.22
N HIS D 312 32.67 -23.41 6.29
CA HIS D 312 32.70 -24.14 5.04
C HIS D 312 34.11 -24.63 4.71
N GLY D 313 34.16 -25.59 3.80
CA GLY D 313 35.40 -26.14 3.27
C GLY D 313 35.15 -26.72 1.88
N ARG D 314 36.19 -27.33 1.29
CA ARG D 314 36.10 -28.12 0.05
C ARG D 314 37.18 -29.20 0.07
N SER D 315 36.73 -30.45 -0.21
CA SER D 315 37.61 -31.62 -0.29
C SER D 315 38.66 -31.44 -1.39
N ALA D 316 39.73 -32.24 -1.33
CA ALA D 316 40.79 -32.21 -2.34
C ALA D 316 40.25 -32.78 -3.65
N PHE D 317 40.74 -32.24 -4.77
CA PHE D 317 40.34 -32.68 -6.10
C PHE D 317 41.39 -32.32 -7.13
N ILE D 318 41.33 -33.01 -8.26
CA ILE D 318 42.21 -32.72 -9.38
C ILE D 318 41.31 -31.95 -10.33
N ALA D 319 41.65 -30.67 -10.58
CA ALA D 319 40.89 -29.80 -11.47
C ALA D 319 40.84 -30.33 -12.89
N GLY D 320 39.66 -30.30 -13.48
CA GLY D 320 39.44 -30.75 -14.85
C GLY D 320 39.35 -32.26 -15.04
N GLN D 321 39.01 -33.02 -13.97
CA GLN D 321 38.85 -34.47 -14.08
C GLN D 321 37.90 -35.03 -13.00
N ARG D 322 36.99 -35.89 -13.46
CA ARG D 322 35.95 -36.59 -12.71
C ARG D 322 36.48 -37.98 -12.27
N CYS D 331 37.36 -33.21 -17.90
CA CYS D 331 36.18 -32.36 -17.85
C CYS D 331 36.54 -30.87 -17.73
N GLU D 332 35.53 -29.98 -17.85
CA GLU D 332 35.76 -28.55 -17.68
C GLU D 332 36.02 -28.31 -16.20
N ARG D 333 36.95 -27.41 -15.88
CA ARG D 333 37.34 -27.11 -14.52
C ARG D 333 36.25 -26.42 -13.71
N ARG D 334 36.21 -26.74 -12.40
CA ARG D 334 35.35 -26.21 -11.36
C ARG D 334 35.29 -24.67 -11.44
N GLN D 335 34.09 -24.11 -11.31
CA GLN D 335 33.87 -22.67 -11.36
C GLN D 335 32.72 -22.34 -10.44
N MET D 336 33.00 -21.51 -9.43
CA MET D 336 32.03 -21.07 -8.44
C MET D 336 32.13 -19.55 -8.25
N LEU D 337 31.01 -18.87 -7.96
CA LEU D 337 30.96 -17.43 -7.72
C LEU D 337 30.66 -17.13 -6.27
N ARG D 338 31.50 -16.32 -5.61
CA ARG D 338 31.36 -15.92 -4.20
C ARG D 338 30.99 -14.46 -4.03
N MET D 339 29.98 -14.21 -3.20
CA MET D 339 29.55 -12.89 -2.82
C MET D 339 29.42 -12.85 -1.29
N MET D 340 29.90 -11.76 -0.69
CA MET D 340 29.87 -11.53 0.76
C MET D 340 29.09 -10.28 1.10
N SER D 341 28.36 -10.31 2.22
CA SER D 341 27.57 -9.16 2.64
C SER D 341 27.62 -8.89 4.13
N LYS D 342 27.24 -7.64 4.50
CA LYS D 342 27.17 -7.14 5.88
C LYS D 342 25.81 -6.53 6.07
N THR D 343 25.15 -6.86 7.20
CA THR D 343 23.81 -6.35 7.53
C THR D 343 23.82 -4.89 7.98
N SER D 344 25.00 -4.38 8.42
CA SER D 344 25.14 -3.01 8.87
C SER D 344 26.35 -2.29 8.33
N LEU D 345 26.13 -1.18 7.61
CA LEU D 345 27.23 -0.32 7.16
C LEU D 345 27.73 0.58 8.31
N ILE D 346 26.91 0.77 9.36
CA ILE D 346 27.23 1.60 10.52
C ILE D 346 28.35 1.00 11.35
N HIS D 347 28.19 -0.24 11.81
CA HIS D 347 29.13 -0.92 12.70
C HIS D 347 30.52 -1.18 12.08
N ILE D 348 30.63 -1.24 10.75
CA ILE D 348 31.90 -1.40 10.03
C ILE D 348 32.50 -0.05 9.58
N ARG D 349 31.81 1.08 9.86
CA ARG D 349 32.24 2.39 9.36
C ARG D 349 33.68 2.80 9.75
N SER D 350 34.19 2.36 10.91
CA SER D 350 35.58 2.69 11.27
C SER D 350 36.65 1.96 10.41
N VAL D 351 36.27 0.91 9.67
CA VAL D 351 37.22 0.14 8.83
C VAL D 351 36.93 0.28 7.32
N THR D 352 35.90 1.05 6.90
CA THR D 352 35.59 1.22 5.47
C THR D 352 36.22 2.48 4.88
N ARG D 353 36.38 2.51 3.55
CA ARG D 353 36.92 3.66 2.82
C ARG D 353 35.99 4.85 3.03
N THR D 354 36.57 6.06 3.21
CA THR D 354 35.82 7.30 3.41
C THR D 354 34.77 7.50 2.31
N ASP D 355 35.19 7.29 1.06
CA ASP D 355 34.43 7.45 -0.18
C ASP D 355 33.56 6.22 -0.53
N ASP D 356 33.78 5.08 0.16
CA ASP D 356 33.05 3.84 -0.11
C ASP D 356 32.74 3.05 1.17
N PRO D 357 31.56 3.27 1.78
CA PRO D 357 31.22 2.53 3.01
C PRO D 357 30.96 1.02 2.82
N TYR D 358 31.13 0.49 1.59
CA TYR D 358 30.97 -0.94 1.28
C TYR D 358 32.33 -1.62 1.09
N PHE D 359 33.43 -0.85 1.22
CA PHE D 359 34.77 -1.35 0.99
C PHE D 359 35.55 -1.41 2.31
N ILE D 360 35.70 -2.61 2.84
CA ILE D 360 36.38 -2.89 4.11
C ILE D 360 37.91 -2.97 3.95
N MET D 361 38.61 -2.10 4.68
CA MET D 361 40.06 -1.89 4.69
C MET D 361 40.74 -2.55 5.88
N GLU D 362 39.96 -3.32 6.67
CA GLU D 362 40.48 -4.01 7.86
C GLU D 362 41.48 -5.11 7.42
N GLU D 363 42.62 -5.18 8.11
CA GLU D 363 43.70 -6.14 7.87
C GLU D 363 43.70 -7.30 8.86
N HIS D 364 43.61 -6.99 10.17
CA HIS D 364 43.67 -8.03 11.21
C HIS D 364 43.09 -7.53 12.52
N LEU D 365 42.03 -8.19 13.02
CA LEU D 365 41.32 -7.93 14.28
C LEU D 365 41.34 -6.46 14.75
N GLY D 366 40.85 -5.56 13.92
CA GLY D 366 40.78 -4.14 14.22
C GLY D 366 41.79 -3.28 13.49
N LYS D 367 42.99 -3.84 13.23
CA LYS D 367 44.04 -3.11 12.51
C LYS D 367 43.62 -2.95 11.05
N ILE D 368 43.84 -1.77 10.50
CA ILE D 368 43.55 -1.38 9.13
C ILE D 368 44.84 -1.47 8.30
N PHE D 369 44.71 -1.82 7.01
CA PHE D 369 45.86 -1.87 6.10
C PHE D 369 46.47 -0.48 6.03
N ASP D 370 47.74 -0.34 6.42
CA ASP D 370 48.40 0.97 6.32
C ASP D 370 49.10 0.93 4.98
N LEU D 371 48.47 1.54 3.98
CA LEU D 371 48.97 1.54 2.61
C LEU D 371 49.99 2.65 2.34
N ASP D 372 49.64 3.93 2.61
CA ASP D 372 50.50 5.11 2.42
C ASP D 372 51.81 5.01 3.22
CL CL E . -32.78 22.15 -6.05
RE RE F . -34.48 19.98 -6.14
S SO4 G . -32.84 25.92 -10.83
O1 SO4 G . -32.37 25.51 -12.19
O2 SO4 G . -33.28 24.76 -10.02
O3 SO4 G . -31.76 26.59 -10.12
O4 SO4 G . -33.96 26.86 -11.05
S SO4 H . -32.10 21.82 0.29
O1 SO4 H . -30.84 21.21 -0.11
O2 SO4 H . -32.60 21.16 1.50
O3 SO4 H . -31.90 23.26 0.56
O4 SO4 H . -33.05 21.70 -0.82
CL CL I . -17.93 -19.73 -20.55
RE RE J . -19.70 -17.65 -20.98
CL CL K . 13.23 12.07 24.55
RE RE L . 15.79 11.59 23.64
CL CL M . 36.93 -20.37 -0.23
RE RE N . 36.37 -19.78 2.42
C1 GOL O . 38.05 -31.89 4.74
O1 GOL O . 37.29 -31.06 3.87
C2 GOL O . 37.81 -31.58 6.20
O2 GOL O . 38.51 -32.53 7.03
C3 GOL O . 38.30 -30.19 6.53
O3 GOL O . 38.21 -29.89 7.92
S SO4 P . 40.66 -16.94 -3.69
O1 SO4 P . 42.00 -17.46 -4.03
O2 SO4 P . 40.30 -17.27 -2.31
O3 SO4 P . 40.69 -15.48 -3.82
O4 SO4 P . 39.68 -17.51 -4.61
#